data_3QLB
#
_entry.id   3QLB
#
_cell.length_a   155.070
_cell.length_b   170.830
_cell.length_c   232.620
_cell.angle_alpha   90.00
_cell.angle_beta   90.00
_cell.angle_gamma   90.00
#
_symmetry.space_group_name_H-M   'C 2 2 21'
#
loop_
_entity.id
_entity.type
_entity.pdbx_description
1 polymer 'Enantio-pyochelin receptor'
2 non-polymer 'SULFATE ION'
3 non-polymer 'CITRIC ACID'
4 non-polymer 'ENANTIO-PYOCHELIN FE(III)'
#
_entity_poly.entity_id   1
_entity_poly.type   'polypeptide(L)'
_entity_poly.pdbx_seq_one_letter_code
;MGSRVAHRNTSGCPVNCVVSRPALGRNPLACLIHGLALGLSLTQAGAALAADGDTDQDHALTLDTSVISATQPDSATGPQ
AGYVAKRSLSGTKTDASLSEIPQSISVITRDQMDAQQVQSVNEALRYTAGVQANTTAASQRFDTLSIRGFDVTTGMLRDG
LKGNTAQAWPKVEAYGLERIDVLKGPASVLFGQNSPGGVVNQISKRPLDKPFHEVQIQGGSFDRAQGQFDFSGPLDDEGQ
FLYRLVGLERDSGTQFDHIKDDKQYFAPSFTWKPNDDTSLTLLADYTQDTFGAPRVFLPAQGTLLGNPNGKVRHNVFLDE
PGLDNDRTQYSLGYLLEHRLNDVWSLNSSARYGHVNLLTNTASGMSLAPDLRTLNRAAYRFRIVGDTYSLDNNAQARWNL
GSTQMVSLLGIDYRRTREDYYLRGGSASPIDIYNPVHHHHHHGGVFDPSTPFTNTVQRADQVGVYAQQQFTFDEHWVLTV
GGRQDRSSARTDNRMNDSGSKQDDEKFTYRTGLVYLADNGLAPYISYSTSFDPVLGTNFYGTPYKPTSAKQSEVGVKYQP
PGIDSYITLSLFDLTQENVLTTDPAQRLNKIQTGEINVRGIELEGKASLARGLDLLAALTYNDAEVSKSNNPLEKGKRPT
DTPEKMASLWADYTLPEGPLSGLGFGAGVRYIGSTEADAANTQRVPSYTLLDAAVHYDFDKLIPAAKGLRLAVNATNLTD
KHYYEGCSLTNCSAGYDRSVIASLRYRW
;
_entity_poly.pdbx_strand_id   A,B
#
# COMPACT_ATOMS: atom_id res chain seq x y z
N PRO A 73 -6.58 9.94 34.85
CA PRO A 73 -6.53 10.55 33.51
C PRO A 73 -7.13 11.99 33.37
N ASP A 74 -6.69 12.72 32.31
CA ASP A 74 -7.29 13.99 31.87
C ASP A 74 -8.33 13.57 30.85
N SER A 75 -9.22 14.48 30.48
CA SER A 75 -10.25 14.15 29.50
C SER A 75 -9.68 14.36 28.11
N ALA A 76 -10.12 13.54 27.15
CA ALA A 76 -9.78 13.76 25.73
C ALA A 76 -10.68 14.81 25.10
N THR A 77 -11.69 15.25 25.85
CA THR A 77 -12.79 16.10 25.41
C THR A 77 -13.00 17.26 26.34
N GLY A 78 -13.13 16.94 27.63
CA GLY A 78 -13.50 17.90 28.66
C GLY A 78 -12.47 18.98 28.85
N PRO A 79 -12.78 20.00 29.67
CA PRO A 79 -11.96 21.18 29.89
C PRO A 79 -10.61 20.81 30.49
N GLN A 80 -9.65 21.75 30.47
CA GLN A 80 -8.38 21.61 31.17
C GLN A 80 -7.61 22.91 31.26
N ALA A 81 -6.91 23.06 32.38
CA ALA A 81 -5.97 24.14 32.58
C ALA A 81 -4.69 23.80 31.83
N GLY A 82 -3.94 24.83 31.43
CA GLY A 82 -2.67 24.66 30.74
C GLY A 82 -2.84 24.77 29.25
N TYR A 83 -1.71 24.81 28.54
CA TYR A 83 -1.66 24.84 27.07
C TYR A 83 -1.44 23.43 26.51
N VAL A 84 -1.17 22.49 27.38
CA VAL A 84 -0.66 21.20 26.96
C VAL A 84 -1.72 20.12 27.12
N ALA A 85 -2.36 19.71 26.03
CA ALA A 85 -3.33 18.63 26.08
C ALA A 85 -2.59 17.32 26.05
N LYS A 86 -3.11 16.30 26.73
CA LYS A 86 -2.36 15.06 26.77
C LYS A 86 -2.98 13.95 25.93
N ARG A 87 -4.27 14.06 25.64
CA ARG A 87 -4.94 13.05 24.82
C ARG A 87 -6.09 13.54 23.94
N SER A 88 -6.42 12.78 22.92
CA SER A 88 -7.48 13.15 21.99
C SER A 88 -8.21 11.94 21.40
N LEU A 89 -9.52 12.07 21.21
CA LEU A 89 -10.17 11.03 20.41
C LEU A 89 -10.07 11.28 18.90
N SER A 90 -9.62 12.47 18.49
CA SER A 90 -9.57 12.84 17.07
C SER A 90 -8.68 12.01 16.12
N GLY A 91 -7.64 11.35 16.66
CA GLY A 91 -6.62 10.70 15.80
C GLY A 91 -6.77 9.21 15.59
N THR A 92 -7.90 8.67 16.03
CA THR A 92 -7.99 7.25 16.36
C THR A 92 -9.45 6.82 16.65
N LYS A 93 -10.35 7.78 16.84
CA LYS A 93 -11.77 7.52 17.14
C LYS A 93 -12.00 6.79 18.48
N THR A 94 -10.94 6.85 19.29
CA THR A 94 -10.85 6.25 20.62
C THR A 94 -9.97 7.12 21.54
N ASP A 95 -10.10 6.92 22.86
CA ASP A 95 -9.35 7.71 23.86
C ASP A 95 -7.86 7.30 23.80
N ALA A 96 -7.01 8.26 23.43
CA ALA A 96 -5.63 7.95 23.07
C ALA A 96 -4.67 9.03 23.53
N SER A 97 -3.57 8.67 24.19
CA SER A 97 -2.53 9.71 24.48
C SER A 97 -1.94 10.20 23.16
N LEU A 98 -1.47 11.44 23.13
CA LEU A 98 -0.94 11.97 21.86
C LEU A 98 0.20 11.15 21.25
N SER A 99 1.02 10.56 22.10
CA SER A 99 2.15 9.75 21.60
C SER A 99 1.66 8.47 20.93
N GLU A 100 0.59 7.88 21.48
CA GLU A 100 -0.04 6.72 20.90
C GLU A 100 -0.52 6.89 19.45
N ILE A 101 -0.78 8.13 19.03
CA ILE A 101 -1.33 8.36 17.70
C ILE A 101 -0.26 8.38 16.62
N PRO A 102 -0.30 7.44 15.65
CA PRO A 102 0.75 7.31 14.62
C PRO A 102 0.86 8.43 13.56
N GLN A 103 -0.10 9.37 13.52
CA GLN A 103 0.00 10.58 12.68
C GLN A 103 0.73 11.69 13.41
N SER A 104 0.59 12.91 12.92
CA SER A 104 1.07 14.09 13.64
C SER A 104 -0.17 14.87 14.11
N ILE A 105 -0.33 15.08 15.42
CA ILE A 105 -1.61 15.68 15.92
C ILE A 105 -1.42 16.78 16.89
N SER A 106 -2.22 17.84 16.73
CA SER A 106 -2.12 19.06 17.52
C SER A 106 -3.41 19.41 18.29
N VAL A 107 -3.31 19.87 19.54
CA VAL A 107 -4.49 20.30 20.30
C VAL A 107 -4.23 21.68 20.80
N ILE A 108 -5.12 22.57 20.41
CA ILE A 108 -5.19 23.93 20.87
C ILE A 108 -6.17 23.95 22.02
N THR A 109 -5.62 24.01 23.24
CA THR A 109 -6.33 24.12 24.52
C THR A 109 -7.21 25.40 24.58
N ARG A 110 -8.30 25.34 25.34
CA ARG A 110 -9.13 26.52 25.48
C ARG A 110 -8.31 27.66 26.02
N ASP A 111 -7.61 27.41 27.11
CA ASP A 111 -6.84 28.44 27.81
C ASP A 111 -6.02 29.32 26.90
N GLN A 112 -5.23 28.68 26.04
CA GLN A 112 -4.51 29.41 25.01
C GLN A 112 -5.44 30.32 24.19
N MET A 113 -6.57 29.79 23.71
CA MET A 113 -7.53 30.61 22.98
C MET A 113 -7.98 31.92 23.70
N ASP A 114 -7.96 31.85 25.02
CA ASP A 114 -8.34 32.96 25.83
C ASP A 114 -7.13 33.85 26.03
N ALA A 115 -5.96 33.31 26.34
CA ALA A 115 -4.80 34.21 26.56
C ALA A 115 -4.44 35.00 25.30
N GLN A 116 -5.08 34.65 24.21
CA GLN A 116 -4.91 35.38 22.96
C GLN A 116 -6.22 36.04 22.50
N GLN A 117 -7.28 35.82 23.27
CA GLN A 117 -8.56 36.44 22.99
C GLN A 117 -9.01 36.12 21.58
N VAL A 118 -8.72 34.92 21.12
CA VAL A 118 -8.95 34.68 19.73
C VAL A 118 -10.42 34.68 19.55
N GLN A 119 -10.83 34.96 18.33
CA GLN A 119 -12.22 35.31 18.07
C GLN A 119 -12.90 34.51 16.97
N SER A 120 -12.19 33.54 16.40
CA SER A 120 -12.64 32.76 15.25
C SER A 120 -11.70 31.60 15.13
N VAL A 121 -12.22 30.46 14.68
CA VAL A 121 -11.35 29.29 14.65
C VAL A 121 -10.09 29.59 13.87
N ASN A 122 -10.27 30.21 12.72
CA ASN A 122 -9.16 30.38 11.82
C ASN A 122 -8.06 31.19 12.45
N GLU A 123 -8.43 32.22 13.21
CA GLU A 123 -7.45 33.04 13.92
C GLU A 123 -6.69 32.25 14.97
N ALA A 124 -7.34 31.29 15.63
CA ALA A 124 -6.64 30.50 16.61
C ALA A 124 -5.71 29.42 16.02
N LEU A 125 -5.80 29.20 14.72
CA LEU A 125 -4.81 28.28 14.16
C LEU A 125 -3.48 28.93 13.72
N ARG A 126 -3.33 30.24 13.94
CA ARG A 126 -2.14 30.97 13.58
C ARG A 126 -0.86 30.48 14.24
N TYR A 127 -0.94 29.77 15.35
CA TYR A 127 0.31 29.36 15.98
C TYR A 127 0.53 27.85 15.92
N THR A 128 0.10 27.25 14.82
CA THR A 128 0.21 25.81 14.68
C THR A 128 1.04 25.45 13.45
N ALA A 129 1.99 24.53 13.65
CA ALA A 129 2.94 24.15 12.61
C ALA A 129 2.20 23.52 11.43
N GLY A 130 2.77 23.64 10.22
CA GLY A 130 2.19 23.12 8.98
C GLY A 130 0.75 23.48 8.68
N VAL A 131 0.16 24.35 9.51
CA VAL A 131 -1.17 24.92 9.32
C VAL A 131 -1.07 26.43 9.11
N GLN A 132 -1.83 26.93 8.14
CA GLN A 132 -1.77 28.35 7.73
C GLN A 132 -3.18 28.96 7.59
N ALA A 133 -3.33 30.19 8.09
CA ALA A 133 -4.63 30.82 8.22
C ALA A 133 -4.89 31.78 7.09
N ASN A 134 -5.25 31.20 5.96
CA ASN A 134 -5.63 31.94 4.81
C ASN A 134 -6.95 32.74 4.78
N THR A 135 -7.90 32.65 5.71
CA THR A 135 -9.03 33.61 5.59
C THR A 135 -8.52 35.08 5.63
N THR A 136 -8.93 35.89 4.66
CA THR A 136 -8.43 37.30 4.50
C THR A 136 -9.14 38.22 5.45
N ALA A 137 -8.70 39.48 5.56
CA ALA A 137 -9.40 40.41 6.46
C ALA A 137 -10.75 40.83 5.90
N ALA A 138 -10.76 41.31 4.66
CA ALA A 138 -11.96 41.85 4.06
C ALA A 138 -13.18 40.89 3.91
N SER A 139 -12.93 39.59 3.90
CA SER A 139 -14.01 38.67 3.60
C SER A 139 -13.88 37.54 4.58
N GLN A 140 -14.76 37.52 5.56
CA GLN A 140 -14.51 36.68 6.72
C GLN A 140 -15.52 35.60 6.88
N ARG A 141 -16.19 35.29 5.78
CA ARG A 141 -17.33 34.38 5.75
C ARG A 141 -16.97 33.01 6.23
N PHE A 142 -15.75 32.56 5.96
CA PHE A 142 -15.42 31.20 6.32
C PHE A 142 -14.14 31.13 7.09
N ASP A 143 -13.99 30.03 7.82
CA ASP A 143 -12.69 29.74 8.40
C ASP A 143 -11.77 29.09 7.30
N THR A 144 -11.44 29.86 6.28
CA THR A 144 -10.65 29.30 5.19
C THR A 144 -9.16 29.12 5.64
N LEU A 145 -8.76 27.87 5.80
CA LEU A 145 -7.37 27.57 6.17
C LEU A 145 -6.79 26.31 5.53
N SER A 146 -5.47 26.16 5.64
CA SER A 146 -4.68 25.19 4.85
C SER A 146 -3.67 24.34 5.59
N ILE A 147 -3.89 23.04 5.65
CA ILE A 147 -2.98 22.19 6.36
C ILE A 147 -2.04 21.49 5.41
N ARG A 148 -0.73 21.62 5.66
CA ARG A 148 0.29 21.05 4.78
C ARG A 148 -0.15 21.32 3.36
N GLY A 149 -0.18 22.58 2.98
CA GLY A 149 -0.40 22.88 1.58
C GLY A 149 -1.82 22.84 1.06
N PHE A 150 -2.72 22.08 1.67
CA PHE A 150 -4.06 21.92 1.09
C PHE A 150 -5.17 22.59 1.87
N ASP A 151 -6.14 23.18 1.16
CA ASP A 151 -7.27 23.79 1.86
C ASP A 151 -8.09 22.65 2.40
N VAL A 152 -8.55 22.81 3.62
CA VAL A 152 -9.19 21.72 4.30
C VAL A 152 -10.63 22.07 4.61
N THR A 153 -11.32 22.77 3.71
CA THR A 153 -12.71 23.09 4.05
C THR A 153 -13.62 21.87 3.94
N THR A 154 -13.22 20.88 3.17
CA THR A 154 -13.88 19.59 3.31
C THR A 154 -13.33 18.74 4.48
N GLY A 155 -12.34 19.26 5.22
CA GLY A 155 -11.79 18.59 6.41
C GLY A 155 -12.25 19.12 7.78
N MET A 156 -13.36 19.87 7.84
CA MET A 156 -13.81 20.45 9.11
C MET A 156 -14.83 19.59 9.83
N LEU A 157 -14.68 19.56 11.16
CA LEU A 157 -15.46 18.73 12.02
C LEU A 157 -15.89 19.47 13.23
N ARG A 158 -17.14 19.24 13.59
CA ARG A 158 -17.63 19.64 14.88
C ARG A 158 -18.06 18.38 15.59
N ASP A 159 -17.31 18.05 16.64
CA ASP A 159 -17.55 16.87 17.48
C ASP A 159 -17.41 15.59 16.68
N GLY A 160 -16.42 15.63 15.80
CA GLY A 160 -16.21 14.56 14.83
C GLY A 160 -17.29 14.40 13.76
N LEU A 161 -18.16 15.39 13.57
CA LEU A 161 -19.14 15.31 12.48
C LEU A 161 -19.02 16.44 11.45
N LYS A 162 -19.05 16.02 10.17
CA LYS A 162 -19.05 16.92 9.05
C LYS A 162 -20.39 17.56 9.09
N GLY A 163 -20.43 18.82 8.68
CA GLY A 163 -21.69 19.54 8.58
C GLY A 163 -21.66 20.49 7.41
N ASN A 164 -21.35 19.98 6.24
CA ASN A 164 -21.01 20.84 5.10
C ASN A 164 -21.53 20.24 3.81
N THR A 165 -22.13 21.03 2.93
CA THR A 165 -22.52 20.52 1.60
C THR A 165 -21.48 20.99 0.57
N ALA A 166 -21.80 20.92 -0.71
CA ALA A 166 -20.75 21.16 -1.69
C ALA A 166 -20.40 22.64 -1.55
N GLN A 167 -21.43 23.46 -1.39
CA GLN A 167 -21.30 24.91 -1.31
C GLN A 167 -21.67 25.52 0.03
N ALA A 168 -22.51 24.80 0.80
CA ALA A 168 -22.94 25.29 2.11
C ALA A 168 -21.89 24.91 3.17
N TRP A 169 -21.04 25.87 3.52
CA TRP A 169 -20.09 25.60 4.61
C TRP A 169 -20.45 26.43 5.83
N PRO A 170 -20.16 25.86 7.03
CA PRO A 170 -20.55 26.38 8.32
C PRO A 170 -19.40 27.09 9.00
N LYS A 171 -19.69 28.06 9.87
CA LYS A 171 -18.64 28.76 10.63
C LYS A 171 -18.99 28.81 12.12
N VAL A 172 -18.05 28.27 12.88
CA VAL A 172 -18.27 27.88 14.27
C VAL A 172 -17.77 29.01 15.16
N GLU A 173 -18.60 29.52 16.06
CA GLU A 173 -18.14 30.68 16.83
C GLU A 173 -17.20 30.18 17.87
N ALA A 174 -15.95 30.61 17.77
CA ALA A 174 -14.91 30.06 18.59
C ALA A 174 -15.20 30.09 20.10
N TYR A 175 -15.93 31.10 20.58
CA TYR A 175 -16.40 31.03 21.97
C TYR A 175 -17.01 29.64 22.30
N GLY A 176 -17.91 29.15 21.44
CA GLY A 176 -18.55 27.84 21.58
C GLY A 176 -17.68 26.59 21.75
N LEU A 177 -16.37 26.68 21.50
CA LEU A 177 -15.46 25.50 21.59
C LEU A 177 -14.64 25.39 22.86
N GLU A 178 -14.34 24.14 23.19
CA GLU A 178 -13.63 23.80 24.39
C GLU A 178 -12.17 23.48 24.04
N ARG A 179 -12.01 23.07 22.77
CA ARG A 179 -10.70 22.90 22.19
C ARG A 179 -10.76 22.60 20.71
N ILE A 180 -9.63 22.83 20.04
CA ILE A 180 -9.50 22.45 18.66
C ILE A 180 -8.41 21.39 18.46
N ASP A 181 -8.83 20.24 17.94
CA ASP A 181 -7.92 19.18 17.52
C ASP A 181 -7.63 19.33 16.03
N VAL A 182 -6.38 19.16 15.66
CA VAL A 182 -5.97 19.23 14.26
C VAL A 182 -5.12 18.03 13.92
N LEU A 183 -5.63 17.23 13.00
CA LEU A 183 -4.93 16.03 12.59
C LEU A 183 -4.34 16.28 11.21
N LYS A 184 -3.00 16.32 11.15
CA LYS A 184 -2.29 16.72 9.93
C LYS A 184 -2.04 15.52 9.04
N GLY A 185 -2.40 15.67 7.77
CA GLY A 185 -2.20 14.58 6.82
C GLY A 185 -3.51 13.95 6.39
N PRO A 186 -3.45 12.92 5.55
CA PRO A 186 -4.71 12.34 5.10
C PRO A 186 -5.34 11.40 6.13
N ALA A 187 -6.64 11.61 6.36
CA ALA A 187 -7.31 10.89 7.44
C ALA A 187 -8.66 10.26 7.03
N SER A 188 -8.79 9.89 5.77
CA SER A 188 -10.06 9.36 5.29
C SER A 188 -10.36 8.06 6.01
N VAL A 189 -9.25 7.45 6.45
CA VAL A 189 -9.23 6.24 7.27
C VAL A 189 -10.37 6.21 8.26
N LEU A 190 -10.57 7.34 8.96
CA LEU A 190 -11.62 7.46 10.00
C LEU A 190 -12.79 8.36 9.61
N PHE A 191 -12.56 9.34 8.75
CA PHE A 191 -13.57 10.40 8.58
C PHE A 191 -14.27 10.43 7.25
N GLY A 192 -13.89 9.48 6.38
CA GLY A 192 -14.47 9.40 5.03
C GLY A 192 -13.79 10.32 4.03
N GLN A 193 -14.58 10.96 3.15
CA GLN A 193 -13.98 11.85 2.17
C GLN A 193 -13.42 13.01 2.91
N ASN A 194 -12.31 13.52 2.41
CA ASN A 194 -11.60 14.59 3.09
C ASN A 194 -10.50 15.17 2.20
N SER A 195 -10.15 16.42 2.47
CA SER A 195 -8.96 16.98 1.88
C SER A 195 -7.74 16.28 2.46
N PRO A 196 -6.75 16.08 1.61
CA PRO A 196 -5.41 15.59 1.90
C PRO A 196 -4.79 16.23 3.14
N GLY A 197 -5.22 17.45 3.45
CA GLY A 197 -4.65 18.26 4.51
C GLY A 197 -4.79 17.72 5.91
N GLY A 198 -6.03 17.51 6.33
CA GLY A 198 -6.23 16.99 7.65
C GLY A 198 -7.63 17.26 8.10
N VAL A 199 -7.89 17.06 9.38
CA VAL A 199 -9.17 17.48 9.88
C VAL A 199 -9.00 18.50 10.97
N VAL A 200 -9.77 19.57 10.92
CA VAL A 200 -9.85 20.44 12.06
C VAL A 200 -11.04 19.90 12.85
N ASN A 201 -10.82 19.47 14.08
CA ASN A 201 -11.95 18.97 14.85
C ASN A 201 -12.30 19.92 15.96
N GLN A 202 -13.41 20.65 15.70
CA GLN A 202 -13.91 21.67 16.60
C GLN A 202 -14.75 20.94 17.62
N ILE A 203 -14.24 20.93 18.85
CA ILE A 203 -14.86 20.22 19.96
C ILE A 203 -15.69 21.24 20.69
N SER A 204 -16.99 20.98 20.74
CA SER A 204 -17.92 21.86 21.43
C SER A 204 -17.70 21.99 22.96
N LYS A 205 -18.00 23.15 23.51
CA LYS A 205 -18.13 23.26 24.95
C LYS A 205 -19.32 22.40 25.33
N ARG A 206 -19.11 21.57 26.37
CA ARG A 206 -20.15 20.65 26.96
C ARG A 206 -20.38 20.82 28.49
N PRO A 207 -21.62 20.64 28.95
CA PRO A 207 -22.03 20.81 30.34
C PRO A 207 -20.96 20.31 31.28
N LEU A 208 -20.55 21.15 32.23
CA LEU A 208 -19.55 20.79 33.26
C LEU A 208 -20.20 20.19 34.52
N ASP A 209 -19.44 19.46 35.34
CA ASP A 209 -20.08 18.85 36.53
C ASP A 209 -20.06 19.69 37.82
N LYS A 210 -19.18 20.70 37.91
CA LYS A 210 -19.14 21.69 39.03
C LYS A 210 -19.55 23.09 38.53
N PRO A 211 -20.33 23.89 39.32
CA PRO A 211 -20.75 25.20 38.82
C PRO A 211 -19.59 25.97 38.21
N PHE A 212 -19.93 26.87 37.28
CA PHE A 212 -18.99 27.76 36.62
C PHE A 212 -19.80 28.83 35.91
N HIS A 213 -19.46 30.08 36.18
CA HIS A 213 -20.22 31.19 35.62
C HIS A 213 -19.21 32.24 35.15
N GLU A 214 -19.38 32.70 33.91
CA GLU A 214 -18.51 33.73 33.35
C GLU A 214 -19.32 34.73 32.56
N VAL A 215 -19.17 36.01 32.90
CA VAL A 215 -19.64 37.08 32.05
C VAL A 215 -18.45 37.99 31.76
N GLN A 216 -18.40 38.46 30.52
CA GLN A 216 -17.40 39.41 30.05
C GLN A 216 -17.97 40.36 28.99
N ILE A 217 -17.48 41.60 28.98
CA ILE A 217 -17.89 42.56 27.95
C ILE A 217 -16.64 43.18 27.37
N GLN A 218 -16.64 43.57 26.09
CA GLN A 218 -15.45 44.12 25.47
C GLN A 218 -15.73 45.16 24.44
N GLY A 219 -14.70 45.92 24.12
CA GLY A 219 -14.74 46.92 23.09
C GLY A 219 -13.39 46.86 22.42
N GLY A 220 -13.08 47.85 21.58
CA GLY A 220 -11.79 47.82 20.92
C GLY A 220 -11.82 48.44 19.55
N SER A 221 -10.97 47.95 18.67
CA SER A 221 -10.82 48.55 17.35
C SER A 221 -12.06 48.51 16.48
N PHE A 222 -12.19 49.56 15.67
CA PHE A 222 -13.27 49.70 14.72
C PHE A 222 -14.63 49.72 15.37
N ASP A 223 -14.79 50.44 16.49
CA ASP A 223 -16.11 50.59 17.10
C ASP A 223 -16.72 49.27 17.52
N ARG A 224 -15.83 48.39 17.94
CA ARG A 224 -16.13 47.03 18.38
C ARG A 224 -16.85 47.15 19.70
N ALA A 225 -17.87 46.31 19.87
CA ALA A 225 -18.59 46.23 21.12
C ALA A 225 -19.22 44.86 21.24
N GLN A 226 -18.88 44.11 22.29
CA GLN A 226 -19.26 42.69 22.39
C GLN A 226 -19.55 42.21 23.80
N GLY A 227 -20.64 41.46 23.93
CA GLY A 227 -21.09 40.88 25.20
C GLY A 227 -21.31 39.39 25.02
N GLN A 228 -21.15 38.63 26.12
CA GLN A 228 -21.07 37.16 26.09
C GLN A 228 -21.15 36.51 27.50
N PHE A 229 -21.66 35.28 27.55
CA PHE A 229 -21.70 34.53 28.81
C PHE A 229 -21.48 33.06 28.62
N ASP A 230 -21.27 32.37 29.74
CA ASP A 230 -20.92 30.95 29.80
C ASP A 230 -21.25 30.48 31.22
N PHE A 231 -22.32 29.70 31.34
CA PHE A 231 -22.83 29.21 32.60
C PHE A 231 -22.93 27.68 32.61
N SER A 232 -22.37 27.03 33.63
CA SER A 232 -22.49 25.58 33.78
C SER A 232 -22.64 25.06 35.20
N GLY A 233 -22.76 23.73 35.31
CA GLY A 233 -22.90 23.00 36.59
C GLY A 233 -23.94 21.87 36.61
N PRO A 234 -24.15 21.26 37.80
CA PRO A 234 -25.19 20.28 38.06
C PRO A 234 -26.58 20.92 38.16
N LEU A 235 -27.67 20.23 37.85
CA LEU A 235 -29.00 20.70 38.26
C LEU A 235 -29.47 20.00 39.53
N ASP A 236 -28.95 18.81 39.80
CA ASP A 236 -29.31 18.01 40.98
C ASP A 236 -28.11 17.74 41.90
N ASP A 237 -28.31 16.90 42.93
CA ASP A 237 -27.24 16.62 43.88
C ASP A 237 -26.30 15.47 43.47
N GLU A 238 -26.71 14.69 42.47
CA GLU A 238 -25.88 13.58 42.00
C GLU A 238 -24.91 14.01 40.92
N GLY A 239 -25.32 14.93 40.06
CA GLY A 239 -24.65 15.16 38.77
C GLY A 239 -25.19 14.16 37.78
N GLN A 240 -26.48 13.87 37.90
CA GLN A 240 -27.19 13.05 36.93
C GLN A 240 -27.75 13.96 35.89
N PHE A 241 -27.80 15.26 36.24
CA PHE A 241 -28.33 16.29 35.35
C PHE A 241 -27.38 17.50 35.26
N LEU A 242 -26.96 17.87 34.05
CA LEU A 242 -26.00 18.95 33.82
C LEU A 242 -26.41 19.87 32.65
N TYR A 243 -26.29 21.19 32.84
CA TYR A 243 -26.62 22.17 31.78
C TYR A 243 -25.42 23.02 31.30
N ARG A 244 -25.58 23.69 30.16
CA ARG A 244 -24.69 24.78 29.79
C ARG A 244 -25.34 25.70 28.80
N LEU A 245 -25.50 26.93 29.25
CA LEU A 245 -25.93 27.96 28.36
C LEU A 245 -24.69 28.78 27.95
N VAL A 246 -24.47 28.95 26.64
CA VAL A 246 -23.42 29.84 26.12
C VAL A 246 -23.99 30.86 25.14
N GLY A 247 -23.60 32.12 25.25
CA GLY A 247 -24.12 33.17 24.38
C GLY A 247 -23.14 34.29 24.10
N LEU A 248 -23.18 34.81 22.88
CA LEU A 248 -22.33 35.92 22.50
C LEU A 248 -23.02 36.70 21.44
N GLU A 249 -22.96 38.02 21.56
CA GLU A 249 -23.44 38.97 20.56
C GLU A 249 -22.32 39.99 20.34
N ARG A 250 -22.19 40.47 19.10
CA ARG A 250 -21.16 41.43 18.73
C ARG A 250 -21.63 42.45 17.66
N ASP A 251 -21.35 43.73 17.89
CA ASP A 251 -21.43 44.72 16.84
C ASP A 251 -20.05 45.32 16.63
N SER A 252 -19.50 45.04 15.46
CA SER A 252 -18.21 45.57 15.07
C SER A 252 -18.18 46.02 13.63
N GLY A 253 -17.29 46.98 13.42
CA GLY A 253 -16.85 47.37 12.10
C GLY A 253 -15.55 46.64 11.96
N THR A 254 -14.92 46.78 10.80
CA THR A 254 -13.70 46.06 10.46
C THR A 254 -12.83 47.10 9.84
N GLN A 255 -11.56 46.86 9.62
CA GLN A 255 -10.70 47.95 9.15
C GLN A 255 -11.14 48.66 7.88
N PHE A 256 -12.10 48.10 7.15
CA PHE A 256 -12.60 48.71 5.92
C PHE A 256 -13.93 49.41 6.10
N ASP A 257 -14.23 50.39 5.26
CA ASP A 257 -15.56 51.01 5.23
C ASP A 257 -16.65 50.08 4.75
N HIS A 258 -17.83 50.29 5.32
CA HIS A 258 -19.06 49.56 4.99
C HIS A 258 -18.93 48.04 5.04
N ILE A 259 -17.98 47.56 5.84
CA ILE A 259 -17.89 46.14 6.17
C ILE A 259 -18.05 45.89 7.65
N LYS A 260 -19.12 45.19 8.00
CA LYS A 260 -19.42 44.87 9.39
C LYS A 260 -18.81 43.51 9.78
N ASP A 261 -18.71 43.27 11.09
CA ASP A 261 -18.30 41.96 11.63
C ASP A 261 -19.20 41.60 12.79
N ASP A 262 -20.45 41.22 12.49
CA ASP A 262 -21.47 41.03 13.53
C ASP A 262 -21.86 39.58 13.74
N LYS A 263 -22.08 39.22 15.01
CA LYS A 263 -22.49 37.87 15.37
C LYS A 263 -23.51 37.92 16.47
N GLN A 264 -24.34 36.87 16.52
CA GLN A 264 -25.22 36.58 17.65
C GLN A 264 -25.18 35.05 17.72
N TYR A 265 -25.07 34.51 18.93
CA TYR A 265 -24.83 33.08 19.15
C TYR A 265 -25.28 32.63 20.52
N PHE A 266 -25.97 31.49 20.54
CA PHE A 266 -26.53 30.95 21.75
C PHE A 266 -26.52 29.43 21.58
N ALA A 267 -26.18 28.68 22.64
CA ALA A 267 -26.03 27.24 22.54
C ALA A 267 -26.35 26.62 23.87
N PRO A 268 -27.58 26.05 23.98
CA PRO A 268 -27.96 25.27 25.16
C PRO A 268 -27.36 23.89 25.02
N SER A 269 -27.06 23.26 26.13
CA SER A 269 -26.57 21.89 26.14
C SER A 269 -26.90 21.24 27.46
N PHE A 270 -26.82 19.91 27.47
CA PHE A 270 -27.46 19.11 28.50
C PHE A 270 -26.82 17.74 28.49
N THR A 271 -26.40 17.31 29.67
CA THR A 271 -25.83 15.98 29.83
C THR A 271 -26.62 15.21 30.89
N TRP A 272 -27.30 14.13 30.50
CA TRP A 272 -27.86 13.21 31.48
C TRP A 272 -26.92 12.03 31.63
N LYS A 273 -26.40 11.80 32.83
CA LYS A 273 -25.65 10.57 33.07
C LYS A 273 -26.19 9.76 34.23
N PRO A 274 -27.02 8.75 33.94
CA PRO A 274 -27.58 7.94 35.02
C PRO A 274 -26.46 7.50 35.98
N ASN A 275 -25.51 6.71 35.48
CA ASN A 275 -24.47 6.12 36.30
C ASN A 275 -23.09 6.42 35.70
N ASP A 276 -22.31 5.38 35.46
CA ASP A 276 -20.98 5.51 34.89
C ASP A 276 -20.94 4.76 33.58
N ASP A 277 -22.01 4.00 33.34
CA ASP A 277 -22.18 3.19 32.12
C ASP A 277 -22.63 4.11 30.99
N THR A 278 -23.78 4.76 31.17
CA THR A 278 -24.41 5.60 30.16
C THR A 278 -24.11 7.08 30.41
N SER A 279 -23.84 7.82 29.33
CA SER A 279 -23.56 9.25 29.34
C SER A 279 -24.02 9.93 28.03
N LEU A 280 -25.21 10.53 28.03
CA LEU A 280 -25.78 11.14 26.81
C LEU A 280 -25.78 12.68 26.87
N THR A 281 -25.23 13.34 25.85
CA THR A 281 -25.14 14.79 25.87
C THR A 281 -25.93 15.44 24.73
N LEU A 282 -26.72 16.47 25.04
CA LEU A 282 -27.55 17.14 24.03
C LEU A 282 -27.02 18.52 23.60
N LEU A 283 -26.95 18.73 22.28
CA LEU A 283 -26.18 19.82 21.71
C LEU A 283 -26.91 20.63 20.65
N ALA A 284 -27.47 21.76 21.07
CA ALA A 284 -28.13 22.69 20.18
C ALA A 284 -27.34 23.98 20.07
N ASP A 285 -27.78 24.82 19.15
CA ASP A 285 -27.11 26.09 18.80
C ASP A 285 -27.70 26.80 17.57
N TYR A 286 -27.77 28.13 17.68
CA TYR A 286 -28.15 29.08 16.63
C TYR A 286 -27.10 30.20 16.56
N THR A 287 -26.62 30.48 15.35
CA THR A 287 -25.57 31.46 15.07
C THR A 287 -25.98 32.34 13.91
N GLN A 288 -26.07 33.64 14.15
CA GLN A 288 -26.48 34.56 13.11
C GLN A 288 -25.43 35.65 12.98
N ASP A 289 -24.74 35.68 11.85
CA ASP A 289 -23.68 36.64 11.65
C ASP A 289 -23.80 37.44 10.37
N THR A 290 -23.05 38.55 10.35
CA THR A 290 -22.89 39.42 9.18
C THR A 290 -21.41 39.64 8.92
N PHE A 291 -21.09 39.85 7.65
CA PHE A 291 -19.74 39.96 7.16
C PHE A 291 -19.85 40.73 5.84
N GLY A 292 -18.75 40.83 5.11
CA GLY A 292 -18.73 41.57 3.86
C GLY A 292 -18.84 40.61 2.72
N ALA A 293 -18.81 41.14 1.48
CA ALA A 293 -19.01 40.33 0.28
C ALA A 293 -17.79 39.42 0.11
N PRO A 294 -17.83 38.42 -0.80
CA PRO A 294 -16.63 37.59 -1.08
C PRO A 294 -16.05 38.02 -2.41
N ARG A 295 -14.79 37.67 -2.70
CA ARG A 295 -14.12 38.17 -3.94
C ARG A 295 -13.99 39.70 -3.90
N VAL A 296 -13.46 40.16 -2.77
CA VAL A 296 -12.97 41.51 -2.63
C VAL A 296 -11.90 41.73 -3.72
N PHE A 297 -12.14 42.68 -4.62
CA PHE A 297 -11.18 43.06 -5.68
C PHE A 297 -10.32 44.22 -5.19
N LEU A 298 -9.04 43.97 -5.06
CA LEU A 298 -8.11 45.06 -4.97
C LEU A 298 -7.11 44.70 -6.05
N PRO A 299 -6.72 45.64 -6.93
CA PRO A 299 -5.82 45.30 -8.05
C PRO A 299 -4.39 45.21 -7.66
N ALA A 300 -3.65 44.39 -8.41
CA ALA A 300 -2.21 44.20 -8.23
C ALA A 300 -1.53 45.40 -8.78
N GLN A 301 -1.96 45.77 -9.99
CA GLN A 301 -1.49 46.97 -10.60
C GLN A 301 -1.93 48.11 -9.70
N GLY A 302 -1.03 48.58 -8.84
CA GLY A 302 -1.36 49.55 -7.79
C GLY A 302 -0.91 49.14 -6.41
N THR A 303 -0.85 47.84 -6.16
CA THR A 303 -0.39 47.38 -4.86
C THR A 303 0.94 46.67 -4.93
N LEU A 304 0.93 45.42 -5.39
CA LEU A 304 2.14 44.67 -5.49
C LEU A 304 2.95 45.18 -6.67
N LEU A 305 2.29 45.30 -7.83
CA LEU A 305 2.89 45.84 -9.06
C LEU A 305 2.67 47.32 -9.21
N GLY A 306 3.42 47.94 -10.12
CA GLY A 306 3.28 49.37 -10.36
C GLY A 306 1.96 49.73 -11.02
N ASN A 307 1.55 50.97 -10.86
CA ASN A 307 0.42 51.50 -11.61
C ASN A 307 0.76 52.96 -11.89
N PRO A 308 0.47 53.45 -13.11
CA PRO A 308 1.01 54.80 -13.43
C PRO A 308 0.20 55.90 -12.77
N ASN A 309 -0.95 55.51 -12.23
CA ASN A 309 -1.84 56.41 -11.49
C ASN A 309 -1.49 56.56 -10.03
N GLY A 310 -0.49 55.80 -9.57
CA GLY A 310 0.00 55.85 -8.17
C GLY A 310 -0.49 54.66 -7.36
N LYS A 311 -0.01 54.53 -6.13
CA LYS A 311 -0.37 53.40 -5.27
C LYS A 311 -1.86 53.41 -4.92
N VAL A 312 -2.41 52.28 -4.50
CA VAL A 312 -3.83 52.27 -4.13
C VAL A 312 -4.00 52.06 -2.64
N ARG A 313 -4.98 52.75 -2.05
CA ARG A 313 -5.26 52.61 -0.63
C ARG A 313 -5.53 51.12 -0.42
N HIS A 314 -4.67 50.44 0.35
CA HIS A 314 -4.73 48.97 0.51
C HIS A 314 -6.10 48.51 1.00
N ASN A 315 -6.83 49.42 1.64
CA ASN A 315 -8.10 49.13 2.29
C ASN A 315 -9.31 49.77 1.62
N VAL A 316 -9.22 50.13 0.35
CA VAL A 316 -10.34 50.78 -0.34
C VAL A 316 -11.54 49.92 -0.35
N PHE A 317 -12.71 50.49 -0.16
CA PHE A 317 -13.91 49.71 -0.41
C PHE A 317 -14.39 49.88 -1.84
N LEU A 318 -14.40 48.81 -2.63
CA LEU A 318 -14.80 48.92 -4.04
C LEU A 318 -16.07 48.14 -4.44
N ASP A 319 -16.78 47.67 -3.43
CA ASP A 319 -18.07 47.06 -3.66
C ASP A 319 -19.08 48.21 -3.46
N GLU A 320 -20.35 47.93 -3.15
CA GLU A 320 -21.33 49.00 -2.88
C GLU A 320 -21.87 48.93 -1.46
N PRO A 321 -22.07 50.09 -0.82
CA PRO A 321 -22.43 50.00 0.57
C PRO A 321 -23.88 49.58 0.74
N GLY A 322 -24.21 49.12 1.94
CA GLY A 322 -25.56 48.68 2.30
C GLY A 322 -26.16 47.56 1.46
N LEU A 323 -25.40 46.48 1.21
CA LEU A 323 -25.97 45.29 0.55
C LEU A 323 -26.00 44.09 1.49
N ASP A 324 -27.02 43.26 1.38
CA ASP A 324 -27.18 42.13 2.30
C ASP A 324 -26.10 41.05 2.17
N ASN A 325 -25.32 40.89 3.23
CA ASN A 325 -24.27 39.91 3.27
C ASN A 325 -24.20 39.19 4.60
N ASP A 326 -25.07 38.19 4.77
CA ASP A 326 -25.25 37.54 6.07
C ASP A 326 -25.63 36.07 6.03
N ARG A 327 -25.81 35.47 7.20
CA ARG A 327 -26.29 34.09 7.29
C ARG A 327 -26.70 33.62 8.68
N THR A 328 -27.81 32.89 8.68
CA THR A 328 -28.33 32.18 9.82
C THR A 328 -27.65 30.81 9.78
N GLN A 329 -27.56 30.13 10.90
CA GLN A 329 -27.35 28.68 10.89
C GLN A 329 -27.79 28.19 12.25
N TYR A 330 -28.15 26.92 12.35
CA TYR A 330 -28.49 26.35 13.67
C TYR A 330 -28.38 24.87 13.56
N SER A 331 -28.23 24.18 14.69
CA SER A 331 -28.13 22.73 14.64
C SER A 331 -28.61 22.13 15.95
N LEU A 332 -28.98 20.85 15.93
CA LEU A 332 -29.37 20.13 17.13
C LEU A 332 -28.87 18.73 16.94
N GLY A 333 -28.22 18.16 17.94
CA GLY A 333 -27.59 16.83 17.82
C GLY A 333 -27.39 16.20 19.19
N TYR A 334 -26.89 14.96 19.25
CA TYR A 334 -26.64 14.33 20.55
C TYR A 334 -25.39 13.47 20.46
N LEU A 335 -24.73 13.28 21.60
CA LEU A 335 -23.57 12.42 21.69
C LEU A 335 -23.78 11.43 22.80
N LEU A 336 -23.72 10.15 22.47
CA LEU A 336 -23.99 9.12 23.45
C LEU A 336 -22.92 8.01 23.49
N GLU A 337 -22.24 7.90 24.63
CA GLU A 337 -21.37 6.74 24.94
C GLU A 337 -22.11 5.92 25.98
N HIS A 338 -21.76 4.63 26.10
CA HIS A 338 -22.48 3.63 26.93
C HIS A 338 -21.62 2.37 27.11
N ARG A 339 -21.29 2.03 28.35
CA ARG A 339 -20.54 0.80 28.61
C ARG A 339 -21.47 -0.43 28.69
N LEU A 340 -20.98 -1.54 28.18
CA LEU A 340 -21.69 -2.80 28.24
C LEU A 340 -21.06 -3.74 29.24
N ASN A 341 -19.74 -3.63 29.43
CA ASN A 341 -19.03 -4.45 30.42
C ASN A 341 -17.60 -3.97 30.70
N ASP A 342 -16.63 -4.85 30.45
CA ASP A 342 -15.22 -4.57 30.71
C ASP A 342 -14.47 -4.45 29.39
N VAL A 343 -15.08 -4.98 28.33
CA VAL A 343 -14.45 -4.99 27.02
C VAL A 343 -15.27 -4.17 25.98
N TRP A 344 -16.58 -4.41 25.91
CA TRP A 344 -17.46 -3.72 24.94
C TRP A 344 -17.89 -2.32 25.37
N SER A 345 -17.85 -1.39 24.41
CA SER A 345 -18.47 -0.04 24.50
C SER A 345 -19.13 0.31 23.17
N LEU A 346 -20.40 0.73 23.22
CA LEU A 346 -21.07 1.31 22.04
C LEU A 346 -20.98 2.87 22.08
N ASN A 347 -20.91 3.51 20.90
CA ASN A 347 -20.79 4.97 20.74
C ASN A 347 -21.66 5.52 19.60
N SER A 348 -22.37 6.61 19.84
CA SER A 348 -23.19 7.22 18.79
C SER A 348 -23.11 8.73 18.81
N SER A 349 -22.95 9.30 17.63
CA SER A 349 -23.03 10.73 17.47
C SER A 349 -23.93 10.98 16.28
N ALA A 350 -24.68 12.08 16.34
CA ALA A 350 -25.42 12.56 15.15
C ALA A 350 -25.92 13.98 15.33
N ARG A 351 -26.00 14.73 14.24
CA ARG A 351 -26.51 16.09 14.28
C ARG A 351 -27.20 16.61 13.01
N TYR A 352 -28.32 17.28 13.22
CA TYR A 352 -28.98 18.06 12.17
C TYR A 352 -28.35 19.44 12.19
N GLY A 353 -28.05 19.98 11.01
CA GLY A 353 -27.47 21.30 10.90
C GLY A 353 -27.95 22.06 9.69
N HIS A 354 -28.53 23.22 9.91
CA HIS A 354 -29.01 24.10 8.83
C HIS A 354 -27.98 25.25 8.62
N VAL A 355 -27.91 25.79 7.40
CA VAL A 355 -27.02 26.91 7.03
C VAL A 355 -27.69 27.77 5.91
N ASN A 356 -27.99 29.04 6.18
CA ASN A 356 -28.69 29.87 5.20
C ASN A 356 -27.93 31.12 4.91
N LEU A 357 -27.10 31.00 3.88
CA LEU A 357 -26.19 32.04 3.46
C LEU A 357 -26.74 32.90 2.31
N LEU A 358 -26.62 34.22 2.48
CA LEU A 358 -27.04 35.19 1.47
C LEU A 358 -25.89 36.14 1.14
N THR A 359 -25.75 36.52 -0.12
CA THR A 359 -24.73 37.48 -0.49
C THR A 359 -25.27 38.37 -1.58
N ASN A 360 -25.21 39.68 -1.39
CA ASN A 360 -25.36 40.59 -2.54
C ASN A 360 -24.06 41.34 -2.79
N THR A 361 -23.66 41.41 -4.05
CA THR A 361 -22.36 42.01 -4.36
C THR A 361 -22.33 42.78 -5.68
N ALA A 362 -21.41 43.71 -5.77
CA ALA A 362 -21.16 44.33 -7.02
C ALA A 362 -19.67 44.10 -7.33
N SER A 363 -19.29 42.84 -7.52
CA SER A 363 -17.85 42.53 -7.49
C SER A 363 -17.13 42.92 -8.75
N GLY A 364 -15.83 43.14 -8.55
CA GLY A 364 -14.94 43.61 -9.58
C GLY A 364 -14.64 42.50 -10.57
N MET A 365 -15.00 42.73 -11.83
CA MET A 365 -14.69 41.83 -12.93
C MET A 365 -13.23 41.99 -13.37
N SER A 366 -12.83 43.22 -13.66
CA SER A 366 -11.52 43.54 -14.28
C SER A 366 -11.30 45.03 -14.40
N LEU A 367 -10.03 45.39 -14.54
CA LEU A 367 -9.64 46.78 -14.64
C LEU A 367 -9.65 47.20 -16.12
N ALA A 368 -10.47 48.20 -16.47
CA ALA A 368 -10.48 48.70 -17.87
C ALA A 368 -9.12 49.26 -18.31
N PRO A 369 -8.88 49.29 -19.65
CA PRO A 369 -7.56 49.59 -20.24
C PRO A 369 -6.78 50.67 -19.52
N ASP A 370 -7.50 51.65 -18.98
CA ASP A 370 -6.88 52.79 -18.32
C ASP A 370 -6.29 52.51 -16.92
N LEU A 371 -6.26 51.24 -16.48
CA LEU A 371 -5.73 50.88 -15.15
C LEU A 371 -6.23 51.76 -13.97
N ARG A 372 -7.55 52.01 -13.95
CA ARG A 372 -8.11 53.01 -13.08
C ARG A 372 -9.60 52.76 -12.77
N THR A 373 -10.33 52.24 -13.75
CA THR A 373 -11.77 52.06 -13.61
C THR A 373 -12.01 50.61 -13.45
N LEU A 374 -12.84 50.26 -12.48
CA LEU A 374 -13.19 48.86 -12.28
C LEU A 374 -14.56 48.53 -12.85
N ASN A 375 -14.61 47.60 -13.82
CA ASN A 375 -15.91 47.20 -14.37
C ASN A 375 -16.50 46.25 -13.40
N ARG A 376 -17.78 46.35 -13.14
CA ARG A 376 -18.32 45.38 -12.20
C ARG A 376 -19.68 44.81 -12.61
N ALA A 377 -20.19 43.95 -11.76
CA ALA A 377 -21.42 43.30 -12.04
C ALA A 377 -22.15 43.01 -10.75
N ALA A 378 -23.47 42.93 -10.90
CA ALA A 378 -24.39 42.61 -9.82
C ALA A 378 -24.56 41.10 -9.67
N TYR A 379 -24.58 40.64 -8.42
CA TYR A 379 -24.99 39.29 -8.09
C TYR A 379 -25.68 39.16 -6.75
N ARG A 380 -26.68 38.27 -6.76
CA ARG A 380 -27.35 37.79 -5.58
C ARG A 380 -27.29 36.27 -5.66
N PHE A 381 -27.08 35.63 -4.51
CA PHE A 381 -27.17 34.18 -4.43
C PHE A 381 -27.43 33.72 -3.02
N ARG A 382 -28.43 32.86 -2.88
CA ARG A 382 -28.74 32.30 -1.60
C ARG A 382 -28.36 30.84 -1.62
N ILE A 383 -27.47 30.44 -0.70
CA ILE A 383 -27.14 29.03 -0.53
C ILE A 383 -27.72 28.54 0.78
N VAL A 384 -28.58 27.51 0.69
CA VAL A 384 -29.26 26.91 1.85
C VAL A 384 -28.99 25.41 1.86
N GLY A 385 -28.46 24.91 2.96
CA GLY A 385 -28.17 23.50 3.05
C GLY A 385 -28.51 22.91 4.39
N ASP A 386 -28.96 21.64 4.36
CA ASP A 386 -29.32 20.91 5.59
C ASP A 386 -28.58 19.58 5.73
N THR A 387 -28.01 19.35 6.92
CA THR A 387 -27.18 18.18 7.19
C THR A 387 -27.77 17.21 8.24
N TYR A 388 -27.67 15.93 7.93
CA TYR A 388 -27.98 14.82 8.84
C TYR A 388 -26.70 14.00 8.78
N SER A 389 -25.93 14.05 9.85
CA SER A 389 -24.67 13.32 9.94
C SER A 389 -24.78 12.35 11.12
N LEU A 390 -24.28 11.13 10.95
CA LEU A 390 -24.54 10.07 11.94
C LEU A 390 -23.40 9.03 11.98
N ASP A 391 -22.83 8.84 13.17
CA ASP A 391 -21.65 7.99 13.29
C ASP A 391 -21.72 7.10 14.51
N ASN A 392 -21.89 5.80 14.27
CA ASN A 392 -21.99 4.80 15.31
C ASN A 392 -20.84 3.85 15.22
N ASN A 393 -20.31 3.51 16.38
CA ASN A 393 -19.18 2.62 16.47
C ASN A 393 -19.26 1.74 17.70
N ALA A 394 -18.52 0.65 17.67
CA ALA A 394 -18.39 -0.22 18.82
C ALA A 394 -16.92 -0.60 18.98
N GLN A 395 -16.47 -0.63 20.24
CA GLN A 395 -15.07 -0.77 20.60
C GLN A 395 -14.88 -1.94 21.55
N ALA A 396 -13.77 -2.67 21.36
CA ALA A 396 -13.40 -3.76 22.26
C ALA A 396 -11.95 -3.63 22.79
N ARG A 397 -11.77 -3.78 24.11
CA ARG A 397 -10.44 -3.77 24.80
C ARG A 397 -10.14 -5.09 25.53
N TRP A 398 -9.48 -5.99 24.84
CA TRP A 398 -9.07 -7.26 25.43
C TRP A 398 -7.56 -7.38 25.46
N ASN A 399 -7.10 -8.55 25.86
CA ASN A 399 -5.71 -8.96 25.70
C ASN A 399 -5.73 -10.41 25.22
N LEU A 400 -5.20 -10.75 24.05
CA LEU A 400 -4.80 -12.16 23.91
C LEU A 400 -3.48 -12.28 24.74
N GLY A 401 -2.31 -11.90 24.22
CA GLY A 401 -1.07 -11.95 25.05
C GLY A 401 -1.05 -11.08 26.31
N SER A 402 0.15 -10.85 26.84
CA SER A 402 0.41 -9.66 27.67
C SER A 402 0.67 -8.52 26.66
N THR A 403 -0.36 -8.29 25.86
CA THR A 403 -0.36 -7.42 24.71
C THR A 403 -1.78 -6.85 24.61
N GLN A 404 -1.91 -5.55 24.88
CA GLN A 404 -3.22 -4.89 24.90
C GLN A 404 -3.76 -4.58 23.52
N MET A 405 -4.97 -5.06 23.30
CA MET A 405 -5.68 -4.94 22.05
C MET A 405 -6.68 -3.83 22.17
N VAL A 406 -6.91 -3.09 21.08
CA VAL A 406 -8.03 -2.14 20.97
C VAL A 406 -8.66 -2.22 19.57
N SER A 407 -9.88 -2.75 19.53
CA SER A 407 -10.58 -2.98 18.26
C SER A 407 -11.74 -2.05 18.10
N LEU A 408 -12.10 -1.80 16.84
CA LEU A 408 -13.06 -0.76 16.50
C LEU A 408 -13.69 -1.00 15.16
N LEU A 409 -15.02 -1.09 15.15
CA LEU A 409 -15.79 -1.17 13.93
C LEU A 409 -16.80 -0.05 14.00
N GLY A 410 -17.03 0.63 12.87
CA GLY A 410 -18.04 1.68 12.80
C GLY A 410 -18.74 1.88 11.47
N ILE A 411 -19.89 2.55 11.53
CA ILE A 411 -20.65 2.93 10.34
C ILE A 411 -20.80 4.45 10.42
N ASP A 412 -21.09 5.11 9.30
CA ASP A 412 -21.01 6.59 9.20
C ASP A 412 -21.85 7.16 8.04
N TYR A 413 -23.11 7.49 8.31
CA TYR A 413 -23.95 8.13 7.30
C TYR A 413 -23.75 9.61 7.33
N ARG A 414 -24.10 10.17 6.19
CA ARG A 414 -24.42 11.57 6.05
C ARG A 414 -25.46 11.66 4.95
N ARG A 415 -26.46 12.50 5.12
CA ARG A 415 -27.31 12.89 4.00
C ARG A 415 -27.36 14.42 3.99
N THR A 416 -27.29 15.02 2.79
CA THR A 416 -27.35 16.49 2.62
C THR A 416 -28.32 16.93 1.52
N ARG A 417 -28.82 18.14 1.68
CA ARG A 417 -29.49 18.85 0.62
C ARG A 417 -28.97 20.28 0.55
N GLU A 418 -28.66 20.71 -0.66
CA GLU A 418 -28.28 22.09 -0.85
C GLU A 418 -29.05 22.78 -1.99
N ASP A 419 -29.68 23.88 -1.60
CA ASP A 419 -30.60 24.65 -2.39
C ASP A 419 -29.96 25.97 -2.82
N TYR A 420 -29.42 25.98 -4.03
CA TYR A 420 -28.58 27.07 -4.49
C TYR A 420 -29.35 27.88 -5.48
N TYR A 421 -28.93 29.13 -5.71
CA TYR A 421 -29.29 29.87 -6.92
C TYR A 421 -28.42 31.10 -7.09
N LEU A 422 -28.13 31.48 -8.33
CA LEU A 422 -27.37 32.68 -8.60
C LEU A 422 -28.08 33.61 -9.59
N ARG A 423 -28.07 34.91 -9.30
CA ARG A 423 -28.66 35.93 -10.23
C ARG A 423 -27.67 37.07 -10.58
N GLY A 424 -27.48 37.35 -11.86
CA GLY A 424 -26.60 38.42 -12.31
C GLY A 424 -27.25 39.71 -12.75
N GLY A 425 -26.44 40.70 -13.12
CA GLY A 425 -26.94 42.00 -13.57
C GLY A 425 -25.81 43.00 -13.73
N SER A 426 -26.14 44.30 -13.79
CA SER A 426 -25.11 45.30 -14.10
C SER A 426 -24.67 46.13 -12.91
N ALA A 427 -23.51 46.77 -13.05
CA ALA A 427 -22.97 47.56 -11.96
C ALA A 427 -22.14 48.73 -12.46
N SER A 428 -22.54 49.93 -12.03
CA SER A 428 -21.82 51.12 -12.44
C SER A 428 -20.39 50.83 -12.16
N PRO A 429 -19.55 51.06 -13.15
CA PRO A 429 -18.14 50.90 -12.85
C PRO A 429 -17.76 51.94 -11.80
N ILE A 430 -16.70 51.68 -11.02
CA ILE A 430 -16.23 52.62 -10.00
C ILE A 430 -14.74 52.94 -10.13
N ASP A 431 -14.30 54.05 -9.56
CA ASP A 431 -12.90 54.43 -9.70
C ASP A 431 -12.03 53.92 -8.56
N ILE A 432 -10.87 53.37 -8.92
CA ILE A 432 -9.85 52.82 -8.02
C ILE A 432 -9.26 53.84 -7.05
N TYR A 433 -9.26 55.12 -7.45
CA TYR A 433 -8.66 56.15 -6.63
C TYR A 433 -9.69 57.03 -5.99
N ASN A 434 -10.74 57.37 -6.72
CA ASN A 434 -11.84 58.18 -6.21
C ASN A 434 -13.15 57.43 -6.24
N PRO A 435 -13.32 56.49 -5.29
CA PRO A 435 -14.52 55.68 -5.33
C PRO A 435 -15.71 56.58 -5.06
N VAL A 436 -16.86 56.29 -5.67
CA VAL A 436 -18.07 57.06 -5.40
C VAL A 436 -19.26 56.15 -5.52
N HIS A 437 -20.11 56.12 -4.51
CA HIS A 437 -21.29 55.26 -4.58
C HIS A 437 -22.55 56.13 -4.36
N HIS A 438 -23.73 55.66 -4.77
CA HIS A 438 -25.04 56.42 -4.60
C HIS A 438 -26.30 55.67 -5.17
N HIS A 439 -27.49 55.85 -4.58
CA HIS A 439 -28.66 54.96 -4.92
C HIS A 439 -29.80 55.47 -5.88
N HIS A 440 -30.93 55.94 -5.33
CA HIS A 440 -32.11 56.49 -6.09
C HIS A 440 -32.18 56.25 -7.62
N GLY A 444 -27.49 55.68 -9.34
CA GLY A 444 -26.55 54.59 -9.60
C GLY A 444 -27.27 53.28 -9.89
N VAL A 445 -26.62 52.38 -10.64
CA VAL A 445 -27.23 51.11 -11.15
C VAL A 445 -26.65 49.79 -10.58
N PHE A 446 -27.60 48.94 -10.16
CA PHE A 446 -27.39 47.61 -9.56
C PHE A 446 -28.70 46.83 -9.76
N ASP A 447 -28.67 45.89 -10.72
CA ASP A 447 -29.86 45.10 -11.12
C ASP A 447 -29.55 43.59 -11.15
N PRO A 448 -29.67 42.90 -10.00
CA PRO A 448 -29.17 41.52 -9.93
C PRO A 448 -30.31 40.52 -10.18
N SER A 449 -30.89 40.57 -11.37
CA SER A 449 -31.91 39.60 -11.74
C SER A 449 -31.88 39.21 -13.20
N THR A 450 -31.02 38.25 -13.48
CA THR A 450 -31.10 37.41 -14.64
C THR A 450 -30.88 36.07 -13.98
N PRO A 451 -31.77 35.10 -14.22
CA PRO A 451 -31.41 33.80 -13.64
C PRO A 451 -30.01 33.35 -14.14
N PHE A 452 -29.32 32.48 -13.41
CA PHE A 452 -28.05 31.92 -13.91
C PHE A 452 -28.02 30.39 -13.76
N THR A 453 -27.48 29.95 -12.63
CA THR A 453 -27.67 28.56 -12.21
C THR A 453 -28.83 28.59 -11.20
N ASN A 454 -29.33 27.42 -10.82
CA ASN A 454 -30.37 27.25 -9.78
C ASN A 454 -30.37 25.77 -9.48
N THR A 455 -30.13 25.41 -8.23
CA THR A 455 -29.93 24.01 -7.95
C THR A 455 -30.74 23.46 -6.77
N VAL A 456 -30.96 22.15 -6.78
CA VAL A 456 -31.18 21.37 -5.56
C VAL A 456 -30.37 20.10 -5.74
N GLN A 457 -29.47 19.88 -4.78
CA GLN A 457 -28.46 18.82 -4.86
C GLN A 457 -28.43 17.95 -3.61
N ARG A 458 -28.81 16.68 -3.75
CA ARG A 458 -28.85 15.76 -2.61
C ARG A 458 -27.68 14.77 -2.63
N ALA A 459 -27.11 14.51 -1.45
CA ALA A 459 -26.09 13.46 -1.30
C ALA A 459 -26.47 12.37 -0.28
N ASP A 460 -25.98 11.15 -0.52
CA ASP A 460 -25.99 10.09 0.47
C ASP A 460 -24.57 9.57 0.61
N GLN A 461 -24.01 9.67 1.83
CA GLN A 461 -22.68 9.13 2.15
C GLN A 461 -22.74 8.10 3.26
N VAL A 462 -21.96 7.03 3.08
CA VAL A 462 -21.92 5.92 4.03
C VAL A 462 -20.52 5.34 4.06
N GLY A 463 -19.95 5.24 5.24
CA GLY A 463 -18.70 4.54 5.38
C GLY A 463 -18.74 3.43 6.43
N VAL A 464 -18.05 2.34 6.15
CA VAL A 464 -17.79 1.32 7.17
C VAL A 464 -16.30 1.36 7.38
N TYR A 465 -15.88 1.41 8.64
CA TYR A 465 -14.47 1.54 8.93
C TYR A 465 -14.13 0.63 10.05
N ALA A 466 -12.90 0.16 10.00
CA ALA A 466 -12.40 -0.56 11.15
C ALA A 466 -10.94 -0.34 11.37
N GLN A 467 -10.52 -0.78 12.54
CA GLN A 467 -9.17 -0.55 12.97
C GLN A 467 -8.85 -1.23 14.27
N GLN A 468 -7.59 -1.64 14.34
CA GLN A 468 -7.07 -2.42 15.43
C GLN A 468 -5.78 -1.76 15.90
N GLN A 469 -5.59 -1.70 17.21
CA GLN A 469 -4.32 -1.24 17.73
C GLN A 469 -3.73 -2.27 18.62
N PHE A 470 -2.42 -2.43 18.53
CA PHE A 470 -1.72 -3.41 19.33
C PHE A 470 -0.72 -2.73 20.25
N THR A 471 -0.79 -2.99 21.54
CA THR A 471 0.29 -2.51 22.37
C THR A 471 1.13 -3.63 22.95
N PHE A 472 2.29 -3.80 22.34
CA PHE A 472 3.15 -4.91 22.63
C PHE A 472 3.94 -4.73 23.90
N ASP A 473 3.48 -5.44 24.94
CA ASP A 473 4.18 -5.53 26.21
C ASP A 473 4.59 -4.10 26.67
N GLU A 474 3.61 -3.21 26.60
CA GLU A 474 3.75 -1.81 27.00
C GLU A 474 4.71 -0.90 26.22
N HIS A 475 5.14 -1.23 25.02
CA HIS A 475 6.08 -0.31 24.35
C HIS A 475 5.78 0.03 22.89
N TRP A 476 5.37 -0.95 22.10
CA TRP A 476 5.14 -0.69 20.70
C TRP A 476 3.68 -0.53 20.47
N VAL A 477 3.33 0.54 19.76
CA VAL A 477 1.98 0.65 19.25
C VAL A 477 1.94 0.56 17.75
N LEU A 478 1.36 -0.55 17.35
CA LEU A 478 1.06 -0.84 15.99
C LEU A 478 -0.43 -0.53 15.76
N THR A 479 -0.69 0.21 14.69
CA THR A 479 -2.04 0.63 14.39
C THR A 479 -2.34 0.45 12.90
N VAL A 480 -3.44 -0.25 12.68
CA VAL A 480 -3.90 -0.66 11.36
C VAL A 480 -5.39 -0.38 11.27
N GLY A 481 -5.82 0.04 10.08
CA GLY A 481 -7.24 0.27 9.81
C GLY A 481 -7.56 0.71 8.38
N GLY A 482 -8.84 0.58 8.02
CA GLY A 482 -9.31 0.87 6.65
C GLY A 482 -10.77 1.29 6.67
N ARG A 483 -11.24 1.82 5.55
CA ARG A 483 -12.62 2.29 5.44
C ARG A 483 -13.11 2.11 4.04
N GLN A 484 -14.31 1.55 3.90
CA GLN A 484 -15.00 1.53 2.60
C GLN A 484 -15.96 2.67 2.60
N ASP A 485 -16.03 3.39 1.48
CA ASP A 485 -16.93 4.54 1.32
C ASP A 485 -17.72 4.55 0.03
N ARG A 486 -19.00 4.87 0.16
CA ARG A 486 -19.90 5.11 -0.95
C ARG A 486 -20.26 6.58 -0.85
N SER A 487 -20.13 7.29 -1.96
CA SER A 487 -20.57 8.67 -2.05
C SER A 487 -21.43 8.88 -3.32
N SER A 488 -22.65 9.37 -3.11
CA SER A 488 -23.59 9.54 -4.19
C SER A 488 -24.19 10.94 -4.15
N ALA A 489 -24.44 11.56 -5.31
CA ALA A 489 -24.82 12.98 -5.34
C ALA A 489 -25.78 13.41 -6.46
N ARG A 490 -27.09 13.33 -6.20
CA ARG A 490 -28.17 13.64 -7.18
C ARG A 490 -28.43 15.15 -7.29
N THR A 491 -27.97 15.74 -8.39
CA THR A 491 -28.04 17.17 -8.62
C THR A 491 -29.07 17.45 -9.68
N ASP A 492 -30.07 18.28 -9.39
CA ASP A 492 -31.00 18.63 -10.49
C ASP A 492 -31.31 20.11 -10.80
N ASN A 493 -31.25 20.42 -12.10
CA ASN A 493 -31.35 21.76 -12.62
C ASN A 493 -32.78 22.23 -12.67
N ARG A 494 -33.10 23.20 -11.81
CA ARG A 494 -34.41 23.83 -11.85
C ARG A 494 -34.46 24.80 -13.04
N MET A 495 -33.29 25.14 -13.61
CA MET A 495 -33.21 26.02 -14.79
C MET A 495 -33.84 25.37 -16.04
N ASN A 496 -33.70 24.06 -16.18
CA ASN A 496 -34.08 23.41 -17.43
C ASN A 496 -34.65 22.03 -17.25
N ASP A 497 -35.04 21.70 -16.02
CA ASP A 497 -35.71 20.42 -15.70
C ASP A 497 -34.99 19.12 -16.13
N SER A 498 -33.65 19.13 -16.01
CA SER A 498 -32.83 17.92 -16.13
C SER A 498 -32.26 17.54 -14.76
N GLY A 499 -32.10 16.23 -14.54
CA GLY A 499 -31.40 15.71 -13.37
C GLY A 499 -30.04 15.18 -13.83
N SER A 500 -29.09 15.11 -12.90
CA SER A 500 -27.82 14.42 -13.12
C SER A 500 -27.36 13.77 -11.82
N LYS A 501 -26.64 12.67 -11.89
CA LYS A 501 -26.32 11.86 -10.72
C LYS A 501 -24.85 11.43 -10.76
N GLN A 502 -24.11 11.51 -9.65
CA GLN A 502 -22.74 11.00 -9.66
C GLN A 502 -22.55 9.99 -8.54
N ASP A 503 -21.70 8.98 -8.74
CA ASP A 503 -21.56 7.85 -7.78
C ASP A 503 -20.11 7.33 -7.64
N ASP A 504 -19.46 7.49 -6.47
CA ASP A 504 -18.02 7.09 -6.30
C ASP A 504 -17.75 6.10 -5.16
N GLU A 505 -16.61 5.39 -5.21
CA GLU A 505 -16.21 4.48 -4.11
C GLU A 505 -14.72 4.43 -3.93
N LYS A 506 -14.26 4.45 -2.69
CA LYS A 506 -12.83 4.26 -2.46
C LYS A 506 -12.57 3.55 -1.14
N PHE A 507 -11.49 2.77 -1.12
CA PHE A 507 -10.95 2.14 0.08
C PHE A 507 -9.84 3.08 0.56
N THR A 508 -9.77 3.32 1.86
CA THR A 508 -8.73 4.15 2.44
C THR A 508 -8.13 3.42 3.62
N TYR A 509 -6.92 3.78 4.03
CA TYR A 509 -6.34 3.02 5.10
C TYR A 509 -5.12 3.66 5.68
N ARG A 510 -4.76 3.15 6.86
CA ARG A 510 -3.62 3.61 7.63
C ARG A 510 -2.84 2.53 8.42
N THR A 511 -1.52 2.56 8.25
CA THR A 511 -0.60 1.68 8.97
C THR A 511 0.29 2.56 9.77
N GLY A 512 0.55 2.22 11.03
CA GLY A 512 1.46 3.03 11.80
C GLY A 512 2.08 2.32 12.95
N LEU A 513 3.38 2.53 13.13
CA LEU A 513 4.11 1.98 14.28
C LEU A 513 4.66 3.08 15.20
N VAL A 514 4.46 2.93 16.52
CA VAL A 514 5.13 3.83 17.48
C VAL A 514 5.89 3.05 18.52
N TYR A 515 7.11 3.49 18.82
CA TYR A 515 7.83 3.00 20.01
C TYR A 515 7.79 4.04 21.10
N LEU A 516 7.22 3.70 22.24
CA LEU A 516 7.16 4.62 23.38
C LEU A 516 8.34 4.37 24.32
N ALA A 517 9.44 5.08 24.14
CA ALA A 517 10.59 4.94 25.05
C ALA A 517 10.29 5.39 26.50
N ASP A 518 11.14 4.99 27.44
CA ASP A 518 10.91 5.38 28.84
C ASP A 518 11.32 6.83 29.05
N ASN A 519 12.36 7.28 28.34
CA ASN A 519 12.84 8.64 28.52
C ASN A 519 11.87 9.68 27.98
N GLY A 520 10.68 9.23 27.55
CA GLY A 520 9.61 10.12 27.06
C GLY A 520 9.56 10.26 25.55
N LEU A 521 10.69 10.02 24.89
CA LEU A 521 10.74 10.07 23.43
C LEU A 521 9.84 9.00 22.86
N ALA A 522 9.27 9.27 21.67
CA ALA A 522 8.33 8.35 21.02
C ALA A 522 8.29 8.48 19.49
N PRO A 523 9.26 7.81 18.78
CA PRO A 523 9.30 7.84 17.32
C PRO A 523 8.13 7.07 16.70
N TYR A 524 7.61 7.61 15.61
CA TYR A 524 6.62 6.89 14.82
C TYR A 524 6.99 6.83 13.30
N ILE A 525 6.54 5.78 12.62
CA ILE A 525 6.46 5.82 11.17
C ILE A 525 4.98 5.62 10.86
N SER A 526 4.52 6.13 9.72
CA SER A 526 3.20 5.78 9.24
C SER A 526 2.92 6.16 7.81
N TYR A 527 1.93 5.48 7.26
CA TYR A 527 1.42 5.70 5.93
C TYR A 527 -0.11 5.74 6.01
N SER A 528 -0.73 6.76 5.41
CA SER A 528 -2.18 6.73 5.21
C SER A 528 -2.59 7.33 3.88
N THR A 529 -3.80 6.97 3.42
CA THR A 529 -4.39 7.55 2.20
C THR A 529 -5.63 8.39 2.49
N SER A 530 -6.17 8.93 1.40
CA SER A 530 -7.24 9.90 1.39
C SER A 530 -7.81 10.08 0.00
N PHE A 531 -9.03 10.57 -0.06
CA PHE A 531 -9.70 10.85 -1.33
C PHE A 531 -10.84 11.88 -1.18
N ASP A 532 -11.04 12.72 -2.20
CA ASP A 532 -12.18 13.64 -2.24
C ASP A 532 -12.84 13.51 -3.61
N PRO A 533 -14.19 13.44 -3.67
CA PRO A 533 -14.77 13.34 -5.01
C PRO A 533 -14.57 14.62 -5.80
N VAL A 534 -14.70 14.53 -7.11
CA VAL A 534 -14.84 15.74 -7.89
C VAL A 534 -16.21 15.65 -8.54
N LEU A 535 -17.06 16.61 -8.18
CA LEU A 535 -18.46 16.62 -8.58
C LEU A 535 -18.66 17.31 -9.92
N GLY A 536 -19.53 16.74 -10.75
CA GLY A 536 -19.81 17.32 -12.05
C GLY A 536 -19.24 16.55 -13.24
N THR A 537 -19.61 17.02 -14.43
CA THR A 537 -19.41 16.25 -15.64
C THR A 537 -18.34 16.98 -16.45
N ASN A 538 -17.36 16.26 -17.00
CA ASN A 538 -16.33 16.90 -17.81
C ASN A 538 -16.91 17.50 -19.11
N PHE A 539 -16.11 17.54 -20.18
CA PHE A 539 -16.56 18.09 -21.47
C PHE A 539 -17.22 17.04 -22.38
N TYR A 540 -16.59 15.89 -22.61
CA TYR A 540 -17.24 14.80 -23.41
C TYR A 540 -18.29 14.09 -22.55
N GLY A 541 -18.84 14.88 -21.63
CA GLY A 541 -19.98 14.50 -20.81
C GLY A 541 -19.78 13.34 -19.86
N THR A 542 -18.52 13.03 -19.49
CA THR A 542 -18.24 11.99 -18.48
C THR A 542 -17.87 12.61 -17.14
N PRO A 543 -18.32 11.97 -16.06
CA PRO A 543 -18.10 12.48 -14.71
C PRO A 543 -16.61 12.48 -14.34
N TYR A 544 -16.19 13.47 -13.57
CA TYR A 544 -14.82 13.47 -13.11
C TYR A 544 -14.58 12.38 -12.08
N LYS A 545 -13.29 12.08 -11.91
CA LYS A 545 -12.82 11.04 -11.02
C LYS A 545 -12.51 11.74 -9.71
N PRO A 546 -12.67 11.04 -8.56
CA PRO A 546 -12.19 11.58 -7.27
C PRO A 546 -10.68 11.77 -7.21
N THR A 547 -10.22 12.80 -6.51
CA THR A 547 -8.79 13.00 -6.26
C THR A 547 -8.32 12.08 -5.14
N SER A 548 -7.06 11.68 -5.15
CA SER A 548 -6.53 10.81 -4.09
C SER A 548 -5.28 11.40 -3.40
N ALA A 549 -4.89 10.85 -2.25
CA ALA A 549 -3.69 11.32 -1.57
C ALA A 549 -3.02 10.26 -0.75
N LYS A 550 -1.72 10.14 -0.89
CA LYS A 550 -0.95 9.17 -0.11
C LYS A 550 0.18 9.88 0.66
N GLN A 551 0.41 9.48 1.91
CA GLN A 551 1.46 10.14 2.69
C GLN A 551 2.30 9.24 3.58
N SER A 552 3.60 9.53 3.58
CA SER A 552 4.53 8.87 4.50
C SER A 552 4.96 9.84 5.56
N GLU A 553 5.19 9.33 6.76
CA GLU A 553 5.63 10.21 7.82
C GLU A 553 6.61 9.46 8.75
N VAL A 554 7.81 9.99 8.89
CA VAL A 554 8.56 9.64 10.07
C VAL A 554 8.40 10.85 10.99
N GLY A 555 8.52 10.63 12.29
CA GLY A 555 8.43 11.71 13.25
C GLY A 555 8.60 11.24 14.66
N VAL A 556 9.18 12.08 15.51
CA VAL A 556 9.31 11.78 16.92
C VAL A 556 8.57 12.83 17.79
N LYS A 557 7.68 12.37 18.68
CA LYS A 557 7.01 13.23 19.68
C LYS A 557 7.70 13.03 21.04
N TYR A 558 7.57 14.00 21.94
CA TYR A 558 8.37 14.06 23.15
C TYR A 558 7.61 14.55 24.35
N GLN A 559 7.77 13.87 25.47
CA GLN A 559 7.36 14.41 26.74
C GLN A 559 8.56 14.57 27.71
N PRO A 560 8.99 15.82 27.98
CA PRO A 560 10.12 16.11 28.88
C PRO A 560 9.97 15.37 30.24
N PRO A 561 11.10 15.24 31.03
CA PRO A 561 11.19 14.25 32.16
C PRO A 561 9.89 14.20 32.99
N GLY A 562 9.62 15.30 33.72
CA GLY A 562 8.34 15.57 34.39
C GLY A 562 8.10 17.08 34.43
N ILE A 563 7.77 17.65 33.27
CA ILE A 563 7.39 19.05 33.12
C ILE A 563 6.14 18.98 32.24
N ASP A 564 5.31 20.03 32.26
CA ASP A 564 4.05 20.02 31.50
C ASP A 564 4.28 20.64 30.15
N SER A 565 4.58 19.79 29.18
CA SER A 565 5.20 20.23 27.96
C SER A 565 5.13 19.12 26.91
N TYR A 566 5.17 19.51 25.64
CA TYR A 566 5.06 18.54 24.57
C TYR A 566 5.84 19.07 23.34
N ILE A 567 6.83 18.34 22.84
CA ILE A 567 7.44 18.73 21.54
C ILE A 567 7.15 17.70 20.46
N THR A 568 6.81 18.14 19.27
CA THR A 568 6.59 17.27 18.10
C THR A 568 7.58 17.62 16.98
N LEU A 569 8.38 16.65 16.53
CA LEU A 569 9.06 16.83 15.25
C LEU A 569 8.47 15.83 14.27
N SER A 570 8.04 16.30 13.09
CA SER A 570 7.46 15.43 12.04
C SER A 570 8.08 15.72 10.68
N LEU A 571 8.48 14.67 9.96
CA LEU A 571 8.90 14.80 8.53
C LEU A 571 8.01 13.93 7.70
N PHE A 572 7.58 14.45 6.56
CA PHE A 572 6.50 13.80 5.79
C PHE A 572 6.61 14.08 4.31
N ASP A 573 6.17 13.13 3.52
CA ASP A 573 5.96 13.35 2.10
C ASP A 573 4.49 13.05 1.78
N LEU A 574 3.81 14.06 1.25
CA LEU A 574 2.39 14.02 0.95
C LEU A 574 2.09 14.32 -0.51
N THR A 575 1.29 13.48 -1.17
CA THR A 575 0.99 13.63 -2.61
C THR A 575 -0.49 13.51 -3.00
N GLN A 576 -0.96 14.45 -3.81
CA GLN A 576 -2.34 14.48 -4.23
C GLN A 576 -2.41 14.11 -5.69
N GLU A 577 -3.29 13.18 -6.08
CA GLU A 577 -3.34 12.73 -7.49
C GLU A 577 -4.68 13.05 -8.14
N ASN A 578 -4.68 13.09 -9.47
CA ASN A 578 -5.87 13.37 -10.28
C ASN A 578 -6.35 14.81 -10.17
N VAL A 579 -5.40 15.70 -9.88
CA VAL A 579 -5.62 17.16 -9.75
C VAL A 579 -6.03 17.72 -11.09
N LEU A 580 -7.05 18.57 -11.10
CA LEU A 580 -7.66 18.94 -12.37
C LEU A 580 -6.78 19.88 -13.14
N THR A 581 -6.06 19.38 -14.12
CA THR A 581 -5.35 20.31 -15.00
C THR A 581 -6.09 20.53 -16.30
N THR A 582 -5.71 21.65 -16.89
CA THR A 582 -6.27 22.19 -18.09
C THR A 582 -5.65 21.37 -19.27
N ASP A 583 -6.53 20.79 -20.11
CA ASP A 583 -6.18 19.84 -21.20
C ASP A 583 -5.52 20.45 -22.44
N PRO A 584 -4.34 19.94 -22.87
CA PRO A 584 -3.71 20.61 -24.02
C PRO A 584 -4.52 20.41 -25.30
N ALA A 585 -5.11 19.22 -25.48
CA ALA A 585 -5.90 18.88 -26.68
C ALA A 585 -7.11 19.79 -26.85
N GLN A 586 -8.03 19.77 -25.90
CA GLN A 586 -9.20 20.68 -25.93
C GLN A 586 -9.18 21.80 -24.81
N ARG A 587 -8.85 23.03 -25.23
CA ARG A 587 -8.53 24.18 -24.36
C ARG A 587 -9.70 24.60 -23.50
N LEU A 588 -10.77 23.79 -23.53
CA LEU A 588 -12.00 24.01 -22.75
C LEU A 588 -12.34 22.73 -21.95
N ASN A 589 -11.31 21.98 -21.58
CA ASN A 589 -11.46 20.69 -20.92
C ASN A 589 -10.44 20.52 -19.82
N LYS A 590 -10.84 19.83 -18.77
CA LYS A 590 -9.95 19.52 -17.67
C LYS A 590 -9.70 18.03 -17.68
N ILE A 591 -8.42 17.65 -17.65
CA ILE A 591 -8.06 16.24 -17.45
C ILE A 591 -7.37 16.05 -16.09
N GLN A 592 -7.52 14.84 -15.57
CA GLN A 592 -7.10 14.45 -14.23
C GLN A 592 -5.59 14.10 -14.11
N THR A 593 -4.80 14.75 -14.93
CA THR A 593 -3.41 14.35 -15.09
C THR A 593 -2.43 14.82 -13.99
N GLY A 594 -2.88 15.77 -13.16
CA GLY A 594 -2.00 16.55 -12.27
C GLY A 594 -1.67 15.95 -10.91
N GLU A 595 -0.43 16.20 -10.47
CA GLU A 595 0.09 15.80 -9.16
C GLU A 595 0.43 17.05 -8.36
N ILE A 596 0.05 17.10 -7.10
CA ILE A 596 0.69 18.08 -6.19
C ILE A 596 1.50 17.29 -5.16
N ASN A 597 2.76 17.66 -4.99
CA ASN A 597 3.64 16.93 -4.06
C ASN A 597 4.19 17.89 -3.06
N VAL A 598 4.17 17.52 -1.78
CA VAL A 598 4.57 18.41 -0.71
C VAL A 598 5.34 17.68 0.35
N ARG A 599 6.62 18.03 0.50
CA ARG A 599 7.43 17.36 1.50
C ARG A 599 7.91 18.40 2.49
N GLY A 600 7.65 18.17 3.77
CA GLY A 600 7.98 19.17 4.79
C GLY A 600 8.46 18.68 6.15
N ILE A 601 8.85 19.65 6.98
CA ILE A 601 9.24 19.41 8.35
C ILE A 601 8.36 20.29 9.25
N GLU A 602 7.86 19.76 10.38
CA GLU A 602 7.13 20.57 11.36
C GLU A 602 7.60 20.27 12.75
N LEU A 603 8.32 21.24 13.31
CA LEU A 603 8.72 21.27 14.72
C LEU A 603 7.78 22.16 15.50
N GLU A 604 7.25 21.67 16.60
CA GLU A 604 6.19 22.37 17.31
C GLU A 604 6.09 21.94 18.74
N GLY A 605 6.10 22.90 19.65
CA GLY A 605 6.03 22.60 21.07
C GLY A 605 5.23 23.59 21.90
N LYS A 606 4.65 23.07 22.98
CA LYS A 606 3.87 23.86 23.89
C LYS A 606 4.34 23.55 25.32
N ALA A 607 4.34 24.53 26.21
CA ALA A 607 4.60 24.26 27.62
C ALA A 607 3.82 25.25 28.51
N SER A 608 3.23 24.75 29.60
CA SER A 608 2.68 25.62 30.67
C SER A 608 3.56 25.43 31.88
N LEU A 609 4.49 26.35 32.03
CA LEU A 609 5.62 26.11 32.89
C LEU A 609 5.29 26.21 34.36
N ALA A 610 6.18 25.53 35.12
CA ALA A 610 6.34 25.66 36.57
C ALA A 610 5.49 26.84 37.15
N ARG A 611 6.01 28.07 37.15
CA ARG A 611 5.35 29.25 37.74
C ARG A 611 4.32 30.05 36.88
N GLY A 612 3.46 29.37 36.10
CA GLY A 612 2.42 30.07 35.30
C GLY A 612 2.86 30.98 34.13
N LEU A 613 4.02 30.66 33.52
CA LEU A 613 4.51 31.15 32.20
C LEU A 613 4.09 30.12 31.19
N ASP A 614 3.45 30.55 30.12
CA ASP A 614 3.14 29.59 29.07
C ASP A 614 3.96 29.91 27.84
N LEU A 615 4.01 28.96 26.90
CA LEU A 615 4.96 29.03 25.82
C LEU A 615 4.49 28.27 24.62
N LEU A 616 4.83 28.80 23.44
CA LEU A 616 4.76 27.98 22.23
C LEU A 616 5.51 28.50 21.03
N ALA A 617 5.87 27.52 20.20
CA ALA A 617 6.68 27.74 19.03
C ALA A 617 6.17 26.72 18.06
N ALA A 618 6.19 27.09 16.79
CA ALA A 618 5.82 26.20 15.73
C ALA A 618 6.63 26.60 14.48
N LEU A 619 7.53 25.72 14.02
CA LEU A 619 8.29 25.95 12.76
C LEU A 619 7.74 25.09 11.66
N THR A 620 7.83 25.55 10.40
CA THR A 620 7.31 24.77 9.25
C THR A 620 8.16 25.05 8.01
N TYR A 621 8.83 24.02 7.47
CA TYR A 621 9.43 24.14 6.12
C TYR A 621 8.65 23.24 5.16
N ASN A 622 8.22 23.80 4.04
CA ASN A 622 7.42 23.06 3.06
C ASN A 622 8.05 23.12 1.65
N ASP A 623 8.36 21.95 1.09
CA ASP A 623 8.71 21.89 -0.32
C ASP A 623 7.48 21.48 -1.14
N ALA A 624 6.97 22.41 -1.95
CA ALA A 624 5.77 22.17 -2.74
C ALA A 624 6.13 22.15 -4.21
N GLU A 625 5.50 21.26 -4.95
CA GLU A 625 5.81 21.11 -6.36
C GLU A 625 4.55 20.70 -7.11
N VAL A 626 4.11 21.56 -8.00
CA VAL A 626 2.99 21.24 -8.85
C VAL A 626 3.57 20.56 -10.07
N SER A 627 2.92 19.48 -10.45
CA SER A 627 3.31 18.69 -11.58
C SER A 627 2.15 18.71 -12.60
N LYS A 628 2.27 19.46 -13.69
CA LYS A 628 1.15 19.59 -14.63
C LYS A 628 0.71 18.24 -15.15
N SER A 629 1.68 17.34 -15.31
CA SER A 629 1.42 15.89 -15.53
C SER A 629 2.67 15.02 -15.26
N ASN A 630 2.50 13.93 -14.51
CA ASN A 630 3.62 13.04 -14.14
C ASN A 630 4.79 12.94 -15.13
N ASN A 631 5.91 13.53 -14.76
CA ASN A 631 7.11 13.50 -15.59
C ASN A 631 8.35 13.69 -14.71
N PRO A 632 8.96 12.60 -14.22
CA PRO A 632 10.04 12.89 -13.26
C PRO A 632 11.33 13.56 -13.80
N LEU A 633 11.39 13.94 -15.07
CA LEU A 633 12.46 14.84 -15.56
C LEU A 633 11.95 16.28 -15.77
N GLU A 634 10.87 16.61 -15.05
CA GLU A 634 10.21 17.93 -15.07
C GLU A 634 10.92 18.92 -14.13
N LYS A 635 10.64 18.83 -12.83
CA LYS A 635 10.86 19.92 -11.88
C LYS A 635 9.76 20.93 -12.22
N GLY A 636 8.56 20.64 -11.72
CA GLY A 636 7.44 21.56 -11.83
C GLY A 636 7.60 22.71 -10.85
N LYS A 637 6.63 23.62 -10.87
CA LYS A 637 6.68 24.87 -10.09
C LYS A 637 6.02 24.78 -8.69
N ARG A 638 6.23 25.78 -7.83
CA ARG A 638 5.53 25.84 -6.55
C ARG A 638 4.11 26.24 -6.87
N PRO A 639 3.14 25.83 -6.06
CA PRO A 639 1.82 26.38 -6.31
C PRO A 639 1.73 27.81 -5.78
N THR A 640 0.73 28.54 -6.23
CA THR A 640 0.52 29.91 -5.79
C THR A 640 0.26 30.00 -4.28
N ASP A 641 0.60 31.14 -3.67
CA ASP A 641 0.26 31.40 -2.27
C ASP A 641 0.64 30.32 -1.29
N THR A 642 1.79 29.69 -1.51
CA THR A 642 2.26 28.67 -0.58
C THR A 642 3.69 28.90 -0.18
N PRO A 643 3.88 29.19 1.11
CA PRO A 643 5.11 29.56 1.74
C PRO A 643 6.05 28.40 1.83
N GLU A 644 7.31 28.68 1.58
CA GLU A 644 8.42 27.80 1.92
C GLU A 644 8.69 27.74 3.45
N LYS A 645 8.61 28.86 4.16
CA LYS A 645 8.86 28.88 5.62
C LYS A 645 7.64 29.50 6.28
N MET A 646 7.35 29.12 7.53
CA MET A 646 6.39 29.79 8.42
C MET A 646 6.78 29.41 9.84
N ALA A 647 7.22 30.37 10.64
CA ALA A 647 7.52 30.12 12.06
C ALA A 647 6.66 31.03 12.99
N SER A 648 6.55 30.69 14.28
CA SER A 648 5.76 31.51 15.18
C SER A 648 6.05 31.15 16.62
N LEU A 649 5.91 32.15 17.49
CA LEU A 649 6.31 32.11 18.91
C LEU A 649 5.34 32.82 19.80
N TRP A 650 5.19 32.34 21.03
CA TRP A 650 4.28 33.01 21.98
C TRP A 650 4.59 32.71 23.46
N ALA A 651 4.48 33.72 24.30
CA ALA A 651 4.63 33.53 25.72
C ALA A 651 3.55 34.39 26.39
N ASP A 652 2.86 33.82 27.37
CA ASP A 652 1.98 34.56 28.25
C ASP A 652 2.49 34.30 29.64
N TYR A 653 2.16 35.19 30.57
CA TYR A 653 2.79 35.22 31.86
C TYR A 653 1.98 36.00 32.89
N THR A 654 1.51 35.35 33.95
CA THR A 654 0.82 36.09 35.02
C THR A 654 1.73 36.12 36.23
N LEU A 655 1.97 37.32 36.78
CA LEU A 655 2.77 37.45 38.01
C LEU A 655 2.05 36.76 39.19
N PRO A 656 2.81 35.95 40.00
CA PRO A 656 2.15 35.06 41.00
C PRO A 656 2.10 35.57 42.48
N GLU A 657 2.96 36.54 42.83
CA GLU A 657 3.09 37.09 44.21
C GLU A 657 3.75 38.47 44.15
N GLY A 658 4.11 39.01 45.30
CA GLY A 658 4.76 40.31 45.30
C GLY A 658 3.81 41.44 44.93
N PRO A 659 4.33 42.68 44.88
CA PRO A 659 3.51 43.91 44.75
C PRO A 659 2.38 43.77 43.71
N LEU A 660 2.76 43.54 42.46
CA LEU A 660 1.81 43.56 41.37
C LEU A 660 1.22 42.17 41.09
N SER A 661 0.95 41.42 42.17
CA SER A 661 0.34 40.10 42.04
C SER A 661 -0.97 40.16 41.22
N GLY A 662 -0.99 39.44 40.10
CA GLY A 662 -2.17 39.43 39.21
C GLY A 662 -2.01 40.15 37.86
N LEU A 663 -0.97 40.96 37.74
CA LEU A 663 -0.60 41.62 36.50
C LEU A 663 0.14 40.68 35.54
N GLY A 664 -0.25 40.68 34.27
CA GLY A 664 0.35 39.79 33.25
C GLY A 664 0.59 40.38 31.87
N PHE A 665 1.64 39.87 31.19
CA PHE A 665 2.03 40.31 29.84
C PHE A 665 1.98 39.13 28.88
N GLY A 666 1.75 39.39 27.60
CA GLY A 666 1.77 38.33 26.61
C GLY A 666 2.35 38.83 25.32
N ALA A 667 3.22 38.05 24.70
CA ALA A 667 3.75 38.42 23.40
C ALA A 667 3.90 37.21 22.48
N GLY A 668 3.81 37.46 21.18
CA GLY A 668 4.01 36.43 20.14
C GLY A 668 4.49 37.02 18.81
N VAL A 669 5.27 36.26 18.06
CA VAL A 669 5.74 36.77 16.79
C VAL A 669 5.31 35.77 15.78
N ARG A 670 4.68 36.20 14.69
CA ARG A 670 4.18 35.27 13.67
C ARG A 670 4.93 35.54 12.35
N TYR A 671 5.48 34.52 11.68
CA TYR A 671 6.23 34.73 10.41
C TYR A 671 5.67 33.97 9.24
N ILE A 672 5.50 34.65 8.12
CA ILE A 672 4.98 34.02 6.90
C ILE A 672 5.84 34.37 5.67
N GLY A 673 6.34 33.36 4.96
CA GLY A 673 7.39 33.56 3.95
C GLY A 673 6.92 34.01 2.58
N SER A 674 7.90 34.24 1.70
CA SER A 674 7.63 34.63 0.32
C SER A 674 6.61 33.69 -0.24
N THR A 675 5.70 34.21 -1.06
CA THR A 675 4.98 33.31 -1.96
C THR A 675 5.23 33.60 -3.45
N GLU A 676 4.61 32.78 -4.30
CA GLU A 676 4.68 32.96 -5.73
C GLU A 676 3.30 33.36 -6.18
N ALA A 677 3.25 34.46 -6.93
CA ALA A 677 2.01 35.05 -7.42
C ALA A 677 1.30 34.24 -8.52
N ASP A 678 2.11 33.72 -9.46
CA ASP A 678 1.62 33.23 -10.75
C ASP A 678 1.99 31.78 -10.92
N ALA A 679 1.12 31.06 -11.60
CA ALA A 679 1.39 29.64 -11.79
C ALA A 679 2.86 29.42 -12.21
N ALA A 680 3.41 30.33 -12.99
CA ALA A 680 4.73 30.20 -13.59
C ALA A 680 5.93 30.57 -12.70
N ASN A 681 5.67 31.08 -11.51
CA ASN A 681 6.76 31.42 -10.59
C ASN A 681 7.69 32.48 -11.13
N THR A 682 7.16 33.59 -11.60
CA THR A 682 8.02 34.70 -12.01
C THR A 682 7.90 35.89 -11.09
N GLN A 683 6.97 35.83 -10.14
CA GLN A 683 6.63 37.00 -9.37
C GLN A 683 6.45 36.71 -7.88
N ARG A 684 7.36 37.24 -7.05
CA ARG A 684 7.34 37.00 -5.61
C ARG A 684 6.37 37.92 -4.86
N VAL A 685 5.77 37.41 -3.78
CA VAL A 685 4.87 38.18 -2.90
C VAL A 685 5.48 38.22 -1.49
N PRO A 686 5.93 39.41 -1.05
CA PRO A 686 6.60 39.76 0.19
C PRO A 686 6.37 38.88 1.44
N SER A 687 7.44 38.63 2.18
CA SER A 687 7.33 37.91 3.46
C SER A 687 6.79 38.87 4.49
N TYR A 688 6.46 38.39 5.67
CA TYR A 688 6.08 39.33 6.71
C TYR A 688 6.00 38.82 8.11
N THR A 689 6.42 39.68 9.01
CA THR A 689 6.43 39.35 10.41
C THR A 689 5.51 40.32 11.13
N LEU A 690 4.74 39.79 12.07
CA LEU A 690 3.71 40.52 12.81
C LEU A 690 3.94 40.30 14.31
N LEU A 691 3.77 41.34 15.13
CA LEU A 691 3.91 41.11 16.59
C LEU A 691 2.56 41.11 17.26
N ASP A 692 2.41 40.32 18.31
CA ASP A 692 1.19 40.34 19.10
C ASP A 692 1.50 40.67 20.57
N ALA A 693 0.55 41.31 21.27
CA ALA A 693 0.77 41.69 22.67
C ALA A 693 -0.46 41.58 23.59
N ALA A 694 -0.19 41.51 24.89
CA ALA A 694 -1.25 41.51 25.87
C ALA A 694 -0.76 42.05 27.21
N VAL A 695 -1.54 42.94 27.83
CA VAL A 695 -1.50 43.08 29.28
C VAL A 695 -2.86 42.69 29.82
N HIS A 696 -2.81 42.26 31.05
CA HIS A 696 -3.99 41.75 31.68
C HIS A 696 -3.78 41.72 33.20
N TYR A 697 -4.86 42.00 33.92
CA TYR A 697 -4.82 42.14 35.35
C TYR A 697 -6.05 41.51 35.99
N ASP A 698 -5.80 40.63 36.94
CA ASP A 698 -6.83 40.08 37.81
C ASP A 698 -6.87 40.88 39.12
N PHE A 699 -8.00 41.54 39.39
CA PHE A 699 -8.11 42.40 40.55
C PHE A 699 -7.88 41.75 41.92
N ASP A 700 -8.67 40.72 42.27
CA ASP A 700 -8.47 39.87 43.49
C ASP A 700 -7.56 40.43 44.61
N LYS A 701 -6.26 40.56 44.32
CA LYS A 701 -5.37 41.17 45.31
C LYS A 701 -5.73 42.67 45.57
N LEU A 702 -5.77 43.52 44.53
CA LEU A 702 -6.02 44.97 44.72
C LEU A 702 -7.36 45.35 45.36
N ILE A 703 -8.46 45.19 44.63
CA ILE A 703 -9.77 45.23 45.28
C ILE A 703 -10.19 43.80 45.54
N PRO A 704 -10.22 43.40 46.83
CA PRO A 704 -10.48 42.02 47.03
C PRO A 704 -11.99 41.73 46.82
N ALA A 705 -12.82 42.75 47.04
CA ALA A 705 -14.25 42.61 46.94
C ALA A 705 -14.64 42.43 45.48
N ALA A 706 -13.71 42.71 44.59
CA ALA A 706 -13.96 42.53 43.17
C ALA A 706 -13.29 41.26 42.66
N LYS A 707 -13.13 40.29 43.56
CA LYS A 707 -12.40 39.10 43.21
C LYS A 707 -13.15 38.43 42.09
N GLY A 708 -12.39 37.90 41.14
CA GLY A 708 -12.93 37.22 39.97
C GLY A 708 -12.98 38.08 38.72
N LEU A 709 -12.68 39.38 38.83
CA LEU A 709 -12.76 40.32 37.70
C LEU A 709 -11.41 40.40 36.96
N ARG A 710 -11.44 40.63 35.63
CA ARG A 710 -10.22 40.63 34.80
C ARG A 710 -10.26 41.63 33.66
N LEU A 711 -9.23 42.47 33.59
CA LEU A 711 -9.03 43.40 32.50
C LEU A 711 -7.99 42.80 31.56
N ALA A 712 -8.32 42.69 30.27
CA ALA A 712 -7.40 42.09 29.29
C ALA A 712 -7.40 42.90 28.03
N VAL A 713 -6.21 43.33 27.61
CA VAL A 713 -6.07 44.09 26.38
C VAL A 713 -5.07 43.40 25.45
N ASN A 714 -5.51 43.13 24.24
CA ASN A 714 -4.72 42.38 23.27
C ASN A 714 -4.59 43.13 21.95
N ALA A 715 -3.38 43.08 21.39
CA ALA A 715 -3.12 43.61 20.06
C ALA A 715 -2.62 42.54 19.04
N THR A 716 -3.24 42.55 17.84
CA THR A 716 -2.82 41.90 16.57
C THR A 716 -1.98 42.86 15.71
N ASN A 717 -0.87 42.36 15.16
CA ASN A 717 -0.10 43.22 14.25
C ASN A 717 0.14 44.53 15.00
N LEU A 718 0.89 44.45 16.10
CA LEU A 718 0.96 45.55 17.05
C LEU A 718 1.52 46.81 16.39
N THR A 719 2.50 46.59 15.52
CA THR A 719 3.25 47.66 14.86
C THR A 719 2.52 48.13 13.58
N ASP A 720 1.41 47.48 13.24
CA ASP A 720 0.60 47.86 12.08
C ASP A 720 1.44 47.84 10.82
N LYS A 721 1.97 46.66 10.49
CA LYS A 721 2.55 46.49 9.19
C LYS A 721 1.36 46.34 8.24
N HIS A 722 1.37 47.10 7.15
CA HIS A 722 0.35 46.95 6.12
C HIS A 722 0.79 45.95 5.07
N TYR A 723 0.35 44.70 5.15
CA TYR A 723 0.90 43.61 4.28
C TYR A 723 -0.15 43.05 3.28
N TYR A 724 0.28 42.22 2.33
CA TYR A 724 -0.67 41.54 1.45
C TYR A 724 -0.84 40.13 1.90
N GLU A 725 -2.08 39.72 2.10
CA GLU A 725 -2.36 38.35 2.50
C GLU A 725 -1.91 37.41 1.42
N GLY A 726 -2.47 37.55 0.23
CA GLY A 726 -1.93 36.86 -0.95
C GLY A 726 -2.02 37.70 -2.21
N CYS A 727 -1.14 37.45 -3.18
CA CYS A 727 -1.37 38.03 -4.49
C CYS A 727 -1.42 37.00 -5.61
N SER A 728 -2.48 37.12 -6.39
CA SER A 728 -2.52 36.66 -7.76
C SER A 728 -1.65 37.67 -8.52
N LEU A 729 -1.67 37.61 -9.86
CA LEU A 729 -1.08 38.66 -10.67
C LEU A 729 -2.16 39.72 -11.01
N THR A 730 -3.41 39.36 -10.79
CA THR A 730 -4.52 40.26 -10.99
C THR A 730 -4.76 41.07 -9.76
N ASN A 731 -4.90 40.38 -8.62
CA ASN A 731 -5.21 41.08 -7.36
C ASN A 731 -4.63 40.59 -6.02
N CYS A 732 -4.57 41.50 -5.07
CA CYS A 732 -3.97 41.23 -3.79
C CYS A 732 -4.98 41.22 -2.65
N SER A 733 -4.59 40.67 -1.51
CA SER A 733 -5.45 40.72 -0.38
C SER A 733 -4.87 41.54 0.75
N ALA A 734 -5.67 42.47 1.24
CA ALA A 734 -5.31 43.34 2.32
C ALA A 734 -5.16 42.53 3.56
N GLY A 735 -3.98 42.64 4.15
CA GLY A 735 -3.66 41.93 5.38
C GLY A 735 -4.32 42.59 6.59
N TYR A 736 -4.29 41.95 7.74
CA TYR A 736 -4.91 42.48 8.97
C TYR A 736 -4.14 43.67 9.54
N ASP A 737 -4.70 44.87 9.38
CA ASP A 737 -4.16 46.05 10.00
C ASP A 737 -4.25 45.84 11.53
N ARG A 738 -3.53 46.69 12.29
CA ARG A 738 -3.47 46.50 13.74
C ARG A 738 -4.88 46.47 14.31
N SER A 739 -5.25 45.41 15.02
CA SER A 739 -6.54 45.41 15.71
C SER A 739 -6.44 45.12 17.22
N VAL A 740 -7.23 45.83 18.03
CA VAL A 740 -7.23 45.71 19.51
C VAL A 740 -8.54 45.18 20.11
N ILE A 741 -8.41 44.26 21.06
CA ILE A 741 -9.56 43.78 21.79
C ILE A 741 -9.23 43.94 23.25
N ALA A 742 -10.11 44.72 23.91
CA ALA A 742 -10.09 44.96 25.35
C ALA A 742 -11.37 44.38 25.87
N SER A 743 -11.24 43.76 27.03
CA SER A 743 -12.34 43.09 27.68
C SER A 743 -12.27 43.13 29.20
N LEU A 744 -13.46 43.07 29.79
CA LEU A 744 -13.65 42.94 31.21
C LEU A 744 -14.34 41.63 31.38
N ARG A 745 -13.75 40.77 32.21
CA ARG A 745 -14.29 39.43 32.44
C ARG A 745 -14.50 39.22 33.92
N TYR A 746 -15.65 38.66 34.25
CA TYR A 746 -15.98 38.41 35.62
C TYR A 746 -16.44 36.98 35.78
N ARG A 747 -15.96 36.33 36.87
CA ARG A 747 -16.26 34.91 37.25
C ARG A 747 -16.58 34.66 38.74
N TRP A 748 -17.59 33.82 38.99
CA TRP A 748 -17.96 33.41 40.33
C TRP A 748 -18.49 31.99 40.35
N PRO B 73 22.31 -25.11 16.09
CA PRO B 73 21.20 -26.03 15.75
C PRO B 73 21.26 -26.71 14.31
N ASP B 74 20.44 -26.22 13.36
CA ASP B 74 20.44 -26.68 11.94
C ASP B 74 20.45 -25.54 10.91
N SER B 75 20.83 -25.88 9.67
CA SER B 75 21.06 -24.91 8.61
C SER B 75 19.78 -24.60 7.82
N ALA B 76 19.75 -23.41 7.23
CA ALA B 76 18.66 -23.00 6.39
C ALA B 76 18.94 -23.30 4.93
N THR B 77 19.96 -24.13 4.69
CA THR B 77 20.77 -24.13 3.47
C THR B 77 21.37 -25.50 3.27
N GLY B 78 21.77 -26.07 4.40
CA GLY B 78 22.57 -27.24 4.48
C GLY B 78 21.71 -28.48 4.57
N PRO B 79 22.39 -29.62 4.77
CA PRO B 79 21.90 -30.98 4.60
C PRO B 79 21.19 -31.41 5.87
N GLN B 80 20.35 -32.42 5.80
CA GLN B 80 19.68 -32.87 7.00
C GLN B 80 18.86 -34.10 6.79
N ALA B 81 18.87 -34.87 7.87
CA ALA B 81 18.01 -36.01 8.07
C ALA B 81 16.55 -35.63 7.90
N GLY B 82 15.76 -36.56 7.38
CA GLY B 82 14.31 -36.46 7.53
C GLY B 82 13.59 -35.84 6.36
N TYR B 83 12.29 -35.77 6.50
CA TYR B 83 11.46 -35.09 5.51
C TYR B 83 11.09 -33.72 6.03
N VAL B 84 11.52 -33.39 7.24
CA VAL B 84 11.04 -32.17 7.91
C VAL B 84 12.09 -31.09 8.19
N ALA B 85 12.03 -30.02 7.40
CA ALA B 85 12.92 -28.87 7.60
C ALA B 85 12.28 -27.82 8.49
N LYS B 86 13.15 -27.08 9.17
CA LYS B 86 12.71 -26.14 10.19
C LYS B 86 13.14 -24.69 9.84
N ARG B 87 14.23 -24.54 9.09
CA ARG B 87 14.71 -23.23 8.72
C ARG B 87 14.76 -23.00 7.19
N SER B 88 14.85 -21.74 6.75
CA SER B 88 14.98 -21.39 5.32
C SER B 88 15.47 -19.96 5.07
N LEU B 89 16.32 -19.80 4.08
CA LEU B 89 16.71 -18.47 3.72
C LEU B 89 15.63 -17.85 2.87
N SER B 90 15.07 -18.69 1.99
CA SER B 90 14.03 -18.32 1.02
C SER B 90 12.93 -17.39 1.46
N GLY B 91 12.53 -17.43 2.72
CA GLY B 91 11.36 -16.70 3.19
C GLY B 91 11.59 -15.25 3.62
N THR B 92 12.84 -14.90 3.87
CA THR B 92 13.13 -13.55 4.36
C THR B 92 14.45 -12.96 3.90
N LYS B 93 15.20 -13.70 3.09
CA LYS B 93 16.61 -13.39 2.82
C LYS B 93 17.53 -13.35 4.09
N THR B 94 16.94 -13.77 5.21
CA THR B 94 17.64 -14.00 6.45
C THR B 94 17.29 -15.39 7.01
N ASP B 95 18.03 -15.85 8.01
CA ASP B 95 17.93 -17.21 8.56
C ASP B 95 16.72 -17.30 9.48
N ALA B 96 15.59 -17.76 8.93
CA ALA B 96 14.31 -17.71 9.65
C ALA B 96 13.78 -19.09 9.92
N SER B 97 13.07 -19.31 11.03
CA SER B 97 12.18 -20.48 11.17
C SER B 97 11.06 -20.50 10.13
N LEU B 98 10.44 -21.63 9.89
CA LEU B 98 9.29 -21.59 8.98
C LEU B 98 8.03 -20.87 9.55
N SER B 99 7.84 -20.94 10.88
CA SER B 99 6.70 -20.30 11.54
C SER B 99 6.94 -18.80 11.63
N GLU B 100 8.22 -18.42 11.71
CA GLU B 100 8.66 -17.00 11.66
C GLU B 100 8.28 -16.30 10.34
N ILE B 101 8.24 -17.07 9.25
CA ILE B 101 7.92 -16.56 7.90
C ILE B 101 6.41 -16.52 7.72
N PRO B 102 5.85 -15.36 7.40
CA PRO B 102 4.42 -15.13 7.42
C PRO B 102 3.76 -15.27 6.03
N GLN B 103 3.96 -16.45 5.46
CA GLN B 103 3.65 -16.79 4.08
C GLN B 103 3.88 -18.31 3.93
N SER B 104 3.20 -18.96 2.99
CA SER B 104 3.36 -20.40 2.82
C SER B 104 4.75 -20.74 2.19
N ILE B 105 5.54 -21.55 2.88
CA ILE B 105 6.80 -21.99 2.27
C ILE B 105 7.06 -23.46 2.57
N SER B 106 7.06 -24.33 1.54
CA SER B 106 7.40 -25.78 1.71
C SER B 106 8.90 -26.00 1.50
N VAL B 107 9.45 -27.03 2.13
CA VAL B 107 10.84 -27.39 1.81
C VAL B 107 10.87 -28.85 1.41
N ILE B 108 11.19 -29.08 0.14
CA ILE B 108 11.40 -30.42 -0.31
C ILE B 108 12.82 -30.82 0.08
N THR B 109 12.91 -31.79 0.96
CA THR B 109 14.14 -32.11 1.67
C THR B 109 14.94 -33.17 0.90
N ARG B 110 16.26 -33.17 1.08
CA ARG B 110 17.12 -34.12 0.34
C ARG B 110 16.74 -35.60 0.41
N ASP B 111 16.29 -36.07 1.58
CA ASP B 111 15.95 -37.48 1.74
C ASP B 111 14.60 -37.79 1.07
N GLN B 112 13.66 -36.83 1.07
CA GLN B 112 12.42 -37.04 0.33
C GLN B 112 12.75 -37.25 -1.14
N MET B 113 13.77 -36.55 -1.64
CA MET B 113 14.12 -36.63 -3.05
C MET B 113 14.73 -37.98 -3.38
N ASP B 114 15.47 -38.53 -2.42
CA ASP B 114 16.13 -39.80 -2.64
C ASP B 114 15.10 -40.93 -2.60
N ALA B 115 14.27 -40.92 -1.57
CA ALA B 115 13.25 -41.91 -1.38
C ALA B 115 12.31 -42.10 -2.59
N GLN B 116 12.00 -41.01 -3.29
CA GLN B 116 11.17 -41.09 -4.50
C GLN B 116 12.05 -41.33 -5.75
N GLN B 117 13.37 -41.10 -5.60
CA GLN B 117 14.37 -41.11 -6.70
C GLN B 117 13.94 -40.18 -7.80
N VAL B 118 13.68 -38.94 -7.44
CA VAL B 118 13.21 -38.04 -8.44
C VAL B 118 14.40 -37.74 -9.30
N GLN B 119 14.21 -37.78 -10.61
CA GLN B 119 15.29 -37.46 -11.51
C GLN B 119 15.22 -36.03 -12.11
N SER B 120 14.42 -35.14 -11.53
CA SER B 120 14.20 -33.74 -12.02
C SER B 120 13.44 -32.82 -11.07
N VAL B 121 13.78 -31.55 -11.08
CA VAL B 121 13.16 -30.63 -10.11
C VAL B 121 11.63 -30.73 -10.15
N ASN B 122 11.08 -30.64 -11.37
CA ASN B 122 9.64 -30.84 -11.63
C ASN B 122 9.04 -32.08 -11.06
N GLU B 123 9.73 -33.21 -11.12
CA GLU B 123 9.24 -34.39 -10.51
C GLU B 123 9.33 -34.33 -9.00
N ALA B 124 10.37 -33.71 -8.47
CA ALA B 124 10.41 -33.54 -7.02
C ALA B 124 9.19 -32.74 -6.46
N LEU B 125 8.58 -31.88 -7.27
CA LEU B 125 7.51 -31.05 -6.76
C LEU B 125 6.10 -31.66 -6.86
N ARG B 126 6.03 -32.95 -7.19
CA ARG B 126 4.71 -33.54 -7.46
C ARG B 126 3.83 -33.67 -6.22
N TYR B 127 4.47 -33.93 -5.08
CA TYR B 127 3.87 -34.11 -3.75
C TYR B 127 4.26 -32.89 -2.96
N THR B 128 3.49 -31.82 -3.16
CA THR B 128 3.76 -30.50 -2.57
C THR B 128 2.58 -29.69 -3.06
N ALA B 129 1.67 -29.40 -2.14
CA ALA B 129 0.36 -28.86 -2.48
C ALA B 129 0.60 -27.42 -2.83
N GLY B 130 -0.37 -26.84 -3.55
CA GLY B 130 -0.23 -25.52 -4.12
C GLY B 130 0.41 -25.57 -5.50
N VAL B 131 1.34 -26.52 -5.67
CA VAL B 131 2.19 -26.67 -6.85
C VAL B 131 1.69 -27.82 -7.73
N GLN B 132 1.61 -27.58 -9.04
CA GLN B 132 1.32 -28.62 -10.04
C GLN B 132 2.43 -28.73 -11.10
N ALA B 133 3.01 -29.93 -11.22
CA ALA B 133 4.15 -30.20 -12.08
C ALA B 133 3.76 -30.32 -13.53
N ASN B 134 4.06 -29.32 -14.30
CA ASN B 134 3.53 -29.32 -15.65
C ASN B 134 4.30 -29.86 -16.89
N THR B 135 5.58 -30.20 -16.74
CA THR B 135 6.38 -30.59 -17.89
C THR B 135 5.87 -31.93 -18.40
N THR B 136 5.44 -31.92 -19.65
CA THR B 136 4.80 -33.06 -20.34
C THR B 136 5.84 -34.12 -20.66
N ALA B 137 5.46 -35.39 -20.74
CA ALA B 137 6.49 -36.45 -20.80
C ALA B 137 7.37 -36.40 -22.04
N ALA B 138 6.71 -36.15 -23.17
CA ALA B 138 7.31 -36.13 -24.51
C ALA B 138 8.42 -35.09 -24.76
N SER B 139 8.62 -34.18 -23.81
CA SER B 139 9.31 -32.91 -24.08
C SER B 139 9.69 -32.24 -22.79
N GLN B 140 10.84 -32.66 -22.29
CA GLN B 140 11.22 -32.32 -20.94
C GLN B 140 12.33 -31.32 -20.89
N ARG B 141 12.35 -30.38 -21.83
CA ARG B 141 13.41 -29.39 -21.90
C ARG B 141 13.47 -28.52 -20.66
N PHE B 142 12.31 -28.36 -20.00
CA PHE B 142 12.15 -27.40 -18.90
C PHE B 142 11.44 -27.96 -17.69
N ASP B 143 11.79 -27.50 -16.51
CA ASP B 143 11.00 -27.83 -15.34
C ASP B 143 9.89 -26.81 -15.32
N THR B 144 8.85 -27.05 -16.12
CA THR B 144 7.69 -26.14 -16.21
C THR B 144 6.65 -26.52 -15.16
N LEU B 145 6.48 -25.71 -14.12
CA LEU B 145 5.43 -25.97 -13.14
C LEU B 145 4.64 -24.71 -12.68
N SER B 146 3.35 -24.90 -12.36
CA SER B 146 2.43 -23.81 -11.96
C SER B 146 2.13 -23.84 -10.47
N ILE B 147 2.43 -22.73 -9.80
CA ILE B 147 2.13 -22.58 -8.39
C ILE B 147 0.92 -21.66 -8.19
N ARG B 148 -0.07 -22.20 -7.48
CA ARG B 148 -1.29 -21.48 -7.20
C ARG B 148 -1.92 -20.94 -8.50
N GLY B 149 -1.90 -21.72 -9.57
CA GLY B 149 -2.60 -21.31 -10.77
C GLY B 149 -1.71 -20.70 -11.82
N PHE B 150 -0.56 -20.15 -11.39
CA PHE B 150 0.32 -19.37 -12.28
C PHE B 150 1.57 -20.08 -12.63
N ASP B 151 2.09 -19.86 -13.83
CA ASP B 151 3.31 -20.57 -14.28
C ASP B 151 4.52 -19.93 -13.59
N VAL B 152 5.58 -20.66 -13.35
CA VAL B 152 6.67 -19.96 -12.71
C VAL B 152 8.06 -20.02 -13.39
N THR B 153 8.10 -20.11 -14.73
CA THR B 153 9.41 -20.24 -15.41
C THR B 153 10.17 -18.99 -15.05
N THR B 154 9.39 -17.93 -14.98
CA THR B 154 9.81 -16.63 -14.48
C THR B 154 10.30 -16.61 -12.98
N GLY B 155 10.00 -17.67 -12.22
CA GLY B 155 10.25 -17.70 -10.78
C GLY B 155 11.30 -18.68 -10.25
N MET B 156 12.05 -19.32 -11.14
CA MET B 156 13.06 -20.24 -10.70
C MET B 156 14.25 -19.45 -10.25
N LEU B 157 14.77 -19.86 -9.09
CA LEU B 157 15.99 -19.38 -8.52
C LEU B 157 16.88 -20.55 -8.18
N ARG B 158 18.18 -20.29 -8.09
CA ARG B 158 19.14 -21.29 -7.70
C ARG B 158 20.05 -20.58 -6.71
N ASP B 159 20.04 -20.99 -5.45
CA ASP B 159 20.71 -20.24 -4.37
C ASP B 159 20.26 -18.79 -4.31
N GLY B 160 19.05 -18.55 -4.81
CA GLY B 160 18.37 -17.27 -4.69
C GLY B 160 18.76 -16.18 -5.66
N LEU B 161 19.40 -16.59 -6.74
CA LEU B 161 19.72 -15.72 -7.84
C LEU B 161 18.99 -16.34 -9.01
N LYS B 162 18.38 -15.49 -9.82
CA LYS B 162 17.75 -15.85 -11.08
C LYS B 162 18.81 -16.36 -12.05
N GLY B 163 18.43 -16.69 -13.28
CA GLY B 163 19.41 -17.30 -14.15
C GLY B 163 18.86 -17.48 -15.52
N ASN B 164 17.71 -16.85 -15.72
CA ASN B 164 16.94 -16.93 -16.95
C ASN B 164 16.90 -15.60 -17.67
N THR B 165 16.77 -15.67 -19.00
CA THR B 165 16.36 -14.53 -19.82
C THR B 165 14.90 -14.78 -20.28
N ALA B 166 14.49 -14.13 -21.36
CA ALA B 166 13.11 -14.19 -21.74
C ALA B 166 12.80 -15.54 -22.35
N GLN B 167 13.80 -16.14 -23.00
CA GLN B 167 13.66 -17.49 -23.61
C GLN B 167 14.72 -18.53 -23.20
N ALA B 168 15.90 -18.06 -22.78
CA ALA B 168 16.93 -18.93 -22.22
C ALA B 168 16.56 -19.31 -20.78
N TRP B 169 16.03 -20.53 -20.65
CA TRP B 169 15.56 -20.99 -19.35
C TRP B 169 16.43 -22.15 -18.93
N PRO B 170 17.04 -22.10 -17.72
CA PRO B 170 17.96 -23.17 -17.36
C PRO B 170 17.17 -24.35 -16.87
N LYS B 171 17.82 -25.51 -16.78
CA LYS B 171 17.22 -26.71 -16.18
C LYS B 171 18.20 -27.36 -15.20
N VAL B 172 17.97 -27.11 -13.92
CA VAL B 172 18.90 -27.55 -12.86
C VAL B 172 18.89 -29.08 -12.63
N GLU B 173 20.07 -29.69 -12.57
CA GLU B 173 20.14 -31.16 -12.35
C GLU B 173 19.91 -31.55 -10.90
N ALA B 174 18.80 -32.27 -10.68
CA ALA B 174 18.26 -32.56 -9.34
C ALA B 174 19.32 -33.11 -8.37
N TYR B 175 20.10 -34.04 -8.90
CA TYR B 175 21.22 -34.62 -8.16
C TYR B 175 22.27 -33.62 -7.63
N GLY B 176 22.27 -32.37 -8.14
CA GLY B 176 23.24 -31.33 -7.78
C GLY B 176 22.68 -30.43 -6.69
N LEU B 177 21.42 -30.67 -6.34
CA LEU B 177 20.75 -29.89 -5.31
C LEU B 177 20.84 -30.52 -3.92
N GLU B 178 20.63 -29.72 -2.88
CA GLU B 178 20.62 -30.18 -1.50
C GLU B 178 19.18 -30.09 -0.96
N ARG B 179 18.44 -29.04 -1.35
CA ARG B 179 16.97 -28.95 -1.15
C ARG B 179 16.28 -28.02 -2.15
N ILE B 180 15.02 -28.26 -2.41
CA ILE B 180 14.23 -27.23 -3.08
C ILE B 180 13.33 -26.48 -2.09
N ASP B 181 13.31 -25.14 -2.15
CA ASP B 181 12.34 -24.31 -1.39
C ASP B 181 11.16 -23.85 -2.27
N VAL B 182 9.94 -23.91 -1.76
CA VAL B 182 8.83 -23.32 -2.54
C VAL B 182 8.04 -22.21 -1.80
N LEU B 183 8.36 -20.95 -2.13
CA LEU B 183 7.69 -19.81 -1.52
C LEU B 183 6.42 -19.50 -2.33
N LYS B 184 5.27 -19.54 -1.67
CA LYS B 184 4.01 -19.55 -2.40
C LYS B 184 3.29 -18.24 -2.31
N GLY B 185 3.18 -17.59 -3.47
CA GLY B 185 2.49 -16.31 -3.58
C GLY B 185 3.46 -15.21 -3.98
N PRO B 186 2.96 -14.00 -4.14
CA PRO B 186 3.75 -12.87 -4.60
C PRO B 186 5.05 -12.70 -3.84
N ALA B 187 6.19 -12.91 -4.49
CA ALA B 187 7.40 -12.72 -3.70
C ALA B 187 8.31 -11.62 -4.17
N SER B 188 7.75 -10.64 -4.88
CA SER B 188 8.58 -9.67 -5.58
C SER B 188 9.31 -8.79 -4.59
N VAL B 189 8.61 -8.52 -3.50
CA VAL B 189 9.13 -7.98 -2.24
C VAL B 189 10.60 -8.24 -2.00
N LEU B 190 10.95 -9.50 -2.15
CA LEU B 190 12.28 -10.00 -1.92
C LEU B 190 13.06 -10.23 -3.21
N PHE B 191 12.40 -10.68 -4.27
CA PHE B 191 13.15 -11.12 -5.45
C PHE B 191 13.02 -10.29 -6.70
N GLY B 192 12.04 -9.40 -6.73
CA GLY B 192 11.92 -8.48 -7.85
C GLY B 192 10.97 -9.05 -8.87
N GLN B 193 11.23 -8.75 -10.15
CA GLN B 193 10.22 -9.09 -11.13
C GLN B 193 9.95 -10.55 -11.00
N ASN B 194 8.67 -10.91 -10.96
CA ASN B 194 8.34 -12.29 -10.73
C ASN B 194 6.93 -12.70 -11.03
N SER B 195 6.77 -14.00 -11.29
CA SER B 195 5.44 -14.54 -11.47
C SER B 195 4.71 -14.43 -10.14
N PRO B 196 3.38 -14.20 -10.21
CA PRO B 196 2.58 -14.15 -9.02
C PRO B 196 2.69 -15.47 -8.24
N GLY B 197 2.57 -16.61 -8.91
CA GLY B 197 2.64 -17.96 -8.29
C GLY B 197 3.56 -18.21 -7.10
N GLY B 198 4.85 -17.94 -7.26
CA GLY B 198 5.78 -18.02 -6.14
C GLY B 198 7.20 -18.12 -6.66
N VAL B 199 8.15 -18.41 -5.79
CA VAL B 199 9.49 -18.73 -6.30
C VAL B 199 9.90 -20.11 -5.85
N VAL B 200 10.65 -20.81 -6.70
CA VAL B 200 11.14 -22.11 -6.35
C VAL B 200 12.61 -21.87 -6.18
N ASN B 201 13.11 -21.76 -4.96
CA ASN B 201 14.54 -21.56 -4.78
C ASN B 201 15.22 -22.91 -4.68
N GLN B 202 15.86 -23.31 -5.79
CA GLN B 202 16.70 -24.53 -5.94
C GLN B 202 18.06 -24.37 -5.28
N ILE B 203 18.26 -24.92 -4.09
CA ILE B 203 19.53 -24.72 -3.38
C ILE B 203 20.51 -25.77 -3.80
N SER B 204 21.70 -25.32 -4.19
CA SER B 204 22.77 -26.19 -4.64
C SER B 204 23.41 -26.97 -3.48
N LYS B 205 23.73 -28.22 -3.74
CA LYS B 205 24.65 -28.97 -2.91
C LYS B 205 25.95 -28.12 -2.70
N ARG B 206 26.51 -28.11 -1.49
CA ARG B 206 27.73 -27.32 -1.23
C ARG B 206 28.69 -28.09 -0.37
N PRO B 207 30.00 -27.83 -0.49
CA PRO B 207 30.99 -28.57 0.31
C PRO B 207 30.55 -28.76 1.74
N LEU B 208 30.80 -29.96 2.28
CA LEU B 208 30.56 -30.36 3.70
C LEU B 208 31.84 -30.49 4.57
N ASP B 209 31.66 -30.37 5.89
CA ASP B 209 32.78 -30.38 6.86
C ASP B 209 33.15 -31.76 7.43
N LYS B 210 32.49 -32.82 6.96
CA LYS B 210 32.89 -34.21 7.31
C LYS B 210 32.81 -35.22 6.15
N PRO B 211 33.94 -35.90 5.88
CA PRO B 211 34.12 -36.66 4.64
C PRO B 211 32.97 -37.58 4.25
N PHE B 212 32.10 -37.09 3.37
CA PHE B 212 30.99 -37.89 2.81
C PHE B 212 31.23 -38.47 1.39
N HIS B 213 30.91 -39.75 1.14
CA HIS B 213 31.18 -40.35 -0.19
C HIS B 213 30.03 -41.19 -0.79
N GLU B 214 29.72 -40.99 -2.08
CA GLU B 214 28.66 -41.77 -2.72
C GLU B 214 28.89 -42.06 -4.19
N VAL B 215 28.64 -43.31 -4.56
CA VAL B 215 28.73 -43.76 -5.92
C VAL B 215 27.48 -44.59 -6.17
N GLN B 216 26.74 -44.28 -7.22
CA GLN B 216 25.55 -45.04 -7.53
C GLN B 216 25.46 -45.30 -9.00
N ILE B 217 24.95 -46.48 -9.35
CA ILE B 217 24.69 -46.86 -10.74
C ILE B 217 23.27 -47.35 -10.88
N GLN B 218 22.75 -47.37 -12.09
CA GLN B 218 21.39 -47.82 -12.32
C GLN B 218 21.01 -48.07 -13.76
N GLY B 219 19.82 -48.64 -13.90
CA GLY B 219 19.27 -49.11 -15.15
C GLY B 219 17.82 -48.97 -14.82
N GLY B 220 16.96 -49.50 -15.66
CA GLY B 220 15.54 -49.24 -15.52
C GLY B 220 14.81 -49.12 -16.86
N SER B 221 13.72 -48.38 -16.90
CA SER B 221 12.88 -48.44 -18.08
C SER B 221 13.59 -47.77 -19.23
N PHE B 222 13.23 -48.26 -20.42
CA PHE B 222 13.65 -47.71 -21.74
C PHE B 222 15.12 -47.72 -21.94
N ASP B 223 15.75 -48.85 -21.59
CA ASP B 223 17.21 -49.05 -21.66
C ASP B 223 17.96 -47.87 -21.05
N ARG B 224 17.63 -47.65 -19.78
CA ARG B 224 18.27 -46.67 -18.96
C ARG B 224 19.64 -47.17 -18.53
N ALA B 225 20.56 -46.25 -18.47
CA ALA B 225 21.85 -46.56 -17.96
C ALA B 225 22.25 -45.26 -17.32
N GLN B 226 22.60 -45.30 -16.04
CA GLN B 226 23.01 -44.11 -15.29
C GLN B 226 24.05 -44.42 -14.24
N GLY B 227 24.98 -43.48 -14.09
CA GLY B 227 26.04 -43.60 -13.09
C GLY B 227 26.42 -42.25 -12.53
N GLN B 228 26.45 -42.14 -11.22
CA GLN B 228 26.71 -40.85 -10.64
C GLN B 228 27.55 -40.96 -9.39
N PHE B 229 28.03 -39.83 -8.94
CA PHE B 229 28.78 -39.84 -7.72
C PHE B 229 28.63 -38.50 -7.05
N ASP B 230 29.06 -38.45 -5.80
CA ASP B 230 29.01 -37.27 -4.98
C ASP B 230 30.13 -37.33 -3.94
N PHE B 231 31.14 -36.48 -4.05
CA PHE B 231 32.26 -36.54 -3.08
C PHE B 231 32.56 -35.20 -2.39
N SER B 232 32.66 -35.25 -1.06
CA SER B 232 32.87 -34.06 -0.25
C SER B 232 33.73 -34.32 1.01
N GLY B 233 33.97 -33.29 1.80
CA GLY B 233 34.72 -33.43 3.03
C GLY B 233 35.72 -32.32 3.12
N PRO B 234 36.44 -32.23 4.26
CA PRO B 234 37.50 -31.25 4.36
C PRO B 234 38.68 -31.62 3.46
N LEU B 235 39.59 -30.68 3.27
CA LEU B 235 40.85 -30.91 2.58
C LEU B 235 42.04 -30.73 3.50
N ASP B 236 41.80 -30.49 4.79
CA ASP B 236 42.89 -30.36 5.78
C ASP B 236 42.52 -30.88 7.18
N ASP B 237 43.48 -30.81 8.09
CA ASP B 237 43.25 -31.17 9.48
C ASP B 237 42.43 -30.03 10.11
N GLU B 238 42.67 -28.83 9.61
CA GLU B 238 42.03 -27.60 10.10
C GLU B 238 40.51 -27.53 10.00
N GLY B 239 39.99 -28.00 8.86
CA GLY B 239 38.60 -27.83 8.51
C GLY B 239 38.35 -26.47 7.89
N GLN B 240 39.38 -25.92 7.26
CA GLN B 240 39.32 -24.56 6.77
C GLN B 240 39.12 -24.46 5.28
N PHE B 241 39.50 -25.50 4.56
CA PHE B 241 39.30 -25.55 3.11
C PHE B 241 38.50 -26.83 2.79
N LEU B 242 37.28 -26.68 2.23
CA LEU B 242 36.40 -27.83 1.95
C LEU B 242 35.99 -27.80 0.51
N TYR B 243 35.49 -28.92 0.01
CA TYR B 243 35.23 -29.08 -1.42
C TYR B 243 34.07 -30.03 -1.65
N ARG B 244 33.56 -30.08 -2.88
CA ARG B 244 32.66 -31.15 -3.29
C ARG B 244 32.74 -31.33 -4.78
N LEU B 245 32.72 -32.58 -5.25
CA LEU B 245 32.52 -32.86 -6.67
C LEU B 245 31.28 -33.69 -6.93
N VAL B 246 30.27 -33.11 -7.58
CA VAL B 246 29.09 -33.87 -8.00
C VAL B 246 29.19 -34.24 -9.44
N GLY B 247 28.78 -35.46 -9.76
CA GLY B 247 28.81 -35.92 -11.13
C GLY B 247 27.70 -36.88 -11.45
N LEU B 248 27.18 -36.80 -12.66
CA LEU B 248 26.10 -37.65 -13.12
C LEU B 248 26.11 -37.80 -14.63
N GLU B 249 26.00 -39.04 -15.09
CA GLU B 249 25.82 -39.35 -16.50
C GLU B 249 24.72 -40.35 -16.68
N ARG B 250 23.95 -40.15 -17.72
CA ARG B 250 22.92 -41.08 -18.04
C ARG B 250 22.75 -41.02 -19.51
N ASP B 251 22.45 -42.18 -20.06
CA ASP B 251 22.04 -42.29 -21.42
C ASP B 251 20.94 -43.29 -21.32
N SER B 252 19.74 -42.90 -21.80
CA SER B 252 18.54 -43.74 -21.82
C SER B 252 17.51 -43.16 -22.75
N GLY B 253 16.47 -43.93 -23.00
CA GLY B 253 15.44 -43.58 -23.94
C GLY B 253 14.28 -43.12 -23.11
N THR B 254 13.13 -42.93 -23.77
CA THR B 254 11.84 -42.62 -23.12
C THR B 254 10.84 -43.61 -23.64
N GLN B 255 9.61 -43.50 -23.18
CA GLN B 255 8.48 -44.27 -23.72
C GLN B 255 8.23 -43.97 -25.18
N PHE B 256 8.81 -42.92 -25.71
CA PHE B 256 8.52 -42.49 -27.07
C PHE B 256 9.59 -42.92 -28.07
N ASP B 257 9.19 -43.34 -29.26
CA ASP B 257 10.21 -43.62 -30.25
C ASP B 257 11.06 -42.37 -30.54
N HIS B 258 12.37 -42.53 -30.70
CA HIS B 258 13.28 -41.44 -31.15
C HIS B 258 13.27 -40.18 -30.28
N ILE B 259 12.97 -40.36 -29.00
CA ILE B 259 13.13 -39.31 -28.00
C ILE B 259 14.01 -39.88 -26.93
N LYS B 260 15.16 -39.23 -26.66
CA LYS B 260 16.15 -39.71 -25.69
C LYS B 260 16.17 -38.88 -24.41
N ASP B 261 16.90 -39.33 -23.39
CA ASP B 261 16.92 -38.59 -22.14
C ASP B 261 18.31 -38.55 -21.55
N ASP B 262 19.27 -38.18 -22.38
CA ASP B 262 20.67 -38.19 -22.02
C ASP B 262 20.97 -36.95 -21.20
N LYS B 263 22.01 -37.02 -20.36
CA LYS B 263 22.45 -35.88 -19.57
C LYS B 263 23.86 -36.10 -19.12
N GLN B 264 24.56 -34.99 -18.88
CA GLN B 264 25.90 -35.00 -18.33
C GLN B 264 26.07 -33.82 -17.40
N TYR B 265 26.24 -34.08 -16.11
CA TYR B 265 26.41 -33.03 -15.12
C TYR B 265 27.67 -33.22 -14.28
N PHE B 266 28.39 -32.13 -14.10
CA PHE B 266 29.50 -32.13 -13.22
C PHE B 266 29.54 -30.76 -12.57
N ALA B 267 29.51 -30.75 -11.24
CA ALA B 267 29.52 -29.53 -10.43
C ALA B 267 30.59 -29.63 -9.33
N PRO B 268 31.78 -28.99 -9.56
CA PRO B 268 32.87 -28.85 -8.63
C PRO B 268 32.71 -27.60 -7.76
N SER B 269 32.97 -27.71 -6.48
CA SER B 269 32.76 -26.60 -5.57
C SER B 269 33.80 -26.60 -4.47
N PHE B 270 33.89 -25.48 -3.77
CA PHE B 270 34.99 -25.24 -2.88
C PHE B 270 34.50 -24.24 -1.87
N THR B 271 34.63 -24.56 -0.58
CA THR B 271 34.38 -23.57 0.47
C THR B 271 35.66 -23.25 1.21
N TRP B 272 35.85 -21.96 1.50
CA TRP B 272 36.91 -21.53 2.39
C TRP B 272 36.36 -20.70 3.54
N LYS B 273 36.59 -21.18 4.78
CA LYS B 273 36.28 -20.47 6.05
C LYS B 273 37.47 -20.28 7.02
N PRO B 274 38.12 -19.08 6.98
CA PRO B 274 39.24 -18.78 7.87
C PRO B 274 38.84 -18.88 9.34
N ASN B 275 37.83 -18.11 9.74
CA ASN B 275 37.29 -18.17 11.11
C ASN B 275 35.76 -18.32 11.13
N ASP B 276 35.16 -18.18 12.31
CA ASP B 276 33.70 -18.33 12.48
C ASP B 276 33.02 -17.12 11.85
N ASP B 277 33.86 -16.24 11.30
CA ASP B 277 33.44 -14.93 10.85
C ASP B 277 33.41 -14.72 9.33
N THR B 278 33.74 -15.77 8.57
CA THR B 278 33.69 -15.68 7.10
C THR B 278 33.65 -17.03 6.42
N SER B 279 32.55 -17.31 5.71
CA SER B 279 32.51 -18.40 4.74
C SER B 279 32.42 -17.84 3.32
N LEU B 280 33.31 -18.31 2.44
CA LEU B 280 33.21 -18.05 1.00
C LEU B 280 33.03 -19.36 0.28
N THR B 281 32.02 -19.44 -0.57
CA THR B 281 31.91 -20.63 -1.37
C THR B 281 31.93 -20.33 -2.85
N LEU B 282 32.53 -21.26 -3.61
CA LEU B 282 32.66 -21.14 -5.07
C LEU B 282 31.92 -22.27 -5.76
N LEU B 283 31.01 -21.93 -6.67
CA LEU B 283 30.12 -22.92 -7.25
C LEU B 283 30.19 -22.85 -8.72
N ALA B 284 30.81 -23.85 -9.32
CA ALA B 284 30.85 -23.94 -10.76
C ALA B 284 29.95 -25.09 -11.08
N ASP B 285 29.68 -25.31 -12.36
CA ASP B 285 28.90 -26.46 -12.80
C ASP B 285 28.72 -26.38 -14.30
N TYR B 286 28.62 -27.55 -14.92
CA TYR B 286 28.48 -27.68 -16.35
C TYR B 286 27.50 -28.81 -16.60
N THR B 287 26.57 -28.56 -17.51
CA THR B 287 25.47 -29.45 -17.78
C THR B 287 25.27 -29.51 -19.25
N GLN B 288 24.78 -30.64 -19.72
CA GLN B 288 24.72 -30.97 -21.15
C GLN B 288 23.71 -32.13 -21.33
N ASP B 289 22.59 -31.89 -22.02
CA ASP B 289 21.58 -32.93 -22.13
C ASP B 289 20.84 -32.94 -23.46
N THR B 290 20.21 -34.06 -23.77
CA THR B 290 19.43 -34.23 -25.00
C THR B 290 17.95 -34.37 -24.67
N PHE B 291 17.06 -34.05 -25.61
CA PHE B 291 15.62 -34.22 -25.39
C PHE B 291 14.87 -34.21 -26.68
N GLY B 292 13.53 -34.17 -26.57
CA GLY B 292 12.68 -34.17 -27.76
C GLY B 292 12.42 -32.76 -28.21
N ALA B 293 11.84 -32.63 -29.42
CA ALA B 293 11.38 -31.36 -29.92
C ALA B 293 10.33 -30.79 -28.94
N PRO B 294 10.20 -29.46 -28.87
CA PRO B 294 9.08 -28.92 -28.08
C PRO B 294 7.81 -28.94 -28.94
N ARG B 295 6.67 -28.55 -28.39
CA ARG B 295 5.43 -28.57 -29.21
C ARG B 295 5.23 -29.89 -29.98
N VAL B 296 5.18 -30.98 -29.21
CA VAL B 296 4.84 -32.31 -29.69
C VAL B 296 3.36 -32.38 -30.15
N PHE B 297 3.12 -32.83 -31.36
CA PHE B 297 1.75 -32.88 -31.78
C PHE B 297 1.09 -34.22 -31.41
N LEU B 298 -0.17 -34.14 -31.00
CA LEU B 298 -1.04 -35.29 -30.80
C LEU B 298 -2.46 -34.81 -30.90
N PRO B 299 -3.25 -35.30 -31.86
CA PRO B 299 -4.63 -34.81 -32.07
C PRO B 299 -5.63 -35.15 -30.98
N ALA B 300 -6.59 -34.26 -30.78
CA ALA B 300 -7.68 -34.48 -29.86
C ALA B 300 -8.42 -35.64 -30.46
N GLN B 301 -8.74 -35.53 -31.75
CA GLN B 301 -9.46 -36.60 -32.42
C GLN B 301 -8.56 -37.80 -32.46
N GLY B 302 -8.86 -38.81 -31.66
CA GLY B 302 -8.04 -40.01 -31.59
C GLY B 302 -7.50 -40.28 -30.20
N THR B 303 -7.21 -39.20 -29.49
CA THR B 303 -6.89 -39.26 -28.07
C THR B 303 -8.14 -38.96 -27.24
N LEU B 304 -8.38 -37.69 -26.95
CA LEU B 304 -9.47 -37.36 -26.08
C LEU B 304 -10.78 -37.63 -26.78
N LEU B 305 -10.87 -37.15 -28.01
CA LEU B 305 -12.10 -37.24 -28.77
C LEU B 305 -11.95 -38.36 -29.78
N GLY B 306 -13.05 -38.64 -30.46
CA GLY B 306 -13.03 -39.72 -31.42
C GLY B 306 -12.48 -39.27 -32.74
N ASN B 307 -12.25 -40.23 -33.60
CA ASN B 307 -11.78 -39.99 -34.92
C ASN B 307 -12.39 -41.09 -35.80
N PRO B 308 -12.89 -40.73 -36.99
CA PRO B 308 -13.43 -41.74 -37.89
C PRO B 308 -12.45 -42.90 -38.07
N ASN B 309 -11.16 -42.55 -38.10
CA ASN B 309 -10.03 -43.44 -38.36
C ASN B 309 -9.61 -44.35 -37.22
N GLY B 310 -10.06 -44.01 -36.01
CA GLY B 310 -9.95 -44.92 -34.86
C GLY B 310 -8.97 -44.33 -33.91
N LYS B 311 -8.82 -44.95 -32.74
CA LYS B 311 -7.91 -44.47 -31.68
C LYS B 311 -6.52 -44.24 -32.22
N VAL B 312 -5.79 -43.29 -31.64
CA VAL B 312 -4.42 -43.00 -32.07
C VAL B 312 -3.41 -43.48 -31.02
N ARG B 313 -2.39 -44.25 -31.44
CA ARG B 313 -1.36 -44.75 -30.49
C ARG B 313 -0.83 -43.50 -29.70
N HIS B 314 -0.86 -43.53 -28.37
CA HIS B 314 -0.63 -42.31 -27.55
C HIS B 314 0.82 -41.87 -27.59
N ASN B 315 1.71 -42.81 -27.79
CA ASN B 315 3.12 -42.54 -27.66
C ASN B 315 3.75 -42.35 -29.05
N VAL B 316 2.88 -42.15 -30.05
CA VAL B 316 3.26 -42.04 -31.47
C VAL B 316 4.20 -40.89 -31.73
N PHE B 317 5.28 -41.14 -32.46
CA PHE B 317 6.27 -40.11 -32.73
C PHE B 317 6.01 -39.55 -34.14
N LEU B 318 5.55 -38.30 -34.21
CA LEU B 318 5.18 -37.64 -35.48
C LEU B 318 6.04 -36.42 -35.82
N ASP B 319 7.28 -36.43 -35.36
CA ASP B 319 8.27 -35.43 -35.71
C ASP B 319 9.17 -36.07 -36.75
N GLU B 320 10.38 -35.57 -36.88
CA GLU B 320 11.36 -36.29 -37.65
C GLU B 320 12.52 -36.76 -36.77
N PRO B 321 13.00 -37.99 -37.03
CA PRO B 321 14.06 -38.73 -36.34
C PRO B 321 15.48 -38.17 -36.50
N GLY B 322 16.35 -38.54 -35.55
CA GLY B 322 17.71 -38.00 -35.41
C GLY B 322 17.90 -36.53 -35.79
N LEU B 323 17.13 -35.61 -35.21
CA LEU B 323 17.40 -34.18 -35.36
C LEU B 323 17.96 -33.71 -34.06
N ASP B 324 18.78 -32.67 -34.10
CA ASP B 324 19.42 -32.18 -32.87
C ASP B 324 18.47 -31.37 -32.00
N ASN B 325 18.23 -31.88 -30.79
CA ASN B 325 17.53 -31.13 -29.78
C ASN B 325 18.33 -31.32 -28.52
N ASP B 326 19.02 -30.27 -28.10
CA ASP B 326 20.00 -30.40 -27.03
C ASP B 326 20.43 -29.07 -26.47
N ARG B 327 21.24 -29.09 -25.42
CA ARG B 327 21.41 -27.92 -24.56
C ARG B 327 22.68 -27.97 -23.73
N THR B 328 23.58 -27.04 -24.00
CA THR B 328 24.77 -26.88 -23.18
C THR B 328 24.54 -25.76 -22.14
N GLN B 329 24.82 -26.00 -20.87
CA GLN B 329 24.78 -24.91 -19.88
C GLN B 329 25.94 -24.90 -18.92
N TYR B 330 26.20 -23.77 -18.27
CA TYR B 330 27.27 -23.70 -17.26
C TYR B 330 27.30 -22.41 -16.45
N SER B 331 27.94 -22.45 -15.30
CA SER B 331 28.13 -21.24 -14.52
C SER B 331 29.30 -21.30 -13.56
N LEU B 332 29.73 -20.13 -13.15
CA LEU B 332 30.68 -20.01 -12.10
C LEU B 332 30.01 -19.00 -11.23
N GLY B 333 30.21 -19.12 -9.93
CA GLY B 333 29.54 -18.23 -9.01
C GLY B 333 30.17 -18.34 -7.64
N TYR B 334 29.80 -17.40 -6.77
CA TYR B 334 30.26 -17.46 -5.40
C TYR B 334 29.13 -17.08 -4.43
N LEU B 335 29.19 -17.56 -3.21
CA LEU B 335 28.30 -17.10 -2.15
C LEU B 335 29.17 -16.74 -1.00
N LEU B 336 28.81 -15.64 -0.32
CA LEU B 336 29.70 -15.08 0.68
C LEU B 336 28.99 -14.38 1.83
N GLU B 337 29.44 -14.73 3.04
CA GLU B 337 28.97 -14.16 4.30
C GLU B 337 30.20 -13.74 5.10
N HIS B 338 30.05 -12.71 5.92
CA HIS B 338 31.12 -12.15 6.78
C HIS B 338 30.42 -11.34 7.88
N ARG B 339 30.60 -11.74 9.14
CA ARG B 339 30.06 -10.97 10.28
C ARG B 339 31.07 -9.95 10.80
N LEU B 340 30.63 -8.71 11.02
CA LEU B 340 31.48 -7.62 11.52
C LEU B 340 31.52 -7.60 13.04
N ASN B 341 30.37 -7.34 13.64
CA ASN B 341 30.20 -7.42 15.07
C ASN B 341 29.03 -8.37 15.35
N ASP B 342 28.49 -8.33 16.57
CA ASP B 342 27.39 -9.22 16.94
C ASP B 342 26.09 -8.82 16.23
N VAL B 343 26.02 -7.58 15.75
CA VAL B 343 24.81 -7.06 15.08
C VAL B 343 24.90 -6.98 13.54
N TRP B 344 26.05 -6.59 13.02
CA TRP B 344 26.18 -6.40 11.59
C TRP B 344 26.76 -7.62 10.88
N SER B 345 26.10 -8.00 9.78
CA SER B 345 26.64 -8.96 8.80
C SER B 345 26.39 -8.47 7.40
N LEU B 346 27.32 -8.79 6.49
CA LEU B 346 27.23 -8.43 5.07
C LEU B 346 27.24 -9.73 4.25
N ASN B 347 26.29 -9.86 3.32
CA ASN B 347 26.18 -11.03 2.40
C ASN B 347 26.29 -10.62 0.94
N SER B 348 26.87 -11.47 0.12
CA SER B 348 26.95 -11.18 -1.31
C SER B 348 26.98 -12.45 -2.12
N SER B 349 25.97 -12.62 -2.96
CA SER B 349 25.92 -13.78 -3.82
C SER B 349 25.97 -13.29 -5.23
N ALA B 350 26.68 -14.02 -6.08
CA ALA B 350 26.86 -13.63 -7.47
C ALA B 350 27.15 -14.83 -8.38
N ARG B 351 26.70 -14.72 -9.63
CA ARG B 351 26.91 -15.81 -10.57
C ARG B 351 26.84 -15.42 -12.04
N TYR B 352 27.84 -15.89 -12.77
CA TYR B 352 27.73 -15.93 -14.19
C TYR B 352 27.17 -17.27 -14.60
N GLY B 353 26.10 -17.22 -15.38
CA GLY B 353 25.49 -18.39 -15.98
C GLY B 353 25.37 -18.23 -17.48
N HIS B 354 25.45 -19.36 -18.18
CA HIS B 354 25.33 -19.46 -19.65
C HIS B 354 24.38 -20.60 -20.04
N VAL B 355 23.47 -20.30 -20.93
CA VAL B 355 22.57 -21.31 -21.47
C VAL B 355 22.66 -21.17 -22.94
N ASN B 356 22.76 -22.31 -23.61
CA ASN B 356 22.71 -22.37 -25.07
C ASN B 356 21.86 -23.55 -25.53
N LEU B 357 20.65 -23.26 -26.00
CA LEU B 357 19.74 -24.32 -26.34
C LEU B 357 19.65 -24.41 -27.84
N LEU B 358 19.60 -25.63 -28.36
CA LEU B 358 19.37 -25.84 -29.80
C LEU B 358 18.19 -26.76 -30.11
N THR B 359 17.34 -26.37 -31.04
CA THR B 359 16.36 -27.32 -31.51
C THR B 359 16.16 -27.30 -33.02
N ASN B 360 15.87 -28.49 -33.57
CA ASN B 360 15.43 -28.69 -34.96
C ASN B 360 14.16 -29.53 -34.88
N THR B 361 13.11 -29.12 -35.57
CA THR B 361 11.84 -29.86 -35.47
C THR B 361 11.02 -29.89 -36.75
N ALA B 362 10.14 -30.88 -36.86
CA ALA B 362 9.14 -30.92 -37.89
C ALA B 362 7.77 -30.73 -37.23
N SER B 363 7.58 -29.64 -36.48
CA SER B 363 6.39 -29.61 -35.60
C SER B 363 5.10 -29.53 -36.42
N GLY B 364 4.01 -30.02 -35.86
CA GLY B 364 2.78 -30.19 -36.61
C GLY B 364 1.92 -28.95 -36.64
N MET B 365 1.51 -28.53 -37.84
CA MET B 365 0.60 -27.39 -38.01
C MET B 365 -0.85 -27.76 -37.68
N SER B 366 -1.47 -28.57 -38.52
CA SER B 366 -2.83 -28.96 -38.30
C SER B 366 -3.05 -30.31 -38.97
N LEU B 367 -4.14 -30.98 -38.60
CA LEU B 367 -4.53 -32.24 -39.22
C LEU B 367 -5.25 -31.88 -40.48
N ALA B 368 -4.98 -32.61 -41.55
CA ALA B 368 -5.63 -32.33 -42.82
C ALA B 368 -7.17 -32.44 -42.75
N PRO B 369 -7.88 -32.04 -43.84
CA PRO B 369 -9.34 -32.19 -43.77
C PRO B 369 -9.75 -33.67 -43.73
N ASP B 370 -8.78 -34.56 -43.96
CA ASP B 370 -8.98 -36.01 -44.09
C ASP B 370 -8.87 -36.75 -42.74
N LEU B 371 -8.52 -35.99 -41.70
CA LEU B 371 -8.37 -36.49 -40.30
C LEU B 371 -7.33 -37.61 -40.06
N ARG B 372 -6.33 -37.64 -40.94
CA ARG B 372 -5.45 -38.77 -41.03
C ARG B 372 -3.98 -38.35 -41.13
N THR B 373 -3.72 -37.23 -41.79
CA THR B 373 -2.37 -36.87 -42.24
C THR B 373 -1.96 -35.51 -41.69
N LEU B 374 -0.79 -35.46 -41.06
CA LEU B 374 -0.38 -34.27 -40.32
C LEU B 374 0.53 -33.31 -41.10
N ASN B 375 -0.01 -32.15 -41.45
CA ASN B 375 0.79 -31.09 -42.04
C ASN B 375 1.83 -30.60 -41.08
N ARG B 376 3.04 -30.52 -41.54
CA ARG B 376 4.11 -30.06 -40.68
C ARG B 376 4.83 -28.95 -41.34
N ALA B 377 5.68 -28.25 -40.59
CA ALA B 377 6.67 -27.37 -41.18
C ALA B 377 7.94 -27.51 -40.36
N ALA B 378 9.09 -27.20 -40.99
CA ALA B 378 10.42 -27.31 -40.36
C ALA B 378 10.90 -26.01 -39.72
N TYR B 379 11.41 -26.11 -38.50
CA TYR B 379 12.11 -24.98 -37.86
C TYR B 379 13.41 -25.36 -37.21
N ARG B 380 14.23 -24.34 -37.01
CA ARG B 380 15.47 -24.48 -36.30
C ARG B 380 15.74 -23.18 -35.57
N PHE B 381 16.04 -23.27 -34.28
CA PHE B 381 16.46 -22.10 -33.53
C PHE B 381 17.50 -22.44 -32.53
N ARG B 382 18.19 -21.39 -32.11
CA ARG B 382 19.17 -21.43 -31.04
C ARG B 382 18.86 -20.24 -30.12
N ILE B 383 18.87 -20.47 -28.82
CA ILE B 383 18.68 -19.40 -27.89
C ILE B 383 19.96 -19.39 -27.11
N VAL B 384 20.59 -18.23 -26.94
CA VAL B 384 21.90 -18.22 -26.25
C VAL B 384 22.03 -17.14 -25.17
N GLY B 385 21.75 -17.52 -23.93
CA GLY B 385 21.72 -16.57 -22.82
C GLY B 385 23.04 -16.51 -22.09
N ASP B 386 23.35 -15.33 -21.58
CA ASP B 386 24.45 -15.13 -20.64
C ASP B 386 24.00 -14.18 -19.54
N THR B 387 24.01 -14.64 -18.30
CA THR B 387 23.44 -13.89 -17.21
C THR B 387 24.47 -13.60 -16.15
N TYR B 388 24.60 -12.34 -15.72
CA TYR B 388 25.47 -12.00 -14.56
C TYR B 388 24.49 -11.52 -13.51
N SER B 389 24.42 -12.21 -12.37
CA SER B 389 23.45 -11.82 -11.36
C SER B 389 24.16 -11.67 -10.05
N LEU B 390 24.00 -10.50 -9.44
CA LEU B 390 24.60 -10.17 -8.16
C LEU B 390 23.55 -9.75 -7.12
N ASP B 391 23.78 -10.06 -5.84
CA ASP B 391 22.86 -9.66 -4.80
C ASP B 391 23.61 -9.50 -3.49
N ASN B 392 23.67 -8.25 -3.05
CA ASN B 392 24.23 -7.94 -1.76
C ASN B 392 23.17 -7.46 -0.84
N ASN B 393 23.42 -7.63 0.45
CA ASN B 393 22.64 -7.00 1.51
C ASN B 393 23.47 -6.83 2.78
N ALA B 394 22.88 -6.16 3.77
CA ALA B 394 23.45 -6.16 5.11
C ALA B 394 22.31 -6.40 6.10
N GLN B 395 22.62 -7.18 7.14
CA GLN B 395 21.66 -7.43 8.19
C GLN B 395 22.16 -6.96 9.54
N ALA B 396 21.23 -6.37 10.28
CA ALA B 396 21.46 -5.89 11.63
C ALA B 396 20.60 -6.69 12.62
N ARG B 397 21.23 -7.29 13.63
CA ARG B 397 20.52 -8.00 14.70
C ARG B 397 20.68 -7.31 16.05
N TRP B 398 19.67 -6.55 16.47
CA TRP B 398 19.70 -5.83 17.74
C TRP B 398 18.45 -6.15 18.58
N ASN B 399 18.36 -5.54 19.76
CA ASN B 399 17.19 -5.69 20.66
C ASN B 399 16.81 -4.40 21.37
N LEU B 400 15.51 -4.13 21.47
CA LEU B 400 15.05 -3.11 22.42
C LEU B 400 14.48 -3.79 23.65
N GLY B 401 13.21 -3.55 23.97
CA GLY B 401 12.61 -4.17 25.15
C GLY B 401 12.90 -5.67 25.23
N SER B 402 11.84 -6.47 25.20
CA SER B 402 11.95 -7.88 24.92
C SER B 402 11.74 -8.09 23.39
N THR B 403 11.85 -6.99 22.66
CA THR B 403 11.68 -6.96 21.22
C THR B 403 12.98 -7.27 20.49
N GLN B 404 12.89 -8.08 19.42
CA GLN B 404 14.04 -8.48 18.58
C GLN B 404 14.01 -7.99 17.15
N MET B 405 15.01 -7.19 16.83
CA MET B 405 15.11 -6.57 15.54
C MET B 405 16.00 -7.38 14.61
N VAL B 406 15.57 -7.50 13.36
CA VAL B 406 16.42 -8.00 12.32
C VAL B 406 16.11 -7.13 11.13
N SER B 407 17.04 -6.24 10.83
CA SER B 407 16.85 -5.25 9.78
C SER B 407 17.63 -5.69 8.57
N LEU B 408 16.98 -5.76 7.42
CA LEU B 408 17.67 -6.16 6.22
C LEU B 408 17.60 -5.06 5.20
N LEU B 409 18.73 -4.73 4.60
CA LEU B 409 18.71 -3.81 3.52
C LEU B 409 19.66 -4.36 2.49
N GLY B 410 19.18 -4.49 1.25
CA GLY B 410 20.02 -4.99 0.17
C GLY B 410 19.79 -4.39 -1.21
N ILE B 411 20.80 -4.58 -2.05
CA ILE B 411 20.77 -4.15 -3.43
C ILE B 411 21.14 -5.31 -4.37
N ASP B 412 20.29 -5.46 -5.41
CA ASP B 412 20.18 -6.66 -6.26
C ASP B 412 20.23 -6.33 -7.77
N TYR B 413 21.23 -6.89 -8.49
CA TYR B 413 21.48 -6.61 -9.95
C TYR B 413 21.33 -7.79 -10.91
N ARG B 414 21.05 -7.45 -12.16
CA ARG B 414 21.06 -8.38 -13.29
C ARG B 414 21.42 -7.68 -14.63
N ARG B 415 22.41 -8.20 -15.37
CA ARG B 415 22.53 -7.94 -16.81
C ARG B 415 22.36 -9.30 -17.51
N THR B 416 21.53 -9.32 -18.55
CA THR B 416 21.38 -10.50 -19.41
C THR B 416 21.76 -10.23 -20.89
N ARG B 417 21.81 -11.29 -21.68
CA ARG B 417 22.10 -11.20 -23.11
C ARG B 417 21.57 -12.47 -23.77
N GLU B 418 20.73 -12.29 -24.78
CA GLU B 418 20.04 -13.41 -25.40
C GLU B 418 20.11 -13.32 -26.94
N ASP B 419 20.78 -14.29 -27.57
CA ASP B 419 21.00 -14.33 -29.05
C ASP B 419 20.09 -15.33 -29.70
N TYR B 420 19.02 -14.88 -30.30
CA TYR B 420 18.00 -15.79 -30.79
C TYR B 420 18.07 -15.79 -32.30
N TYR B 421 17.68 -16.89 -32.93
CA TYR B 421 17.36 -16.88 -34.36
C TYR B 421 16.41 -17.99 -34.70
N LEU B 422 15.45 -17.70 -35.57
CA LEU B 422 14.48 -18.72 -35.89
C LEU B 422 14.39 -18.82 -37.39
N ARG B 423 14.71 -19.99 -37.91
CA ARG B 423 14.62 -20.24 -39.36
C ARG B 423 13.50 -21.25 -39.59
N GLY B 424 12.97 -21.28 -40.82
CA GLY B 424 11.93 -22.25 -41.14
C GLY B 424 11.60 -22.51 -42.60
N GLY B 425 10.81 -23.57 -42.83
CA GLY B 425 10.36 -23.91 -44.18
C GLY B 425 9.55 -25.19 -44.38
N SER B 426 9.54 -25.65 -45.62
CA SER B 426 8.77 -26.82 -46.01
C SER B 426 9.14 -28.07 -45.18
N ALA B 427 8.14 -28.90 -44.89
CA ALA B 427 8.37 -30.28 -44.43
C ALA B 427 7.20 -31.22 -44.75
N SER B 428 7.51 -32.48 -45.06
CA SER B 428 6.53 -33.47 -45.49
C SER B 428 5.38 -33.65 -44.53
N PRO B 429 4.17 -33.91 -45.04
CA PRO B 429 3.18 -34.39 -44.12
C PRO B 429 3.62 -35.78 -43.61
N ILE B 430 2.87 -36.33 -42.65
CA ILE B 430 3.11 -37.67 -42.15
C ILE B 430 1.77 -38.25 -41.76
N ASP B 431 1.57 -39.55 -42.02
CA ASP B 431 0.35 -40.19 -41.53
C ASP B 431 0.43 -40.45 -40.02
N ILE B 432 -0.68 -40.18 -39.32
CA ILE B 432 -0.78 -40.36 -37.87
C ILE B 432 -0.76 -41.84 -37.45
N TYR B 433 -1.29 -42.71 -38.30
CA TYR B 433 -1.48 -44.09 -37.90
C TYR B 433 -0.32 -44.93 -38.43
N ASN B 434 0.27 -44.49 -39.53
CA ASN B 434 1.44 -45.10 -40.11
C ASN B 434 2.50 -44.03 -40.36
N PRO B 435 3.30 -43.69 -39.34
CA PRO B 435 4.36 -42.75 -39.69
C PRO B 435 5.36 -43.41 -40.66
N VAL B 436 5.87 -42.65 -41.64
CA VAL B 436 7.02 -43.13 -42.48
C VAL B 436 7.94 -41.98 -42.90
N HIS B 437 9.22 -42.09 -42.54
CA HIS B 437 10.21 -41.02 -42.78
C HIS B 437 11.28 -41.43 -43.83
N HIS B 438 11.16 -40.95 -45.08
CA HIS B 438 11.93 -41.51 -46.24
C HIS B 438 13.48 -41.39 -46.12
N VAL B 445 11.81 -33.52 -47.97
CA VAL B 445 11.65 -32.11 -47.66
C VAL B 445 11.78 -31.88 -46.15
N PHE B 446 13.01 -31.51 -45.76
CA PHE B 446 13.33 -30.91 -44.45
C PHE B 446 14.39 -29.81 -44.67
N ASP B 447 13.92 -28.59 -44.97
CA ASP B 447 14.81 -27.40 -44.96
C ASP B 447 14.34 -26.28 -43.98
N PRO B 448 15.25 -25.88 -43.07
CA PRO B 448 14.99 -24.76 -42.19
C PRO B 448 15.73 -23.54 -42.77
N SER B 449 15.26 -23.09 -43.94
CA SER B 449 16.06 -22.24 -44.82
C SER B 449 15.78 -20.76 -44.74
N THR B 450 14.54 -20.36 -45.02
CA THR B 450 14.18 -18.92 -44.97
C THR B 450 14.11 -18.40 -43.53
N PRO B 451 14.99 -17.41 -43.18
CA PRO B 451 15.04 -16.79 -41.83
C PRO B 451 13.71 -16.12 -41.46
N PHE B 452 13.30 -16.23 -40.19
CA PHE B 452 12.10 -15.54 -39.66
C PHE B 452 12.57 -14.45 -38.68
N THR B 453 13.19 -14.88 -37.58
CA THR B 453 13.78 -13.98 -36.59
C THR B 453 15.30 -14.09 -36.48
N ASN B 454 15.88 -12.96 -36.08
CA ASN B 454 17.21 -12.87 -35.52
C ASN B 454 17.16 -11.68 -34.54
N THR B 455 17.77 -11.79 -33.37
CA THR B 455 17.49 -10.87 -32.25
C THR B 455 18.62 -10.87 -31.25
N VAL B 456 19.01 -9.72 -30.72
CA VAL B 456 19.95 -9.74 -29.61
C VAL B 456 19.39 -8.84 -28.58
N GLN B 457 19.13 -9.38 -27.40
CA GLN B 457 18.45 -8.63 -26.33
C GLN B 457 19.32 -8.50 -25.07
N ARG B 458 19.55 -7.25 -24.64
CA ARG B 458 20.21 -6.98 -23.37
C ARG B 458 19.18 -6.50 -22.35
N ALA B 459 19.31 -6.94 -21.12
CA ALA B 459 18.47 -6.44 -20.04
C ALA B 459 19.36 -5.95 -18.92
N ASP B 460 18.84 -4.99 -18.18
CA ASP B 460 19.50 -4.39 -17.03
C ASP B 460 18.36 -4.29 -16.01
N GLN B 461 18.60 -4.78 -14.80
CA GLN B 461 17.54 -4.86 -13.80
C GLN B 461 18.14 -4.57 -12.44
N VAL B 462 17.68 -3.52 -11.77
CA VAL B 462 18.20 -3.23 -10.43
C VAL B 462 17.05 -3.10 -9.42
N GLY B 463 17.30 -3.60 -8.20
CA GLY B 463 16.37 -3.44 -7.11
C GLY B 463 17.09 -3.09 -5.82
N VAL B 464 16.53 -2.13 -5.10
CA VAL B 464 16.90 -1.96 -3.71
C VAL B 464 15.75 -2.49 -2.89
N TYR B 465 16.07 -3.31 -1.89
CA TYR B 465 15.08 -3.85 -0.99
C TYR B 465 15.46 -3.58 0.44
N ALA B 466 14.46 -3.45 1.30
CA ALA B 466 14.73 -3.45 2.73
C ALA B 466 13.51 -3.97 3.49
N GLN B 467 13.76 -4.56 4.66
CA GLN B 467 12.71 -5.14 5.47
C GLN B 467 13.10 -5.36 6.92
N GLN B 468 12.10 -5.29 7.77
CA GLN B 468 12.29 -5.26 9.19
C GLN B 468 11.48 -6.36 9.87
N GLN B 469 12.13 -7.06 10.79
CA GLN B 469 11.50 -8.13 11.57
C GLN B 469 11.47 -7.72 13.01
N PHE B 470 10.30 -7.86 13.60
CA PHE B 470 10.09 -7.59 14.98
C PHE B 470 9.58 -8.83 15.65
N THR B 471 10.19 -9.16 16.77
CA THR B 471 9.66 -10.18 17.63
C THR B 471 9.33 -9.59 19.01
N PHE B 472 8.02 -9.52 19.28
CA PHE B 472 7.52 -8.89 20.50
C PHE B 472 7.23 -9.90 21.59
N ASP B 473 8.19 -9.98 22.49
CA ASP B 473 8.07 -10.78 23.68
C ASP B 473 8.08 -12.22 23.25
N GLU B 474 8.90 -12.52 22.24
CA GLU B 474 8.95 -13.88 21.69
C GLU B 474 7.53 -14.56 21.64
N HIS B 475 6.67 -14.04 20.76
CA HIS B 475 5.28 -14.47 20.56
C HIS B 475 4.68 -13.83 19.29
N TRP B 476 4.97 -12.55 19.07
CA TRP B 476 4.47 -11.84 17.91
C TRP B 476 5.59 -11.54 16.94
N VAL B 477 5.40 -11.94 15.69
CA VAL B 477 6.34 -11.58 14.66
C VAL B 477 5.74 -10.68 13.59
N LEU B 478 6.17 -9.42 13.64
CA LEU B 478 5.80 -8.45 12.66
C LEU B 478 6.90 -8.39 11.61
N THR B 479 6.52 -8.53 10.35
CA THR B 479 7.47 -8.45 9.25
C THR B 479 6.96 -7.49 8.21
N VAL B 480 7.79 -6.50 7.88
CA VAL B 480 7.41 -5.44 6.95
C VAL B 480 8.60 -5.20 6.04
N GLY B 481 8.35 -5.15 4.73
CA GLY B 481 9.40 -4.92 3.73
C GLY B 481 8.92 -4.41 2.37
N GLY B 482 9.82 -3.75 1.64
CA GLY B 482 9.52 -3.24 0.30
C GLY B 482 10.74 -3.31 -0.60
N ARG B 483 10.51 -3.08 -1.89
CA ARG B 483 11.54 -3.15 -2.94
C ARG B 483 11.16 -2.29 -4.16
N GLN B 484 12.11 -1.47 -4.61
CA GLN B 484 11.95 -0.68 -5.83
C GLN B 484 12.70 -1.38 -6.92
N ASP B 485 12.07 -1.56 -8.07
CA ASP B 485 12.72 -2.25 -9.18
C ASP B 485 12.71 -1.40 -10.47
N ARG B 486 13.83 -1.36 -11.21
CA ARG B 486 13.82 -0.85 -12.58
C ARG B 486 14.28 -1.98 -13.47
N SER B 487 13.61 -2.14 -14.61
CA SER B 487 13.96 -3.19 -15.56
C SER B 487 13.98 -2.70 -17.01
N SER B 488 15.17 -2.65 -17.58
CA SER B 488 15.37 -2.12 -18.93
C SER B 488 15.84 -3.17 -19.93
N ALA B 489 14.88 -3.67 -20.71
CA ALA B 489 15.23 -4.48 -21.85
C ALA B 489 15.37 -3.61 -23.10
N ARG B 490 16.59 -3.55 -23.66
CA ARG B 490 16.81 -3.02 -25.04
C ARG B 490 17.05 -4.17 -26.04
N THR B 491 16.09 -4.36 -26.94
CA THR B 491 16.18 -5.31 -28.03
C THR B 491 16.72 -4.59 -29.30
N ASP B 492 17.61 -5.25 -30.04
CA ASP B 492 17.90 -4.82 -31.41
C ASP B 492 17.77 -5.96 -32.42
N ASN B 493 16.79 -5.81 -33.32
CA ASN B 493 16.46 -6.75 -34.39
C ASN B 493 17.55 -6.66 -35.48
N ARG B 494 18.09 -7.80 -35.93
CA ARG B 494 19.14 -7.80 -36.94
C ARG B 494 18.63 -8.11 -38.34
N MET B 495 17.42 -8.68 -38.41
CA MET B 495 16.69 -8.90 -39.67
C MET B 495 16.49 -7.64 -40.51
N ASN B 496 16.45 -6.48 -39.87
CA ASN B 496 16.17 -5.25 -40.58
C ASN B 496 16.79 -3.99 -39.97
N ASP B 497 17.74 -4.20 -39.07
CA ASP B 497 18.46 -3.10 -38.41
C ASP B 497 17.61 -2.07 -37.64
N SER B 498 16.45 -2.49 -37.18
CA SER B 498 15.68 -1.66 -36.28
C SER B 498 16.11 -1.96 -34.82
N GLY B 499 15.17 -1.81 -33.89
CA GLY B 499 15.45 -1.93 -32.46
C GLY B 499 14.41 -1.21 -31.61
N SER B 500 14.12 -1.76 -30.44
CA SER B 500 13.17 -1.15 -29.51
C SER B 500 13.72 -1.18 -28.09
N LYS B 501 13.47 -0.13 -27.34
CA LYS B 501 13.95 -0.09 -25.98
C LYS B 501 12.66 -0.31 -25.26
N GLN B 502 12.74 -0.82 -24.03
CA GLN B 502 11.58 -0.85 -23.13
C GLN B 502 12.02 -0.80 -21.68
N ASP B 503 11.39 0.11 -20.94
CA ASP B 503 11.78 0.41 -19.57
C ASP B 503 10.57 0.33 -18.62
N ASP B 504 10.79 -0.21 -17.43
CA ASP B 504 9.71 -0.46 -16.46
C ASP B 504 10.17 -0.22 -15.01
N GLU B 505 9.35 0.48 -14.22
CA GLU B 505 9.64 0.70 -12.81
C GLU B 505 8.50 0.27 -11.91
N LYS B 506 8.82 -0.23 -10.70
CA LYS B 506 7.78 -0.69 -9.78
C LYS B 506 8.19 -0.90 -8.32
N PHE B 507 7.19 -0.67 -7.46
CA PHE B 507 7.31 -0.91 -6.04
C PHE B 507 6.52 -2.16 -5.59
N THR B 508 7.18 -3.02 -4.82
CA THR B 508 6.51 -4.17 -4.26
C THR B 508 6.80 -4.22 -2.78
N TYR B 509 5.87 -4.80 -2.03
CA TYR B 509 5.93 -4.81 -0.57
C TYR B 509 5.18 -5.99 0.02
N ARG B 510 5.47 -6.28 1.28
CA ARG B 510 4.77 -7.31 2.02
C ARG B 510 4.78 -7.06 3.53
N THR B 511 3.62 -7.36 4.12
CA THR B 511 3.24 -7.13 5.49
C THR B 511 2.74 -8.43 5.98
N GLY B 512 3.04 -8.74 7.23
CA GLY B 512 2.59 -9.98 7.84
C GLY B 512 2.89 -10.06 9.31
N LEU B 513 1.98 -10.70 10.04
CA LEU B 513 2.12 -10.80 11.47
C LEU B 513 1.84 -12.24 11.88
N VAL B 514 2.76 -12.82 12.67
CA VAL B 514 2.58 -14.18 13.22
C VAL B 514 2.42 -14.18 14.72
N TYR B 515 1.65 -15.15 15.21
CA TYR B 515 1.50 -15.38 16.62
C TYR B 515 2.10 -16.73 16.97
N LEU B 516 3.32 -16.70 17.50
CA LEU B 516 4.04 -17.90 17.84
C LEU B 516 3.53 -18.47 19.14
N ALA B 517 2.37 -19.12 19.10
CA ALA B 517 1.82 -19.80 20.29
C ALA B 517 2.73 -20.93 20.83
N ASP B 518 2.64 -21.11 22.15
CA ASP B 518 3.55 -21.99 22.88
C ASP B 518 3.35 -23.45 22.51
N ASN B 519 2.09 -23.85 22.35
CA ASN B 519 1.77 -25.23 22.11
C ASN B 519 2.19 -25.72 20.72
N GLY B 520 2.62 -24.78 19.86
CA GLY B 520 3.21 -25.07 18.52
C GLY B 520 2.45 -24.54 17.32
N LEU B 521 1.24 -24.06 17.59
CA LEU B 521 0.46 -23.35 16.62
C LEU B 521 1.07 -21.95 16.34
N ALA B 522 0.99 -21.52 15.08
CA ALA B 522 1.42 -20.21 14.60
C ALA B 522 0.42 -19.69 13.56
N PRO B 523 -0.64 -18.97 13.99
CA PRO B 523 -1.45 -18.29 13.02
C PRO B 523 -0.69 -17.10 12.48
N TYR B 524 -1.07 -16.64 11.30
CA TYR B 524 -0.40 -15.53 10.66
C TYR B 524 -1.34 -14.85 9.65
N ILE B 525 -1.10 -13.57 9.38
CA ILE B 525 -1.84 -12.88 8.37
C ILE B 525 -0.83 -12.23 7.48
N SER B 526 -1.08 -12.26 6.16
CA SER B 526 -0.19 -11.61 5.18
C SER B 526 -0.83 -10.90 3.95
N TYR B 527 -0.19 -9.81 3.51
CA TYR B 527 -0.42 -9.19 2.20
C TYR B 527 0.93 -9.01 1.52
N SER B 528 1.03 -9.36 0.25
CA SER B 528 2.21 -9.04 -0.54
C SER B 528 1.86 -8.84 -1.99
N THR B 529 2.63 -8.01 -2.64
CA THR B 529 2.44 -7.73 -4.03
C THR B 529 3.54 -8.40 -4.84
N SER B 530 3.36 -8.34 -6.17
CA SER B 530 4.37 -8.74 -7.12
C SER B 530 4.11 -8.07 -8.47
N PHE B 531 5.03 -8.29 -9.41
CA PHE B 531 4.90 -7.74 -10.74
C PHE B 531 5.87 -8.38 -11.72
N ASP B 532 5.49 -8.35 -12.99
CA ASP B 532 6.22 -9.04 -14.02
C ASP B 532 6.01 -8.23 -15.33
N PRO B 533 7.13 -7.75 -15.96
CA PRO B 533 7.11 -7.08 -17.27
C PRO B 533 6.44 -7.94 -18.35
N VAL B 534 5.91 -7.27 -19.39
CA VAL B 534 5.45 -7.91 -20.64
C VAL B 534 6.26 -7.31 -21.79
N LEU B 535 7.05 -8.13 -22.48
CA LEU B 535 7.88 -7.58 -23.54
C LEU B 535 7.12 -7.52 -24.86
N GLY B 536 7.38 -6.48 -25.65
CA GLY B 536 6.68 -6.26 -26.94
C GLY B 536 5.77 -5.03 -26.99
N THR B 537 5.16 -4.77 -28.14
CA THR B 537 4.33 -3.60 -28.28
C THR B 537 2.99 -4.01 -28.83
N ASN B 538 1.97 -3.21 -28.55
CA ASN B 538 0.64 -3.49 -29.08
C ASN B 538 0.48 -3.15 -30.58
N PHE B 539 -0.77 -3.06 -31.00
CA PHE B 539 -1.10 -2.81 -32.38
C PHE B 539 -0.64 -1.44 -32.82
N TYR B 540 -0.60 -0.51 -31.86
CA TYR B 540 -0.31 0.90 -32.11
C TYR B 540 1.12 1.27 -31.83
N GLY B 541 1.88 0.33 -31.29
CA GLY B 541 3.33 0.51 -31.08
C GLY B 541 3.65 0.79 -29.63
N THR B 542 2.57 1.03 -28.88
CA THR B 542 2.61 1.30 -27.46
C THR B 542 3.03 0.01 -26.78
N PRO B 543 4.16 0.04 -26.02
CA PRO B 543 4.72 -1.17 -25.40
C PRO B 543 3.94 -1.57 -24.15
N TYR B 544 3.74 -2.86 -23.94
CA TYR B 544 2.93 -3.35 -22.82
C TYR B 544 3.48 -3.01 -21.42
N LYS B 545 2.59 -2.52 -20.57
CA LYS B 545 2.90 -2.25 -19.17
C LYS B 545 2.91 -3.60 -18.42
N PRO B 546 3.59 -3.65 -17.26
CA PRO B 546 3.73 -4.92 -16.56
C PRO B 546 2.42 -5.45 -15.95
N THR B 547 2.41 -6.74 -15.60
CA THR B 547 1.34 -7.29 -14.76
C THR B 547 1.64 -7.21 -13.28
N SER B 548 0.57 -6.92 -12.52
CA SER B 548 0.65 -6.72 -11.08
C SER B 548 0.00 -7.91 -10.42
N ALA B 549 0.37 -8.16 -9.17
CA ALA B 549 -0.31 -9.16 -8.37
C ALA B 549 -0.40 -8.76 -6.89
N LYS B 550 -1.60 -8.96 -6.34
CA LYS B 550 -1.86 -8.70 -4.93
C LYS B 550 -2.39 -9.96 -4.21
N GLN B 551 -1.87 -10.27 -3.02
CA GLN B 551 -2.34 -11.44 -2.28
C GLN B 551 -2.67 -11.23 -0.83
N SER B 552 -3.91 -11.58 -0.44
CA SER B 552 -4.27 -11.66 0.98
C SER B 552 -4.24 -13.09 1.38
N GLU B 553 -3.59 -13.39 2.51
CA GLU B 553 -3.43 -14.78 3.02
C GLU B 553 -3.71 -14.82 4.52
N VAL B 554 -4.29 -15.92 4.97
CA VAL B 554 -4.34 -16.18 6.41
C VAL B 554 -4.04 -17.65 6.62
N GLY B 555 -3.54 -18.07 7.77
CA GLY B 555 -3.37 -19.50 7.96
C GLY B 555 -2.73 -19.88 9.26
N VAL B 556 -2.67 -21.17 9.56
CA VAL B 556 -1.94 -21.56 10.73
C VAL B 556 -0.95 -22.68 10.42
N LYS B 557 0.32 -22.45 10.79
CA LYS B 557 1.40 -23.47 10.79
C LYS B 557 1.48 -24.18 12.15
N TYR B 558 1.39 -25.51 12.10
CA TYR B 558 1.42 -26.30 13.30
C TYR B 558 2.72 -27.07 13.43
N GLN B 559 3.30 -27.08 14.61
CA GLN B 559 4.37 -28.00 14.81
C GLN B 559 4.27 -28.73 16.15
N PRO B 560 3.92 -30.01 16.12
CA PRO B 560 3.54 -30.67 17.38
C PRO B 560 4.73 -30.93 18.30
N PRO B 561 4.44 -31.09 19.62
CA PRO B 561 5.23 -31.57 20.75
C PRO B 561 6.58 -32.28 20.48
N GLY B 562 6.68 -33.55 20.85
CA GLY B 562 7.97 -34.26 20.77
C GLY B 562 8.16 -35.06 19.49
N ILE B 563 7.18 -34.95 18.59
CA ILE B 563 7.23 -35.50 17.22
C ILE B 563 8.17 -34.64 16.34
N ASP B 564 8.71 -35.22 15.26
CA ASP B 564 9.48 -34.45 14.29
C ASP B 564 8.61 -34.24 13.05
N SER B 565 7.76 -33.22 13.10
CA SER B 565 6.80 -33.01 12.03
C SER B 565 6.42 -31.55 11.86
N TYR B 566 5.58 -31.24 10.85
CA TYR B 566 5.13 -29.88 10.56
C TYR B 566 3.91 -29.98 9.63
N ILE B 567 2.75 -29.47 10.03
CA ILE B 567 1.55 -29.43 9.17
C ILE B 567 1.21 -27.97 8.96
N THR B 568 0.66 -27.60 7.82
CA THR B 568 0.28 -26.20 7.63
C THR B 568 -1.00 -26.06 6.82
N LEU B 569 -1.81 -25.08 7.17
CA LEU B 569 -3.05 -24.86 6.46
C LEU B 569 -3.03 -23.43 5.90
N SER B 570 -3.36 -23.23 4.63
CA SER B 570 -3.41 -21.85 4.12
C SER B 570 -4.65 -21.50 3.32
N LEU B 571 -5.28 -20.41 3.70
CA LEU B 571 -6.34 -19.83 2.93
C LEU B 571 -5.77 -18.59 2.29
N PHE B 572 -5.94 -18.48 0.97
CA PHE B 572 -5.52 -17.29 0.25
C PHE B 572 -6.47 -16.87 -0.88
N ASP B 573 -6.45 -15.56 -1.16
CA ASP B 573 -7.08 -14.93 -2.32
C ASP B 573 -6.02 -14.12 -3.12
N LEU B 574 -5.79 -14.56 -4.37
CA LEU B 574 -4.73 -14.03 -5.20
C LEU B 574 -5.23 -13.54 -6.54
N THR B 575 -4.93 -12.28 -6.83
CA THR B 575 -5.28 -11.60 -8.08
C THR B 575 -4.05 -11.04 -8.86
N GLN B 576 -4.05 -11.36 -10.16
CA GLN B 576 -3.08 -10.85 -11.11
C GLN B 576 -3.85 -9.90 -11.96
N GLU B 577 -3.25 -8.76 -12.28
CA GLU B 577 -3.99 -7.74 -13.01
C GLU B 577 -3.23 -7.28 -14.22
N ASN B 578 -3.96 -6.63 -15.13
CA ASN B 578 -3.41 -6.14 -16.36
C ASN B 578 -3.06 -7.29 -17.24
N VAL B 579 -3.83 -8.35 -17.09
CA VAL B 579 -3.86 -9.40 -18.08
C VAL B 579 -4.28 -8.79 -19.41
N LEU B 580 -3.51 -9.06 -20.46
CA LEU B 580 -3.87 -8.67 -21.83
C LEU B 580 -5.06 -9.50 -22.23
N THR B 581 -6.21 -8.85 -22.42
CA THR B 581 -7.31 -9.50 -23.08
C THR B 581 -7.65 -8.69 -24.31
N THR B 582 -8.36 -9.32 -25.24
CA THR B 582 -8.83 -8.65 -26.46
C THR B 582 -9.41 -7.21 -26.31
N ASP B 583 -9.57 -6.52 -27.44
CA ASP B 583 -10.03 -5.12 -27.43
C ASP B 583 -11.44 -4.97 -28.04
N PRO B 584 -12.32 -4.18 -27.37
CA PRO B 584 -13.64 -3.83 -27.90
C PRO B 584 -13.59 -2.88 -29.13
N ALA B 585 -12.64 -1.92 -29.13
CA ALA B 585 -12.42 -0.99 -30.25
C ALA B 585 -11.68 -1.68 -31.42
N GLN B 586 -10.53 -2.25 -31.12
CA GLN B 586 -9.67 -2.81 -32.19
C GLN B 586 -9.45 -4.34 -32.11
N ARG B 587 -10.34 -5.05 -32.76
CA ARG B 587 -10.27 -6.51 -32.89
C ARG B 587 -8.84 -7.08 -33.10
N LEU B 588 -7.92 -6.29 -33.64
CA LEU B 588 -6.58 -6.79 -33.96
C LEU B 588 -5.50 -6.33 -32.96
N ASN B 589 -5.95 -5.85 -31.80
CA ASN B 589 -5.12 -5.28 -30.72
C ASN B 589 -5.40 -5.96 -29.36
N LYS B 590 -4.46 -5.93 -28.42
CA LYS B 590 -4.73 -6.40 -27.03
C LYS B 590 -4.64 -5.22 -25.99
N ILE B 591 -5.56 -5.14 -25.02
CA ILE B 591 -5.48 -4.14 -23.92
C ILE B 591 -5.31 -4.88 -22.61
N GLN B 592 -4.65 -4.26 -21.62
CA GLN B 592 -4.47 -4.85 -20.28
C GLN B 592 -5.50 -4.37 -19.24
N THR B 593 -6.73 -4.83 -19.40
CA THR B 593 -7.80 -4.50 -18.50
C THR B 593 -8.33 -5.75 -17.89
N GLY B 594 -7.91 -6.89 -18.42
CA GLY B 594 -8.31 -8.18 -17.88
C GLY B 594 -7.62 -8.52 -16.57
N GLU B 595 -8.22 -9.47 -15.81
CA GLU B 595 -7.63 -9.96 -14.55
C GLU B 595 -8.01 -11.39 -14.21
N ILE B 596 -7.20 -12.03 -13.35
CA ILE B 596 -7.37 -13.42 -12.96
C ILE B 596 -7.32 -13.52 -11.45
N ASN B 597 -8.27 -14.25 -10.88
CA ASN B 597 -8.37 -14.45 -9.43
C ASN B 597 -8.38 -15.93 -9.07
N VAL B 598 -7.61 -16.30 -8.05
CA VAL B 598 -7.46 -17.68 -7.61
C VAL B 598 -7.61 -17.72 -6.09
N ARG B 599 -8.70 -18.30 -5.58
CA ARG B 599 -8.93 -18.37 -4.12
C ARG B 599 -8.78 -19.81 -3.67
N GLY B 600 -7.68 -20.11 -2.96
CA GLY B 600 -7.34 -21.50 -2.64
C GLY B 600 -7.32 -21.86 -1.16
N ILE B 601 -7.40 -23.17 -0.90
CA ILE B 601 -7.04 -23.74 0.40
C ILE B 601 -5.97 -24.79 0.20
N GLU B 602 -4.91 -24.71 0.99
CA GLU B 602 -3.86 -25.70 0.92
C GLU B 602 -3.60 -26.26 2.29
N LEU B 603 -3.68 -27.57 2.40
CA LEU B 603 -3.25 -28.31 3.58
C LEU B 603 -2.08 -29.22 3.22
N GLU B 604 -1.01 -29.12 3.98
CA GLU B 604 0.16 -29.90 3.70
C GLU B 604 0.92 -30.17 5.00
N GLY B 605 1.38 -31.42 5.17
CA GLY B 605 2.17 -31.84 6.33
C GLY B 605 3.14 -32.94 5.95
N LYS B 606 4.26 -32.96 6.67
CA LYS B 606 5.38 -33.88 6.49
C LYS B 606 5.79 -34.43 7.88
N ALA B 607 6.19 -35.70 7.98
CA ALA B 607 6.64 -36.26 9.26
C ALA B 607 7.71 -37.31 9.05
N SER B 608 8.67 -37.34 9.99
CA SER B 608 9.78 -38.33 10.05
C SER B 608 9.89 -38.91 11.47
N LEU B 609 9.09 -39.95 11.69
CA LEU B 609 8.73 -40.44 13.01
C LEU B 609 9.73 -41.39 13.65
N ALA B 610 9.52 -41.58 14.96
CA ALA B 610 10.04 -42.69 15.79
C ALA B 610 10.39 -43.96 14.97
N ARG B 611 9.39 -44.83 14.71
CA ARG B 611 9.59 -46.16 14.06
C ARG B 611 10.75 -46.25 13.05
N GLY B 612 10.88 -45.24 12.18
CA GLY B 612 11.70 -45.34 10.98
C GLY B 612 10.80 -45.20 9.75
N LEU B 613 9.62 -44.58 9.98
CA LEU B 613 8.58 -44.32 8.96
C LEU B 613 8.46 -42.82 8.71
N ASP B 614 8.30 -42.44 7.43
CA ASP B 614 8.20 -41.03 7.01
C ASP B 614 6.92 -40.84 6.25
N LEU B 615 6.25 -39.72 6.47
CA LEU B 615 4.98 -39.42 5.81
C LEU B 615 5.02 -38.12 5.04
N LEU B 616 4.17 -38.02 4.01
CA LEU B 616 3.76 -36.72 3.49
C LEU B 616 2.45 -36.72 2.73
N ALA B 617 1.68 -35.70 3.06
CA ALA B 617 0.38 -35.49 2.51
C ALA B 617 0.29 -34.02 2.12
N ALA B 618 -0.58 -33.76 1.14
CA ALA B 618 -0.69 -32.48 0.48
C ALA B 618 -2.05 -32.36 -0.18
N LEU B 619 -2.79 -31.34 0.18
CA LEU B 619 -4.12 -31.14 -0.36
C LEU B 619 -4.38 -29.72 -0.86
N THR B 620 -4.76 -29.58 -2.13
CA THR B 620 -5.06 -28.25 -2.72
C THR B 620 -6.47 -28.12 -3.29
N TYR B 621 -7.19 -27.11 -2.85
CA TYR B 621 -8.41 -26.72 -3.51
C TYR B 621 -8.21 -25.31 -4.15
N ASN B 622 -8.17 -25.19 -5.47
CA ASN B 622 -8.15 -23.87 -6.13
C ASN B 622 -9.52 -23.54 -6.81
N ASP B 623 -10.09 -22.39 -6.47
CA ASP B 623 -11.26 -21.84 -7.20
C ASP B 623 -10.77 -20.64 -7.98
N ALA B 624 -10.59 -20.85 -9.27
CA ALA B 624 -10.01 -19.79 -10.06
C ALA B 624 -10.87 -19.38 -11.24
N GLU B 625 -10.98 -18.06 -11.42
CA GLU B 625 -11.72 -17.50 -12.51
C GLU B 625 -10.99 -16.34 -13.15
N VAL B 626 -11.12 -16.29 -14.48
CA VAL B 626 -10.80 -15.11 -15.28
C VAL B 626 -11.91 -14.17 -14.88
N SER B 627 -11.61 -13.37 -13.87
CA SER B 627 -12.60 -12.46 -13.28
C SER B 627 -12.92 -11.29 -14.20
N LYS B 628 -11.92 -10.79 -14.93
CA LYS B 628 -12.14 -9.69 -15.90
C LYS B 628 -11.67 -10.09 -17.28
N SER B 629 -12.45 -9.65 -18.27
CA SER B 629 -12.17 -9.92 -19.67
C SER B 629 -13.17 -9.22 -20.57
N ASN B 630 -12.68 -8.80 -21.74
CA ASN B 630 -13.52 -8.16 -22.78
C ASN B 630 -13.95 -9.17 -23.86
N ASN B 631 -13.92 -10.45 -23.48
CA ASN B 631 -14.21 -11.55 -24.37
C ASN B 631 -15.26 -12.46 -23.75
N PRO B 632 -16.55 -12.16 -24.04
CA PRO B 632 -17.79 -12.68 -23.45
C PRO B 632 -17.78 -14.13 -22.95
N LEU B 633 -17.25 -15.06 -23.75
CA LEU B 633 -17.29 -16.49 -23.41
C LEU B 633 -16.31 -16.84 -22.31
N GLU B 634 -15.19 -16.13 -22.31
CA GLU B 634 -14.15 -16.30 -21.31
C GLU B 634 -14.56 -15.86 -19.90
N LYS B 635 -15.26 -14.71 -19.81
CA LYS B 635 -15.57 -13.98 -18.55
C LYS B 635 -16.33 -14.78 -17.50
N GLY B 636 -15.73 -14.97 -16.33
CA GLY B 636 -16.37 -15.67 -15.23
C GLY B 636 -15.98 -17.14 -15.16
N LYS B 637 -15.63 -17.71 -16.31
CA LYS B 637 -15.31 -19.14 -16.40
C LYS B 637 -13.89 -19.41 -15.86
N ARG B 638 -13.62 -20.69 -15.60
CA ARG B 638 -12.32 -21.18 -15.16
C ARG B 638 -11.26 -21.04 -16.27
N PRO B 639 -9.98 -20.87 -15.91
CA PRO B 639 -8.96 -20.83 -16.96
C PRO B 639 -8.53 -22.22 -17.46
N THR B 640 -7.92 -22.31 -18.66
CA THR B 640 -7.58 -23.60 -19.28
C THR B 640 -6.70 -24.41 -18.34
N ASP B 641 -6.77 -25.74 -18.48
CA ASP B 641 -6.04 -26.70 -17.64
C ASP B 641 -5.37 -26.17 -16.36
N THR B 642 -6.24 -25.63 -15.52
CA THR B 642 -5.94 -25.46 -14.14
C THR B 642 -6.90 -26.42 -13.46
N PRO B 643 -6.36 -27.36 -12.67
CA PRO B 643 -7.20 -28.33 -12.01
C PRO B 643 -7.87 -27.60 -10.88
N GLU B 644 -8.87 -28.22 -10.27
CA GLU B 644 -9.64 -27.56 -9.27
C GLU B 644 -9.42 -28.19 -7.90
N LYS B 645 -8.99 -29.45 -7.88
CA LYS B 645 -8.65 -30.21 -6.68
C LYS B 645 -7.36 -30.92 -7.01
N MET B 646 -6.40 -30.98 -6.08
CA MET B 646 -5.19 -31.80 -6.24
C MET B 646 -4.86 -32.40 -4.89
N ALA B 647 -4.57 -33.69 -4.86
CA ALA B 647 -4.13 -34.35 -3.63
C ALA B 647 -3.08 -35.39 -3.91
N SER B 648 -2.02 -35.34 -3.13
CA SER B 648 -1.02 -36.38 -3.15
C SER B 648 -0.78 -36.86 -1.73
N LEU B 649 -0.31 -38.10 -1.62
CA LEU B 649 -0.10 -38.73 -0.32
C LEU B 649 0.98 -39.79 -0.52
N TRP B 650 1.98 -39.82 0.37
CA TRP B 650 3.10 -40.76 0.22
C TRP B 650 3.67 -41.19 1.53
N ALA B 651 4.21 -42.41 1.59
CA ALA B 651 4.81 -42.94 2.82
C ALA B 651 5.95 -43.94 2.54
N ASP B 652 6.96 -43.95 3.39
CA ASP B 652 8.13 -44.76 3.14
C ASP B 652 8.59 -45.42 4.43
N TYR B 653 9.03 -46.66 4.35
CA TYR B 653 9.20 -47.43 5.56
C TYR B 653 10.37 -48.40 5.51
N THR B 654 11.23 -48.35 6.53
CA THR B 654 12.40 -49.22 6.61
C THR B 654 12.35 -50.05 7.91
N LEU B 655 12.06 -51.35 7.77
CA LEU B 655 12.09 -52.30 8.90
C LEU B 655 13.38 -52.16 9.68
N PRO B 656 13.29 -52.10 11.00
CA PRO B 656 14.47 -51.64 11.71
C PRO B 656 15.16 -52.64 12.64
N GLU B 657 14.64 -53.88 12.70
CA GLU B 657 15.17 -55.04 13.49
C GLU B 657 14.42 -56.28 12.99
N GLY B 658 14.95 -57.47 13.23
CA GLY B 658 14.26 -58.67 12.74
C GLY B 658 14.95 -59.31 11.56
N PRO B 659 14.60 -60.58 11.28
CA PRO B 659 15.09 -61.32 10.13
C PRO B 659 15.11 -60.55 8.80
N LEU B 660 14.47 -59.38 8.71
CA LEU B 660 14.48 -58.63 7.45
C LEU B 660 14.92 -57.19 7.68
N SER B 661 15.71 -56.97 8.73
CA SER B 661 16.10 -55.60 9.06
C SER B 661 16.72 -54.91 7.86
N GLY B 662 16.23 -53.72 7.56
CA GLY B 662 16.79 -52.91 6.50
C GLY B 662 16.13 -53.13 5.16
N LEU B 663 15.09 -53.98 5.15
CA LEU B 663 14.17 -54.08 4.00
C LEU B 663 13.05 -53.05 4.13
N GLY B 664 12.64 -52.46 3.01
CA GLY B 664 11.69 -51.34 3.02
C GLY B 664 10.78 -51.10 1.83
N PHE B 665 9.72 -50.31 2.06
CA PHE B 665 8.73 -49.93 1.02
C PHE B 665 8.29 -48.50 1.19
N GLY B 666 8.09 -47.83 0.07
CA GLY B 666 7.26 -46.63 0.01
C GLY B 666 6.09 -46.83 -0.95
N ALA B 667 5.11 -45.95 -0.83
CA ALA B 667 3.98 -45.91 -1.75
C ALA B 667 3.45 -44.48 -1.79
N GLY B 668 2.95 -44.06 -2.93
CA GLY B 668 2.37 -42.74 -2.99
C GLY B 668 1.14 -42.81 -3.84
N VAL B 669 0.22 -41.88 -3.62
CA VAL B 669 -0.85 -41.67 -4.57
C VAL B 669 -0.71 -40.24 -4.97
N ARG B 670 -0.79 -39.98 -6.27
CA ARG B 670 -0.98 -38.62 -6.73
C ARG B 670 -2.27 -38.54 -7.54
N TYR B 671 -3.17 -37.65 -7.10
CA TYR B 671 -4.44 -37.33 -7.78
C TYR B 671 -4.37 -35.92 -8.36
N ILE B 672 -4.69 -35.78 -9.65
CA ILE B 672 -4.72 -34.45 -10.28
C ILE B 672 -6.09 -34.40 -10.85
N GLY B 673 -6.78 -33.31 -10.57
CA GLY B 673 -8.18 -33.17 -10.81
C GLY B 673 -8.55 -32.96 -12.25
N SER B 674 -9.85 -33.03 -12.42
CA SER B 674 -10.51 -32.74 -13.66
C SER B 674 -10.18 -31.29 -14.01
N THR B 675 -9.95 -31.02 -15.29
CA THR B 675 -9.46 -29.72 -15.77
C THR B 675 -10.34 -29.25 -16.98
N GLU B 676 -10.28 -27.97 -17.36
CA GLU B 676 -11.12 -27.44 -18.46
C GLU B 676 -10.32 -27.22 -19.72
N ALA B 677 -10.83 -27.67 -20.86
CA ALA B 677 -10.04 -27.76 -22.10
C ALA B 677 -9.82 -26.50 -22.93
N ASP B 678 -10.70 -25.51 -22.81
CA ASP B 678 -10.64 -24.34 -23.69
C ASP B 678 -10.97 -23.05 -22.97
N ALA B 679 -10.45 -21.93 -23.47
CA ALA B 679 -10.88 -20.58 -23.03
C ALA B 679 -12.31 -20.50 -22.42
N ALA B 680 -13.27 -21.14 -23.10
CA ALA B 680 -14.70 -20.94 -22.87
C ALA B 680 -15.41 -21.95 -21.96
N ASN B 681 -14.68 -22.97 -21.53
CA ASN B 681 -15.20 -24.06 -20.68
C ASN B 681 -16.42 -24.77 -21.24
N THR B 682 -16.16 -25.71 -22.15
CA THR B 682 -17.22 -26.37 -22.90
C THR B 682 -16.80 -27.82 -23.07
N GLN B 683 -15.65 -28.19 -22.52
CA GLN B 683 -15.05 -29.50 -22.73
C GLN B 683 -14.17 -29.82 -21.58
N ARG B 684 -14.36 -30.98 -20.97
CA ARG B 684 -13.53 -31.31 -19.82
C ARG B 684 -12.38 -32.28 -20.11
N VAL B 685 -11.32 -32.20 -19.31
CA VAL B 685 -10.16 -33.08 -19.41
C VAL B 685 -10.14 -33.91 -18.11
N PRO B 686 -10.17 -35.24 -18.23
CA PRO B 686 -10.19 -36.23 -17.15
C PRO B 686 -9.29 -35.99 -15.95
N SER B 687 -9.82 -36.37 -14.78
CA SER B 687 -9.07 -36.43 -13.52
C SER B 687 -8.24 -37.65 -13.62
N TYR B 688 -7.22 -37.78 -12.81
CA TYR B 688 -6.38 -38.96 -12.95
C TYR B 688 -5.54 -39.28 -11.74
N THR B 689 -5.59 -40.54 -11.33
CA THR B 689 -5.01 -40.96 -10.10
C THR B 689 -3.94 -41.95 -10.39
N LEU B 690 -2.79 -41.81 -9.72
CA LEU B 690 -1.56 -42.55 -10.02
C LEU B 690 -0.91 -43.17 -8.80
N LEU B 691 -0.32 -44.35 -8.95
CA LEU B 691 0.31 -45.01 -7.81
C LEU B 691 1.76 -45.09 -8.02
N ASP B 692 2.54 -44.77 -6.98
CA ASP B 692 4.00 -44.97 -7.02
C ASP B 692 4.44 -46.02 -6.00
N ALA B 693 5.41 -46.88 -6.29
CA ALA B 693 5.90 -47.73 -5.20
C ALA B 693 7.41 -47.77 -5.03
N ALA B 694 7.86 -48.25 -3.88
CA ALA B 694 9.28 -48.46 -3.70
C ALA B 694 9.52 -49.76 -2.93
N VAL B 695 10.66 -50.41 -3.17
CA VAL B 695 11.16 -51.50 -2.33
C VAL B 695 12.64 -51.31 -2.25
N HIS B 696 13.23 -51.52 -1.08
CA HIS B 696 14.65 -51.21 -0.91
C HIS B 696 15.37 -51.87 0.27
N TYR B 697 16.52 -52.45 -0.06
CA TYR B 697 17.35 -53.14 0.91
C TYR B 697 18.69 -52.44 1.15
N ASP B 698 18.99 -52.26 2.43
CA ASP B 698 20.28 -51.76 2.96
C ASP B 698 21.07 -52.95 3.54
N PHE B 699 22.17 -53.30 2.91
CA PHE B 699 22.87 -54.52 3.26
C PHE B 699 23.51 -54.52 4.63
N ASP B 700 23.86 -53.33 5.14
CA ASP B 700 24.27 -53.12 6.54
C ASP B 700 24.30 -54.33 7.46
N LYS B 701 23.14 -54.95 7.65
CA LYS B 701 23.07 -56.05 8.60
C LYS B 701 23.20 -57.46 8.02
N LEU B 702 22.63 -57.72 6.83
CA LEU B 702 22.81 -59.02 6.14
C LEU B 702 24.27 -59.26 5.94
N ILE B 703 24.95 -58.38 5.21
CA ILE B 703 26.39 -58.52 5.04
C ILE B 703 27.14 -57.37 5.66
N PRO B 704 27.85 -57.62 6.80
CA PRO B 704 28.38 -56.53 7.61
C PRO B 704 29.44 -55.76 6.82
N ALA B 705 30.22 -56.49 6.03
CA ALA B 705 31.23 -55.96 5.13
C ALA B 705 30.67 -55.01 4.07
N ALA B 706 29.38 -55.14 3.77
CA ALA B 706 28.74 -54.34 2.72
C ALA B 706 27.99 -53.15 3.28
N LYS B 707 28.58 -52.49 4.26
CA LYS B 707 27.88 -51.46 5.02
C LYS B 707 27.65 -50.23 4.15
N GLY B 708 26.41 -49.84 4.01
CA GLY B 708 26.11 -48.61 3.31
C GLY B 708 25.83 -48.84 1.83
N LEU B 709 25.73 -50.12 1.44
CA LEU B 709 25.22 -50.51 0.12
C LEU B 709 23.70 -50.62 0.17
N ARG B 710 23.03 -50.01 -0.78
CA ARG B 710 21.57 -50.03 -0.79
C ARG B 710 21.03 -50.32 -2.18
N LEU B 711 20.11 -51.26 -2.27
CA LEU B 711 19.43 -51.53 -3.53
C LEU B 711 18.07 -50.98 -3.40
N ALA B 712 17.59 -50.35 -4.46
CA ALA B 712 16.35 -49.61 -4.42
C ALA B 712 15.63 -49.61 -5.76
N VAL B 713 14.37 -50.01 -5.75
CA VAL B 713 13.60 -49.97 -6.99
C VAL B 713 12.33 -49.18 -6.83
N ASN B 714 12.16 -48.17 -7.69
CA ASN B 714 11.03 -47.28 -7.64
C ASN B 714 10.21 -47.33 -8.92
N ALA B 715 8.90 -47.44 -8.77
CA ALA B 715 8.01 -47.34 -9.91
C ALA B 715 7.34 -46.00 -9.87
N THR B 716 6.94 -45.55 -11.04
CA THR B 716 6.13 -44.37 -11.23
C THR B 716 4.86 -44.70 -12.00
N ASN B 717 3.70 -44.27 -11.48
CA ASN B 717 2.44 -44.68 -12.12
C ASN B 717 2.53 -46.20 -12.42
N LEU B 718 2.38 -47.01 -11.37
CA LEU B 718 2.69 -48.41 -11.57
C LEU B 718 1.57 -49.20 -12.20
N THR B 719 0.31 -48.78 -12.04
CA THR B 719 -0.79 -49.39 -12.81
C THR B 719 -0.68 -49.02 -14.30
N ASP B 720 0.32 -48.18 -14.59
CA ASP B 720 0.62 -47.78 -15.95
C ASP B 720 -0.67 -47.24 -16.56
N LYS B 721 -1.20 -46.19 -15.95
CA LYS B 721 -2.43 -45.65 -16.47
C LYS B 721 -1.99 -44.78 -17.62
N HIS B 722 -2.53 -45.03 -18.82
CA HIS B 722 -2.20 -44.22 -19.98
C HIS B 722 -3.23 -43.10 -19.98
N TYR B 723 -2.79 -41.87 -19.79
CA TYR B 723 -3.73 -40.76 -19.51
C TYR B 723 -3.19 -39.54 -20.21
N TYR B 724 -3.92 -38.43 -20.19
CA TYR B 724 -3.36 -37.23 -20.81
C TYR B 724 -3.05 -36.15 -19.79
N GLU B 725 -1.91 -35.48 -19.94
CA GLU B 725 -1.52 -34.42 -19.04
C GLU B 725 -2.45 -33.25 -19.15
N GLY B 726 -2.62 -32.77 -20.38
CA GLY B 726 -3.58 -31.70 -20.68
C GLY B 726 -4.03 -31.85 -22.11
N CYS B 727 -5.15 -31.21 -22.44
CA CYS B 727 -5.59 -31.05 -23.83
C CYS B 727 -6.21 -29.68 -24.02
N SER B 728 -5.97 -29.10 -25.21
CA SER B 728 -6.77 -28.03 -25.77
C SER B 728 -7.85 -28.74 -26.59
N LEU B 729 -8.63 -28.04 -27.43
CA LEU B 729 -9.65 -28.70 -28.24
C LEU B 729 -9.05 -29.45 -29.41
N THR B 730 -7.85 -29.01 -29.78
CA THR B 730 -6.96 -29.54 -30.82
C THR B 730 -6.11 -30.75 -30.43
N ASN B 731 -5.56 -30.71 -29.22
CA ASN B 731 -4.24 -31.28 -28.97
C ASN B 731 -4.02 -31.81 -27.57
N CYS B 732 -3.48 -33.00 -27.42
CA CYS B 732 -3.27 -33.53 -26.09
C CYS B 732 -1.81 -33.76 -25.85
N SER B 733 -1.40 -33.86 -24.60
CA SER B 733 -0.07 -34.34 -24.25
C SER B 733 -0.23 -35.72 -23.70
N ALA B 734 0.72 -36.60 -24.00
CA ALA B 734 0.71 -37.94 -23.42
C ALA B 734 1.36 -37.89 -22.08
N GLY B 735 0.74 -38.57 -21.14
CA GLY B 735 1.18 -38.53 -19.78
C GLY B 735 2.17 -39.64 -19.52
N TYR B 736 3.03 -39.42 -18.53
CA TYR B 736 4.01 -40.39 -18.11
C TYR B 736 3.43 -41.78 -18.00
N ASP B 737 4.08 -42.73 -18.68
CA ASP B 737 3.67 -44.15 -18.61
C ASP B 737 4.52 -44.74 -17.49
N ARG B 738 4.26 -46.00 -17.17
CA ARG B 738 4.93 -46.57 -16.03
C ARG B 738 6.43 -46.41 -16.25
N SER B 739 7.11 -45.82 -15.29
CA SER B 739 8.55 -45.77 -15.36
C SER B 739 9.18 -46.38 -14.12
N VAL B 740 10.32 -47.05 -14.32
CA VAL B 740 10.95 -47.84 -13.28
C VAL B 740 12.43 -47.60 -13.21
N ILE B 741 12.91 -47.29 -12.01
CA ILE B 741 14.33 -47.02 -11.82
C ILE B 741 14.93 -48.01 -10.85
N ALA B 742 16.05 -48.60 -11.21
CA ALA B 742 16.68 -49.49 -10.26
C ALA B 742 18.09 -49.07 -10.05
N SER B 743 18.44 -48.94 -8.78
CA SER B 743 19.73 -48.39 -8.50
C SER B 743 20.40 -49.02 -7.33
N LEU B 744 21.70 -49.07 -7.47
CA LEU B 744 22.54 -49.61 -6.48
C LEU B 744 23.40 -48.47 -6.08
N ARG B 745 23.43 -48.14 -4.79
CA ARG B 745 24.32 -47.08 -4.34
C ARG B 745 25.21 -47.52 -3.20
N TYR B 746 26.41 -46.97 -3.18
CA TYR B 746 27.33 -47.30 -2.11
C TYR B 746 27.97 -46.11 -1.42
N ARG B 747 27.98 -46.16 -0.09
CA ARG B 747 28.32 -45.00 0.71
C ARG B 747 29.34 -45.30 1.82
N TRP B 748 30.21 -44.33 2.12
CA TRP B 748 31.14 -44.38 3.27
C TRP B 748 31.44 -42.99 3.86
#